data_9CTM
#
_entry.id   9CTM
#
_cell.length_a   1.00
_cell.length_b   1.00
_cell.length_c   1.00
_cell.angle_alpha   90.00
_cell.angle_beta   90.00
_cell.angle_gamma   90.00
#
_symmetry.space_group_name_H-M   'P 1'
#
_entity_poly.entity_id   1
_entity_poly.type   'polypeptide(L)'
_entity_poly.pdbx_seq_one_letter_code
;MAPQEQASSSQQDDAPPKTPNVVEPYKGEVAICGLSGRYPESANVGELEYNLFNKIDMVTIDNRRWEPGYLGTPERMGKV
KTITDFDAEFFGVHTKGAQTMDPMLRNLLEVVYEAIVDAGESLESMKGTRTGVYIGVSNNEVDTAYMKNWTDDDAYMVQG
CHHSMYPNWISFFFDFSGPSTAYNTA(SCY)STSLVCLDAAERHLRMGVIDNAIVGGSNFIYRPATTKLFMGMNFLGSST
CKAFDESGDGFVRGEVASAILLKKADTAKRVYCTLVGSMLNNDGNQTNGILYPNSEAQEQLMTDIYSTHKIDANEVKYFE
CHGTGTQAGDPNETRAICNAVCKGKKDPLLIGSIKSNLGHGETASGINGISKVIITMHSRQIPPNLHFKNPNPKIPGLFD
GRLKVVTETTPFDGGLIAINSFGMGGTNAHAIFRSFDKRAEPHPASDKPRLFTYCARTEEGLQKIFEEAHKHASNVEFHA
LCQESANTKPKSLPYRGATILNAEGEYTEIQKCPSKAREVWFVYSGMGSQWVGMGRSLMALDVFRQSIEETAAILSPFGV
DLMSLLMDGTEDKLKEIMPPFICINAIQLALTDLLNSMGIVPDGLVGHSLGEVGCAYADGCLTRREAILSAFWRAKAVID
CEVKPGKMAAVELTWEEAKRLCPPGVVAACHNSQDSVTISGGAQEMTKFMAELSAQGVTVKEVNSNNISYHSSFMTEPAA
YLKKGLEKEIVPKPRSKKWISTSIPEERWGNPEAQTADASYQANNLLSSVLFYEGLQKIPSNAIAIEIAPAGLLQSVIKK
SLGQDCTIVALQKRKSPNNLEVFFSALGKCYSHGVPMNPLGLYPAVQFPVSIDTPMLSSMVSEAWDHSAKWRVPLVEEFE
YGSGSSSDNVIDIDLSEDSPENYLLEHAVDGRMLFPATGTLVLAWKTLAKLKGVEFEQLGVQMTNVQIHQALFLNPGGKT
TVSVSVMPITGEFQVRDGESLISSGVITSSEGRLLETDQHMKKGSVLDGKPDKELLFTKEIYREFLLRGYEYGAAFQGIQ
RASLDATDTDIRWDGRWISYLDTVLQMYLLSKPGTHQALPTLLESVTIDPRVHPAQPPEGTTEFQVLPGKWDPVLQIAAA
GGVEIRSCHSIRASRRLNHDPPILEDFAFAPYVDPRPSDRSAAAVTPALRDYADACFEFSRQGMKRWLENDKNNVLPNKE
EIKEALAMANKHASTPQAASNFASAKATLEALVNNKNGHRLPNHGLFEMLDIAFSEPLEGDYWDRLRMKLHDVRTYLWDD
PIIAALESPDIVKLVMETVSDNVNQQVMEILEVGAARGPYYRQAIPKALEYFSIKDWQYTVADQGFVEDAAEFPVKMMQF
DPLDPANFPAELTESCDLLVLKWNLQMQVDLDAAITEFSKMIKPGGFLLVLENGTRLSTFFPIKAIVSASLGGKGGPEGD
RAMGCFYTDAQWSALFARHGFEQIMHIPDGIAVSMFLLRKPFEPSVAPIIINVDDLECSWLEEVQARCAELQDSHKDSRL
WLVANTELSGVLGFLRSLVWEFGSEKLRCIQIDDATAGPNPPKISADSADFKELVRKDLAYNVFKNGKWGTYRGFVISDA
DRQKERPSEYVYADWLSAGDMSSLRWFDSPLKTGHNNGMLGSKMAHKLETETCSVYYAGLNLRDIILANGTIQRDILPEE
TFFKEGVLGVEFSGRNSSGKRVMGLCPPPALATTVKCPVSSLWSVPDQWTLEEAATVPLAYATAYYCLVSEGGVQKGATV
FIHAGASVVGQASIAVALSYNCEIFTLTKNSDETALLKSMYPQLNDRNFCSSEDCSFEKYIRKETKGSGVDVVINTLRGK
FLKASRRLLSKKGKFVDIGFKVDSNTQIAYYTREHPDLRFQLDALLESQGPEWTRLFDLVQAGIHSGVVKPLKRAVYSMD
KIVDAFKTVEAEREAGKIVIKIRDEERQKVCPTPRTSFPAIHRTCFHPDKSHILVGGMGGMGLETAHWMVLRGAKKLILT
SRYGITTGYQARKIAFFKQLGVEVEVLALSVNTRKAADKVFEHALKMGPVGGIFNMAMVLYNDDFLKMNREQFLKPLESK
ITMTMLLDDKSREKPVRDTLDHFVMFSSLIVSGGHLGQANYAFGSTVLEKICERRKRDGLPVTTPQWASIADVGTVALMG
TGNETIICRKYPQRFFNVLSVFDFMMSSDNVVTISYVLVEKSMGVAAGEESMVDQVLRAVGKVLGIKDVSSVDGDKEFID
MGVDSLMSVEIKQALERDAGLVISTKDTQLMTFNTLRSMVKGSHVHHHHHH
;
_entity_poly.pdbx_strand_id   A,B
#
# COMPACT_ATOMS: atom_id res chain seq x y z
N PRO A 16 25.79 -3.30 -20.86
CA PRO A 16 24.87 -2.17 -20.67
C PRO A 16 23.42 -2.61 -20.45
N PRO A 17 22.93 -3.60 -21.20
CA PRO A 17 21.57 -4.09 -20.97
C PRO A 17 21.41 -4.60 -19.54
N LYS A 18 20.22 -4.38 -18.98
CA LYS A 18 19.91 -4.79 -17.62
C LYS A 18 19.05 -6.03 -17.64
N THR A 19 19.41 -7.02 -16.83
CA THR A 19 18.66 -8.26 -16.75
C THR A 19 17.35 -8.01 -16.00
N PRO A 20 16.18 -8.27 -16.59
CA PRO A 20 14.93 -8.05 -15.87
C PRO A 20 14.85 -8.91 -14.62
N ASN A 21 14.27 -8.35 -13.57
CA ASN A 21 14.03 -9.09 -12.34
C ASN A 21 12.81 -10.00 -12.51
N VAL A 22 12.88 -11.19 -11.93
CA VAL A 22 11.82 -12.17 -12.06
C VAL A 22 10.78 -11.86 -10.99
N VAL A 23 9.68 -11.22 -11.39
CA VAL A 23 8.58 -10.89 -10.49
C VAL A 23 7.52 -11.98 -10.67
N GLU A 24 7.48 -12.91 -9.73
CA GLU A 24 6.53 -14.00 -9.76
C GLU A 24 5.82 -14.13 -8.42
N PRO A 25 4.60 -14.64 -8.40
CA PRO A 25 3.88 -14.79 -7.12
C PRO A 25 4.64 -15.72 -6.18
N TYR A 26 4.57 -15.40 -4.89
CA TYR A 26 5.18 -16.20 -3.83
C TYR A 26 4.08 -16.93 -3.07
N LYS A 27 4.23 -18.25 -2.92
CA LYS A 27 3.22 -19.08 -2.26
C LYS A 27 3.72 -19.65 -0.94
N GLY A 28 4.90 -19.26 -0.49
CA GLY A 28 5.47 -19.77 0.75
C GLY A 28 4.99 -19.00 1.96
N GLU A 29 5.69 -19.22 3.07
CA GLU A 29 5.35 -18.60 4.33
C GLU A 29 6.16 -17.33 4.55
N VAL A 30 5.57 -16.39 5.29
CA VAL A 30 6.22 -15.13 5.65
C VAL A 30 6.41 -15.12 7.16
N ALA A 31 7.65 -14.90 7.60
CA ALA A 31 8.02 -15.00 9.00
C ALA A 31 8.59 -13.68 9.49
N ILE A 32 8.20 -13.30 10.71
CA ILE A 32 8.76 -12.15 11.38
C ILE A 32 10.05 -12.60 12.08
N CYS A 33 11.17 -11.99 11.70
CA CYS A 33 12.48 -12.44 12.16
C CYS A 33 13.09 -11.54 13.22
N GLY A 34 12.97 -10.22 13.08
CA GLY A 34 13.59 -9.28 13.99
C GLY A 34 12.56 -8.35 14.62
N LEU A 35 12.84 -7.93 15.84
CA LEU A 35 11.99 -6.99 16.56
C LEU A 35 12.86 -6.12 17.44
N SER A 36 12.59 -4.81 17.43
CA SER A 36 13.28 -3.86 18.28
C SER A 36 12.43 -2.60 18.39
N GLY A 37 12.70 -1.81 19.42
CA GLY A 37 11.96 -0.58 19.60
C GLY A 37 12.13 0.05 20.97
N ARG A 38 11.75 1.32 21.08
CA ARG A 38 11.73 2.04 22.34
C ARG A 38 10.29 2.20 22.79
N TYR A 39 10.01 1.78 24.02
CA TYR A 39 8.68 1.80 24.59
C TYR A 39 8.70 2.58 25.91
N PRO A 40 7.55 3.06 26.36
CA PRO A 40 7.53 3.88 27.58
C PRO A 40 8.21 3.16 28.74
N GLU A 41 9.14 3.86 29.39
CA GLU A 41 9.90 3.29 30.51
C GLU A 41 10.59 2.00 30.08
N SER A 42 11.09 1.97 28.84
CA SER A 42 11.76 0.79 28.31
C SER A 42 12.64 1.22 27.15
N ALA A 43 13.95 1.05 27.29
CA ALA A 43 14.90 1.40 26.25
C ALA A 43 15.15 0.27 25.25
N ASN A 44 14.58 -0.91 25.49
CA ASN A 44 14.77 -2.05 24.61
C ASN A 44 13.63 -3.04 24.82
N VAL A 45 13.61 -4.09 24.01
CA VAL A 45 12.55 -5.08 24.10
C VAL A 45 12.63 -5.83 25.43
N GLY A 46 13.83 -6.07 25.93
CA GLY A 46 13.97 -6.78 27.19
C GLY A 46 13.33 -6.04 28.35
N GLU A 47 13.53 -4.71 28.40
CA GLU A 47 12.91 -3.92 29.46
C GLU A 47 11.39 -3.95 29.34
N LEU A 48 10.87 -3.87 28.11
CA LEU A 48 9.43 -3.95 27.92
C LEU A 48 8.89 -5.29 28.39
N GLU A 49 9.59 -6.38 28.07
CA GLU A 49 9.15 -7.70 28.52
C GLU A 49 9.17 -7.79 30.03
N TYR A 50 10.24 -7.29 30.66
CA TYR A 50 10.31 -7.34 32.12
C TYR A 50 9.18 -6.55 32.75
N ASN A 51 8.89 -5.35 32.23
CA ASN A 51 7.81 -4.54 32.77
C ASN A 51 6.46 -5.23 32.58
N LEU A 52 6.23 -5.82 31.41
CA LEU A 52 4.96 -6.47 31.13
C LEU A 52 4.76 -7.67 32.06
N PHE A 53 5.80 -8.47 32.27
CA PHE A 53 5.66 -9.69 33.06
C PHE A 53 5.76 -9.43 34.56
N ASN A 54 6.08 -8.20 34.98
CA ASN A 54 6.16 -7.86 36.39
C ASN A 54 5.03 -6.92 36.82
N LYS A 55 4.02 -6.71 35.97
CA LYS A 55 2.89 -5.85 36.30
C LYS A 55 3.36 -4.47 36.73
N ILE A 56 4.28 -3.91 35.95
CA ILE A 56 4.83 -2.57 36.21
C ILE A 56 4.18 -1.60 35.24
N ASP A 57 3.59 -0.53 35.79
CA ASP A 57 2.94 0.47 34.95
C ASP A 57 4.00 1.34 34.27
N MET A 58 3.94 1.41 32.94
CA MET A 58 4.91 2.15 32.16
C MET A 58 4.49 3.58 31.88
N VAL A 59 3.32 4.01 32.36
CA VAL A 59 2.88 5.40 32.26
C VAL A 59 3.16 6.08 33.58
N THR A 60 3.89 7.19 33.54
CA THR A 60 4.36 7.86 34.74
C THR A 60 4.02 9.35 34.67
N ILE A 61 4.20 10.03 35.80
CA ILE A 61 3.95 11.46 35.92
C ILE A 61 5.28 12.14 36.19
N ASP A 62 5.69 13.01 35.27
CA ASP A 62 6.94 13.74 35.38
C ASP A 62 6.92 14.85 34.34
N ASN A 63 8.05 15.53 34.16
CA ASN A 63 8.17 16.69 33.29
C ASN A 63 9.16 16.42 32.16
N ARG A 64 9.19 15.19 31.64
CA ARG A 64 10.08 14.89 30.52
C ARG A 64 9.70 15.71 29.29
N ARG A 65 8.41 15.83 28.99
CA ARG A 65 7.92 16.62 27.87
C ARG A 65 7.39 17.98 28.31
N TRP A 66 6.52 18.00 29.31
CA TRP A 66 6.01 19.25 29.87
C TRP A 66 5.55 19.00 31.30
N GLU A 67 5.32 20.08 32.02
CA GLU A 67 4.99 19.96 33.43
C GLU A 67 3.71 19.14 33.62
N PRO A 68 3.62 18.35 34.70
CA PRO A 68 2.43 17.51 34.89
C PRO A 68 1.19 18.34 35.19
N GLY A 69 0.60 18.94 34.16
CA GLY A 69 -0.56 19.78 34.33
C GLY A 69 -0.51 21.04 33.49
N TYR A 70 0.56 21.20 32.71
CA TYR A 70 0.70 22.36 31.86
C TYR A 70 -0.49 22.45 30.90
N LEU A 71 -1.10 23.63 30.83
CA LEU A 71 -2.27 23.89 29.99
C LEU A 71 -3.44 22.98 30.37
N GLY A 72 -3.40 22.37 31.55
CA GLY A 72 -4.47 21.50 31.98
C GLY A 72 -4.45 20.10 31.40
N THR A 73 -3.38 19.72 30.71
CA THR A 73 -3.30 18.40 30.12
C THR A 73 -3.19 17.33 31.20
N PRO A 74 -3.57 16.09 30.89
CA PRO A 74 -3.45 15.02 31.90
C PRO A 74 -2.01 14.87 32.38
N GLU A 75 -1.87 14.59 33.68
CA GLU A 75 -0.53 14.52 34.27
C GLU A 75 0.22 13.29 33.78
N ARG A 76 -0.41 12.12 33.81
CA ARG A 76 0.27 10.88 33.45
C ARG A 76 0.34 10.72 31.94
N MET A 77 1.42 10.08 31.49
CA MET A 77 1.65 9.87 30.07
C MET A 77 2.65 8.75 29.90
N GLY A 78 2.67 8.17 28.70
CA GLY A 78 3.66 7.16 28.36
C GLY A 78 4.78 7.74 27.53
N LYS A 79 5.96 7.89 28.14
CA LYS A 79 7.10 8.56 27.52
C LYS A 79 8.30 7.64 27.51
N VAL A 80 9.05 7.65 26.40
CA VAL A 80 10.26 6.87 26.28
C VAL A 80 11.35 7.52 27.12
N LYS A 81 12.44 6.78 27.37
CA LYS A 81 13.47 7.27 28.27
C LYS A 81 14.14 8.52 27.74
N THR A 82 14.63 8.48 26.51
CA THR A 82 15.36 9.60 25.93
C THR A 82 15.09 9.66 24.43
N ILE A 83 15.03 10.88 23.90
CA ILE A 83 14.82 11.11 22.48
C ILE A 83 15.86 12.10 21.95
N THR A 84 16.99 12.22 22.65
CA THR A 84 18.00 13.21 22.31
C THR A 84 19.32 12.59 21.87
N ASP A 85 19.37 11.28 21.68
CA ASP A 85 20.60 10.58 21.32
C ASP A 85 20.47 9.96 19.94
N PHE A 86 21.55 10.00 19.18
CA PHE A 86 21.57 9.42 17.83
C PHE A 86 23.01 9.27 17.38
N ASP A 87 23.37 8.05 16.95
CA ASP A 87 24.72 7.76 16.46
C ASP A 87 24.79 8.20 15.00
N ALA A 88 24.97 9.51 14.81
CA ALA A 88 24.90 10.08 13.47
C ALA A 88 26.01 9.56 12.58
N GLU A 89 27.25 9.57 13.08
CA GLU A 89 28.39 9.17 12.25
C GLU A 89 28.23 7.73 11.76
N PHE A 90 27.51 6.90 12.50
CA PHE A 90 27.28 5.53 12.05
C PHE A 90 26.46 5.51 10.77
N PHE A 91 25.44 6.36 10.68
CA PHE A 91 24.55 6.42 9.53
C PHE A 91 25.02 7.40 8.46
N GLY A 92 26.19 8.01 8.64
CA GLY A 92 26.69 8.97 7.66
C GLY A 92 25.88 10.23 7.56
N VAL A 93 25.39 10.73 8.69
CA VAL A 93 24.63 11.98 8.75
C VAL A 93 25.50 13.03 9.45
N HIS A 94 25.81 14.10 8.73
CA HIS A 94 26.62 15.16 9.32
C HIS A 94 25.83 15.91 10.39
N THR A 95 26.58 16.65 11.22
CA THR A 95 25.95 17.31 12.37
C THR A 95 24.83 18.24 11.93
N LYS A 96 25.02 18.97 10.83
CA LYS A 96 23.98 19.89 10.36
C LYS A 96 22.70 19.13 10.00
N GLY A 97 22.83 18.01 9.29
CA GLY A 97 21.65 17.24 8.95
C GLY A 97 21.02 16.59 10.17
N ALA A 98 21.84 16.06 11.08
CA ALA A 98 21.31 15.41 12.27
C ALA A 98 20.55 16.38 13.15
N GLN A 99 21.07 17.61 13.29
CA GLN A 99 20.38 18.60 14.10
C GLN A 99 18.99 18.91 13.56
N THR A 100 18.88 19.08 12.25
CA THR A 100 17.59 19.28 11.59
C THR A 100 16.98 17.94 11.18
N MET A 101 16.90 17.02 12.15
CA MET A 101 16.40 15.67 11.91
C MET A 101 15.41 15.33 13.02
N ASP A 102 14.27 14.77 12.62
CA ASP A 102 13.25 14.43 13.60
C ASP A 102 13.77 13.36 14.55
N PRO A 103 13.60 13.52 15.87
CA PRO A 103 14.00 12.44 16.79
C PRO A 103 13.32 11.12 16.48
N MET A 104 12.07 11.17 16.01
CA MET A 104 11.38 9.94 15.63
C MET A 104 12.17 9.19 14.56
N LEU A 105 12.65 9.88 13.53
CA LEU A 105 13.37 9.23 12.45
C LEU A 105 14.70 8.65 12.94
N ARG A 106 15.40 9.37 13.80
CA ARG A 106 16.66 8.86 14.34
C ARG A 106 16.44 7.60 15.16
N ASN A 107 15.47 7.63 16.07
CA ASN A 107 15.15 6.44 16.86
C ASN A 107 14.70 5.30 15.96
N LEU A 108 13.95 5.61 14.91
CA LEU A 108 13.49 4.57 13.99
C LEU A 108 14.66 3.94 13.24
N LEU A 109 15.65 4.75 12.83
CA LEU A 109 16.82 4.21 12.17
C LEU A 109 17.58 3.28 13.12
N GLU A 110 17.80 3.72 14.36
CA GLU A 110 18.51 2.88 15.32
C GLU A 110 17.74 1.59 15.57
N VAL A 111 16.42 1.68 15.71
CA VAL A 111 15.60 0.50 15.99
C VAL A 111 15.60 -0.44 14.79
N VAL A 112 15.60 0.12 13.57
CA VAL A 112 15.64 -0.71 12.37
C VAL A 112 16.96 -1.47 12.31
N TYR A 113 18.08 -0.81 12.60
CA TYR A 113 19.35 -1.52 12.63
C TYR A 113 19.35 -2.61 13.70
N GLU A 114 18.81 -2.31 14.88
CA GLU A 114 18.75 -3.30 15.95
C GLU A 114 17.90 -4.50 15.55
N ALA A 115 16.76 -4.25 14.90
CA ALA A 115 15.91 -5.34 14.44
C ALA A 115 16.61 -6.17 13.37
N ILE A 116 17.31 -5.51 12.45
CA ILE A 116 18.04 -6.25 11.42
C ILE A 116 19.09 -7.16 12.06
N VAL A 117 19.80 -6.65 13.06
CA VAL A 117 20.79 -7.48 13.75
C VAL A 117 20.10 -8.61 14.50
N ASP A 118 18.92 -8.35 15.06
CA ASP A 118 18.22 -9.36 15.85
C ASP A 118 17.86 -10.57 15.00
N ALA A 119 17.44 -10.34 13.75
CA ALA A 119 17.04 -11.41 12.85
C ALA A 119 18.21 -12.21 12.30
N GLY A 120 19.43 -12.03 12.82
CA GLY A 120 20.58 -12.74 12.31
C GLY A 120 21.19 -12.17 11.06
N GLU A 121 20.73 -11.01 10.61
CA GLU A 121 21.28 -10.36 9.43
C GLU A 121 22.31 -9.32 9.83
N SER A 122 22.96 -8.74 8.82
CA SER A 122 24.03 -7.77 9.03
C SER A 122 23.96 -6.72 7.92
N LEU A 123 24.81 -5.70 8.04
CA LEU A 123 24.82 -4.64 7.04
C LEU A 123 25.21 -5.17 5.67
N GLU A 124 26.23 -6.04 5.62
CA GLU A 124 26.67 -6.57 4.33
C GLU A 124 25.65 -7.55 3.74
N SER A 125 24.98 -8.32 4.60
CA SER A 125 24.00 -9.30 4.11
C SER A 125 22.73 -8.64 3.62
N MET A 126 22.30 -7.55 4.27
CA MET A 126 21.07 -6.87 3.91
C MET A 126 21.25 -5.84 2.81
N LYS A 127 22.49 -5.57 2.39
CA LYS A 127 22.75 -4.57 1.37
C LYS A 127 22.46 -5.14 -0.02
N GLY A 128 21.75 -4.36 -0.84
CA GLY A 128 21.44 -4.77 -2.19
C GLY A 128 20.26 -5.71 -2.34
N THR A 129 19.60 -6.07 -1.24
CA THR A 129 18.47 -6.99 -1.31
C THR A 129 17.22 -6.24 -1.74
N ARG A 130 16.23 -7.01 -2.23
CA ARG A 130 14.94 -6.46 -2.64
C ARG A 130 14.03 -6.36 -1.42
N THR A 131 14.35 -5.37 -0.58
CA THR A 131 13.62 -5.13 0.66
C THR A 131 12.84 -3.82 0.55
N GLY A 132 11.61 -3.84 1.05
CA GLY A 132 10.74 -2.68 1.03
C GLY A 132 10.53 -2.14 2.43
N VAL A 133 10.43 -0.82 2.54
CA VAL A 133 10.19 -0.13 3.80
C VAL A 133 8.78 0.43 3.79
N TYR A 134 8.06 0.25 4.89
CA TYR A 134 6.63 0.57 4.98
C TYR A 134 6.36 1.35 6.26
N ILE A 135 7.11 2.43 6.47
CA ILE A 135 7.06 3.13 7.75
C ILE A 135 5.67 3.72 7.95
N GLY A 136 5.26 3.81 9.22
CA GLY A 136 4.01 4.45 9.59
C GLY A 136 4.25 5.61 10.54
N VAL A 137 3.99 6.83 10.07
CA VAL A 137 4.27 8.04 10.83
C VAL A 137 3.23 9.09 10.47
N SER A 138 2.74 9.80 11.49
CA SER A 138 1.76 10.87 11.28
C SER A 138 2.07 12.15 12.04
N ASN A 139 2.92 12.12 13.07
CA ASN A 139 3.16 13.28 13.92
C ASN A 139 4.11 14.24 13.20
N ASN A 140 3.62 15.44 12.88
CA ASN A 140 4.40 16.45 12.17
C ASN A 140 4.48 17.74 12.97
N GLU A 141 4.60 17.62 14.31
CA GLU A 141 4.75 18.80 15.15
C GLU A 141 6.17 19.37 15.12
N VAL A 142 7.16 18.58 14.68
CA VAL A 142 8.52 19.07 14.62
C VAL A 142 8.64 20.19 13.59
N ASP A 143 7.87 20.12 12.51
CA ASP A 143 7.89 21.18 11.51
C ASP A 143 7.58 22.53 12.14
N THR A 144 6.49 22.60 12.92
CA THR A 144 6.13 23.85 13.56
C THR A 144 7.20 24.31 14.54
N ALA A 145 7.74 23.37 15.32
CA ALA A 145 8.75 23.73 16.32
C ALA A 145 9.99 24.33 15.66
N TYR A 146 10.45 23.72 14.57
CA TYR A 146 11.67 24.18 13.91
C TYR A 146 11.43 25.38 13.01
N MET A 147 10.19 25.62 12.58
CA MET A 147 9.86 26.74 11.70
C MET A 147 9.44 27.99 12.44
N LYS A 148 9.26 27.94 13.76
CA LYS A 148 8.86 29.14 14.48
C LYS A 148 9.92 30.23 14.36
N ASN A 149 11.19 29.84 14.48
CA ASN A 149 12.30 30.79 14.37
C ASN A 149 13.22 30.37 13.23
N TRP A 150 12.63 30.03 12.08
CA TRP A 150 13.41 29.50 10.98
C TRP A 150 14.49 30.48 10.56
N THR A 151 15.69 29.94 10.31
CA THR A 151 16.81 30.71 9.78
C THR A 151 17.52 29.86 8.74
N ASP A 152 18.52 30.46 8.09
CA ASP A 152 19.30 29.72 7.11
C ASP A 152 19.99 28.53 7.79
N ASP A 153 20.47 27.61 6.95
CA ASP A 153 21.09 26.34 7.33
C ASP A 153 20.05 25.32 7.79
N ASP A 154 18.77 25.69 7.85
CA ASP A 154 17.70 24.76 8.21
C ASP A 154 17.05 24.12 6.98
N ALA A 155 17.60 24.37 5.78
CA ALA A 155 17.01 23.81 4.57
C ALA A 155 17.00 22.29 4.62
N TYR A 156 18.05 21.69 5.15
CA TYR A 156 18.19 20.24 5.21
C TYR A 156 16.97 19.56 5.82
N MET A 157 16.10 20.35 6.46
CA MET A 157 14.87 19.80 7.02
C MET A 157 14.08 19.02 5.98
N VAL A 158 14.15 19.42 4.71
CA VAL A 158 13.40 18.68 3.68
C VAL A 158 13.78 17.21 3.71
N GLN A 159 15.07 16.92 3.87
CA GLN A 159 15.56 15.56 3.91
C GLN A 159 15.67 15.00 5.32
N GLY A 160 15.26 15.77 6.33
CA GLY A 160 15.39 15.33 7.70
C GLY A 160 14.08 15.28 8.46
N CYS A 161 13.10 16.07 8.03
CA CYS A 161 11.83 16.18 8.72
C CYS A 161 10.63 15.68 7.93
N HIS A 162 10.72 15.66 6.60
CA HIS A 162 9.58 15.21 5.80
C HIS A 162 9.26 13.75 6.11
N HIS A 163 7.97 13.44 6.17
CA HIS A 163 7.53 12.09 6.52
C HIS A 163 7.82 11.08 5.43
N SER A 164 7.98 11.52 4.18
CA SER A 164 8.34 10.60 3.11
C SER A 164 9.79 10.15 3.21
N MET A 165 10.64 10.90 3.92
CA MET A 165 12.04 10.53 4.08
C MET A 165 12.26 9.50 5.17
N TYR A 166 11.27 9.24 6.02
CA TYR A 166 11.44 8.23 7.06
C TYR A 166 11.76 6.87 6.47
N PRO A 167 11.01 6.34 5.50
CA PRO A 167 11.42 5.07 4.88
C PRO A 167 12.60 5.22 3.94
N ASN A 168 12.62 6.29 3.14
CA ASN A 168 13.68 6.46 2.15
C ASN A 168 15.05 6.43 2.81
N TRP A 169 15.21 7.17 3.91
CA TRP A 169 16.48 7.13 4.63
C TRP A 169 16.87 5.71 4.98
N ILE A 170 15.92 4.93 5.51
CA ILE A 170 16.19 3.55 5.82
C ILE A 170 16.62 2.79 4.56
N SER A 171 15.93 3.05 3.45
CA SER A 171 16.34 2.44 2.19
C SER A 171 17.69 2.96 1.72
N PHE A 172 17.99 4.23 2.02
CA PHE A 172 19.25 4.81 1.54
C PHE A 172 20.44 4.26 2.30
N PHE A 173 20.34 4.16 3.63
CA PHE A 173 21.47 3.71 4.43
C PHE A 173 21.76 2.23 4.19
N PHE A 174 20.72 1.40 4.22
CA PHE A 174 20.88 -0.04 4.06
C PHE A 174 20.90 -0.48 2.60
N ASP A 175 20.76 0.45 1.66
CA ASP A 175 20.86 0.15 0.23
C ASP A 175 19.74 -0.78 -0.24
N PHE A 176 18.55 -0.64 0.35
CA PHE A 176 17.40 -1.40 -0.11
C PHE A 176 16.92 -0.87 -1.46
N SER A 177 16.41 -1.78 -2.28
CA SER A 177 15.93 -1.47 -3.62
C SER A 177 14.49 -1.94 -3.79
N GLY A 178 13.65 -1.64 -2.80
CA GLY A 178 12.26 -2.01 -2.84
C GLY A 178 11.36 -0.82 -2.56
N PRO A 179 10.05 -1.01 -2.72
CA PRO A 179 9.11 0.10 -2.47
C PRO A 179 9.26 0.66 -1.06
N SER A 180 9.64 1.93 -0.98
CA SER A 180 9.75 2.66 0.27
C SER A 180 8.58 3.63 0.37
N THR A 181 7.80 3.51 1.44
CA THR A 181 6.57 4.29 1.56
C THR A 181 6.31 4.62 3.03
N ALA A 182 5.58 5.72 3.22
CA ALA A 182 5.12 6.16 4.53
C ALA A 182 3.59 6.19 4.52
N TYR A 183 2.98 5.60 5.53
CA TYR A 183 1.54 5.46 5.60
C TYR A 183 0.97 6.28 6.74
N ASN A 184 -0.28 6.71 6.57
CA ASN A 184 -1.02 7.37 7.65
C ASN A 184 -2.48 6.95 7.53
N THR A 185 -2.85 5.92 8.31
CA THR A 185 -4.23 5.51 8.45
C THR A 185 -4.75 5.74 9.86
N ALA A 186 -3.93 6.30 10.75
CA ALA A 186 -4.34 6.63 12.11
C ALA A 186 -4.72 5.38 12.90
N SER A 188 -4.60 2.45 13.02
CA SER A 188 -4.48 1.18 12.31
C SER A 188 -3.35 1.22 11.29
N THR A 189 -2.51 2.26 11.38
CA THR A 189 -1.50 2.47 10.36
C THR A 189 -0.46 1.36 10.31
N SER A 190 -0.02 0.86 11.48
CA SER A 190 1.03 -0.15 11.50
C SER A 190 0.57 -1.46 10.86
N LEU A 191 -0.64 -1.91 11.18
CA LEU A 191 -1.15 -3.11 10.53
C LEU A 191 -1.44 -2.85 9.05
N VAL A 192 -1.76 -1.61 8.68
CA VAL A 192 -1.89 -1.28 7.26
C VAL A 192 -0.55 -1.46 6.55
N CYS A 193 0.54 -1.01 7.18
CA CYS A 193 1.87 -1.20 6.62
C CYS A 193 2.20 -2.69 6.53
N LEU A 194 1.82 -3.46 7.55
CA LEU A 194 2.02 -4.91 7.51
C LEU A 194 1.26 -5.53 6.33
N ASP A 195 0.02 -5.09 6.10
CA ASP A 195 -0.75 -5.59 4.98
C ASP A 195 -0.09 -5.23 3.65
N ALA A 196 0.41 -4.00 3.53
CA ALA A 196 1.10 -3.61 2.30
C ALA A 196 2.35 -4.46 2.08
N ALA A 197 3.10 -4.72 3.15
CA ALA A 197 4.28 -5.57 3.04
C ALA A 197 3.91 -6.97 2.59
N GLU A 198 2.82 -7.52 3.15
CA GLU A 198 2.35 -8.84 2.73
C GLU A 198 1.95 -8.83 1.26
N ARG A 199 1.25 -7.78 0.82
CA ARG A 199 0.83 -7.69 -0.57
C ARG A 199 2.03 -7.67 -1.50
N HIS A 200 3.05 -6.87 -1.17
CA HIS A 200 4.23 -6.78 -2.02
C HIS A 200 5.05 -8.07 -1.97
N LEU A 201 5.07 -8.75 -0.82
CA LEU A 201 5.83 -9.99 -0.70
C LEU A 201 5.23 -11.09 -1.55
N ARG A 202 3.91 -11.19 -1.60
CA ARG A 202 3.24 -12.27 -2.31
C ARG A 202 3.20 -12.07 -3.82
N MET A 203 3.49 -10.87 -4.30
CA MET A 203 3.51 -10.62 -5.74
C MET A 203 4.89 -10.83 -6.34
N GLY A 204 5.94 -10.90 -5.52
CA GLY A 204 7.29 -11.11 -6.00
C GLY A 204 8.14 -9.88 -6.10
N VAL A 205 7.67 -8.73 -5.62
CA VAL A 205 8.46 -7.50 -5.71
C VAL A 205 9.65 -7.57 -4.76
N ILE A 206 9.41 -8.02 -3.53
CA ILE A 206 10.41 -7.98 -2.47
C ILE A 206 10.50 -9.35 -1.81
N ASP A 207 11.63 -9.58 -1.15
CA ASP A 207 11.83 -10.77 -0.33
C ASP A 207 11.81 -10.45 1.17
N ASN A 208 11.89 -9.18 1.55
CA ASN A 208 11.93 -8.79 2.95
C ASN A 208 11.16 -7.48 3.10
N ALA A 209 10.75 -7.19 4.34
CA ALA A 209 10.03 -5.97 4.65
C ALA A 209 10.52 -5.41 5.99
N ILE A 210 10.47 -4.08 6.11
CA ILE A 210 10.97 -3.39 7.30
C ILE A 210 9.82 -2.67 7.98
N VAL A 211 8.63 -3.28 7.93
CA VAL A 211 7.42 -2.70 8.53
C VAL A 211 7.73 -2.16 9.91
N GLY A 212 7.31 -0.92 10.17
CA GLY A 212 7.55 -0.30 11.45
C GLY A 212 6.70 0.94 11.62
N GLY A 213 6.98 1.67 12.69
CA GLY A 213 6.24 2.90 12.97
C GLY A 213 6.82 3.62 14.17
N SER A 214 6.48 4.90 14.27
CA SER A 214 6.98 5.75 15.34
C SER A 214 5.88 6.71 15.77
N ASN A 215 5.99 7.18 17.02
CA ASN A 215 5.07 8.20 17.53
C ASN A 215 5.70 8.83 18.77
N PHE A 216 6.03 10.11 18.68
CA PHE A 216 6.57 10.88 19.80
C PHE A 216 5.68 12.08 20.06
N ILE A 217 5.54 12.45 21.33
CA ILE A 217 4.71 13.57 21.76
C ILE A 217 5.59 14.78 22.00
N TYR A 218 5.24 15.90 21.38
CA TYR A 218 5.98 17.14 21.53
C TYR A 218 5.10 18.32 21.92
N ARG A 219 3.87 18.38 21.42
CA ARG A 219 3.03 19.56 21.55
C ARG A 219 1.95 19.34 22.61
N PRO A 220 2.00 20.02 23.76
CA PRO A 220 0.88 19.89 24.72
C PRO A 220 -0.45 20.36 24.16
N ALA A 221 -0.44 21.36 23.26
CA ALA A 221 -1.69 21.80 22.66
C ALA A 221 -2.35 20.68 21.87
N THR A 222 -1.56 19.74 21.34
CA THR A 222 -2.15 18.57 20.70
C THR A 222 -2.91 17.72 21.71
N THR A 223 -2.35 17.56 22.91
CA THR A 223 -3.06 16.83 23.95
C THR A 223 -4.33 17.55 24.36
N LYS A 224 -4.28 18.88 24.48
CA LYS A 224 -5.49 19.65 24.79
C LYS A 224 -6.54 19.48 23.71
N LEU A 225 -6.12 19.51 22.45
CA LEU A 225 -7.05 19.36 21.33
C LEU A 225 -7.67 17.97 21.32
N PHE A 226 -6.87 16.94 21.63
CA PHE A 226 -7.41 15.60 21.76
C PHE A 226 -8.43 15.52 22.90
N MET A 227 -8.11 16.13 24.03
CA MET A 227 -9.02 16.13 25.17
C MET A 227 -10.32 16.84 24.83
N GLY A 228 -10.26 17.85 23.97
CA GLY A 228 -11.46 18.56 23.56
C GLY A 228 -12.49 17.68 22.91
N MET A 229 -12.07 16.53 22.39
CA MET A 229 -12.97 15.55 21.78
C MET A 229 -13.31 14.41 22.73
N ASN A 230 -12.98 14.53 24.00
CA ASN A 230 -13.26 13.50 25.01
C ASN A 230 -12.50 12.21 24.73
N PHE A 231 -11.45 12.27 23.91
CA PHE A 231 -10.66 11.07 23.63
C PHE A 231 -9.96 10.56 24.89
N LEU A 232 -9.34 11.47 25.64
CA LEU A 232 -8.55 11.08 26.80
C LEU A 232 -9.41 10.99 28.05
N GLY A 233 -9.06 10.05 28.92
CA GLY A 233 -9.72 9.86 30.19
C GLY A 233 -8.96 10.50 31.34
N SER A 234 -9.30 10.07 32.56
CA SER A 234 -8.64 10.58 33.76
C SER A 234 -7.48 9.69 34.17
N SER A 235 -7.76 8.42 34.45
CA SER A 235 -6.73 7.48 34.87
C SER A 235 -6.18 6.73 33.65
N THR A 236 -5.43 5.67 33.90
CA THR A 236 -4.81 4.90 32.81
C THR A 236 -5.89 4.22 31.98
N CYS A 237 -5.44 3.53 30.92
CA CYS A 237 -6.36 2.82 30.03
C CYS A 237 -6.90 1.57 30.71
N LYS A 238 -8.07 1.68 31.34
CA LYS A 238 -8.69 0.56 32.04
C LYS A 238 -9.48 -0.28 31.04
N ALA A 239 -8.74 -0.99 30.20
CA ALA A 239 -9.37 -1.81 29.17
C ALA A 239 -10.25 -2.88 29.79
N PHE A 240 -11.45 -3.05 29.23
CA PHE A 240 -12.42 -4.04 29.68
C PHE A 240 -12.88 -3.79 31.11
N ASP A 241 -12.78 -2.54 31.57
CA ASP A 241 -13.19 -2.16 32.91
C ASP A 241 -14.42 -1.25 32.84
N GLU A 242 -15.34 -1.45 33.78
CA GLU A 242 -16.57 -0.66 33.79
C GLU A 242 -16.29 0.83 34.01
N SER A 243 -15.14 1.18 34.57
CA SER A 243 -14.80 2.57 34.85
C SER A 243 -14.04 3.23 33.71
N GLY A 244 -13.81 2.51 32.60
CA GLY A 244 -13.09 3.08 31.47
C GLY A 244 -13.75 4.32 30.92
N ASP A 245 -12.95 5.38 30.72
CA ASP A 245 -13.47 6.63 30.18
C ASP A 245 -12.55 7.27 29.16
N GLY A 246 -11.49 6.58 28.74
CA GLY A 246 -10.57 7.14 27.77
C GLY A 246 -9.24 6.39 27.80
N PHE A 247 -8.27 6.96 27.10
CA PHE A 247 -6.94 6.39 27.00
C PHE A 247 -5.91 7.46 27.31
N VAL A 248 -4.65 7.03 27.47
CA VAL A 248 -3.54 7.91 27.76
C VAL A 248 -2.52 7.80 26.63
N ARG A 249 -2.01 8.94 26.19
CA ARG A 249 -1.07 8.97 25.07
C ARG A 249 0.22 8.26 25.43
N GLY A 250 0.83 7.63 24.41
CA GLY A 250 2.08 6.92 24.60
C GLY A 250 3.02 7.18 23.44
N GLU A 251 4.27 6.75 23.62
CA GLU A 251 5.32 6.95 22.63
C GLU A 251 5.93 5.60 22.26
N VAL A 252 6.15 5.38 20.97
CA VAL A 252 6.73 4.15 20.45
C VAL A 252 7.61 4.47 19.26
N ALA A 253 8.69 3.70 19.11
CA ALA A 253 9.58 3.81 17.95
C ALA A 253 9.99 2.42 17.49
N SER A 254 9.05 1.48 17.46
CA SER A 254 9.36 0.09 17.20
C SER A 254 9.26 -0.23 15.71
N ALA A 255 9.96 -1.30 15.31
CA ALA A 255 9.94 -1.78 13.95
C ALA A 255 10.22 -3.27 13.95
N ILE A 256 9.82 -3.93 12.86
CA ILE A 256 10.01 -5.38 12.72
C ILE A 256 10.54 -5.66 11.32
N LEU A 257 11.10 -6.86 11.17
CA LEU A 257 11.63 -7.35 9.90
C LEU A 257 10.87 -8.61 9.50
N LEU A 258 10.45 -8.66 8.24
CA LEU A 258 9.76 -9.82 7.69
C LEU A 258 10.59 -10.43 6.58
N LYS A 259 10.50 -11.75 6.42
CA LYS A 259 11.28 -12.45 5.43
C LYS A 259 10.53 -13.69 4.97
N LYS A 260 11.03 -14.30 3.89
CA LYS A 260 10.52 -15.59 3.47
C LYS A 260 11.01 -16.68 4.42
N ALA A 261 10.09 -17.55 4.86
CA ALA A 261 10.42 -18.51 5.89
C ALA A 261 11.51 -19.48 5.46
N ASP A 262 11.73 -19.64 4.16
CA ASP A 262 12.74 -20.57 3.68
C ASP A 262 14.15 -20.01 3.73
N THR A 263 14.31 -18.71 4.00
CA THR A 263 15.62 -18.08 4.08
C THR A 263 15.87 -17.39 5.41
N ALA A 264 14.91 -17.43 6.34
CA ALA A 264 15.06 -16.76 7.62
C ALA A 264 15.94 -17.57 8.57
N LYS A 265 16.82 -16.88 9.28
CA LYS A 265 17.68 -17.49 10.29
C LYS A 265 17.05 -17.49 11.68
N ARG A 266 15.91 -16.80 11.85
CA ARG A 266 15.20 -16.81 13.12
C ARG A 266 13.75 -16.45 12.83
N VAL A 267 12.83 -17.21 13.41
CA VAL A 267 11.40 -17.08 13.12
C VAL A 267 10.67 -17.00 14.46
N TYR A 268 10.28 -15.78 14.86
CA TYR A 268 9.43 -15.63 16.04
C TYR A 268 8.07 -16.27 15.81
N CYS A 269 7.49 -16.07 14.62
CA CYS A 269 6.18 -16.60 14.29
C CYS A 269 6.02 -16.49 12.77
N THR A 270 4.84 -16.89 12.29
CA THR A 270 4.51 -16.85 10.88
C THR A 270 3.27 -15.99 10.67
N LEU A 271 3.30 -15.14 9.65
CA LEU A 271 2.18 -14.26 9.34
C LEU A 271 1.17 -15.03 8.50
N VAL A 272 0.12 -15.55 9.16
CA VAL A 272 -0.91 -16.29 8.45
C VAL A 272 -1.61 -15.39 7.44
N GLY A 273 -1.96 -14.18 7.85
CA GLY A 273 -2.61 -13.24 6.95
C GLY A 273 -3.13 -12.00 7.65
N SER A 274 -3.20 -10.90 6.92
CA SER A 274 -3.73 -9.64 7.41
C SER A 274 -4.72 -9.07 6.40
N MET A 275 -5.70 -8.32 6.90
CA MET A 275 -6.74 -7.76 6.06
C MET A 275 -7.14 -6.40 6.60
N LEU A 276 -7.72 -5.59 5.70
CA LEU A 276 -8.17 -4.25 6.02
C LEU A 276 -9.55 -4.02 5.44
N ASN A 277 -10.27 -3.06 6.02
CA ASN A 277 -11.57 -2.66 5.51
C ASN A 277 -11.93 -1.30 6.12
N ASN A 278 -13.11 -0.81 5.77
CA ASN A 278 -13.62 0.46 6.30
C ASN A 278 -15.05 0.28 6.76
N ASP A 279 -15.39 0.94 7.86
CA ASP A 279 -16.76 0.87 8.37
C ASP A 279 -17.74 1.48 7.38
N GLY A 280 -17.36 2.58 6.74
CA GLY A 280 -18.21 3.21 5.74
C GLY A 280 -19.05 4.30 6.34
N ASN A 281 -20.35 4.27 6.04
CA ASN A 281 -21.29 5.29 6.49
C ASN A 281 -22.14 4.74 7.62
N GLN A 282 -22.19 5.47 8.73
CA GLN A 282 -23.00 5.10 9.88
C GLN A 282 -23.66 6.35 10.45
N THR A 283 -24.77 6.13 11.15
CA THR A 283 -25.55 7.23 11.70
C THR A 283 -25.02 7.74 13.03
N ASN A 284 -24.02 7.06 13.61
CA ASN A 284 -23.48 7.46 14.90
C ASN A 284 -22.28 8.39 14.78
N GLY A 285 -21.92 8.82 13.59
CA GLY A 285 -20.82 9.73 13.37
C GLY A 285 -19.60 9.01 12.79
N ILE A 286 -18.71 9.81 12.21
CA ILE A 286 -17.52 9.25 11.59
C ILE A 286 -16.58 8.67 12.65
N LEU A 287 -16.48 9.33 13.80
CA LEU A 287 -15.63 8.86 14.89
C LEU A 287 -16.40 7.96 15.85
N TYR A 288 -16.92 6.86 15.31
CA TYR A 288 -17.63 5.87 16.10
C TYR A 288 -17.34 4.47 15.55
N PRO A 289 -16.84 3.55 16.38
CA PRO A 289 -16.57 2.20 15.86
C PRO A 289 -17.84 1.50 15.40
N ASN A 290 -17.70 0.68 14.37
CA ASN A 290 -18.80 -0.09 13.81
C ASN A 290 -18.52 -1.56 14.07
N SER A 291 -19.31 -2.17 14.98
CA SER A 291 -19.11 -3.57 15.31
C SER A 291 -19.36 -4.46 14.10
N GLU A 292 -20.36 -4.12 13.28
CA GLU A 292 -20.69 -4.96 12.14
C GLU A 292 -19.54 -5.02 11.16
N ALA A 293 -18.90 -3.88 10.86
CA ALA A 293 -17.78 -3.87 9.94
C ALA A 293 -16.61 -4.69 10.47
N GLN A 294 -16.31 -4.55 11.77
CA GLN A 294 -15.22 -5.33 12.35
C GLN A 294 -15.51 -6.82 12.28
N GLU A 295 -16.74 -7.21 12.60
CA GLU A 295 -17.11 -8.62 12.51
C GLU A 295 -16.98 -9.13 11.09
N GLN A 296 -17.42 -8.33 10.11
CA GLN A 296 -17.28 -8.74 8.71
C GLN A 296 -15.83 -8.89 8.33
N LEU A 297 -14.97 -7.96 8.76
CA LEU A 297 -13.54 -8.05 8.44
C LEU A 297 -12.93 -9.33 9.03
N MET A 298 -13.24 -9.62 10.29
CA MET A 298 -12.69 -10.81 10.92
C MET A 298 -13.22 -12.08 10.24
N THR A 299 -14.50 -12.09 9.89
CA THR A 299 -15.06 -13.25 9.18
C THR A 299 -14.36 -13.43 7.84
N ASP A 300 -14.13 -12.34 7.11
CA ASP A 300 -13.48 -12.43 5.81
C ASP A 300 -12.06 -12.98 5.94
N ILE A 301 -11.29 -12.47 6.91
CA ILE A 301 -9.91 -12.94 7.06
C ILE A 301 -9.89 -14.39 7.49
N TYR A 302 -10.79 -14.79 8.40
CA TYR A 302 -10.78 -16.17 8.88
C TYR A 302 -11.34 -17.15 7.85
N SER A 303 -12.13 -16.68 6.90
CA SER A 303 -12.65 -17.56 5.86
C SER A 303 -11.73 -17.66 4.65
N THR A 304 -11.04 -16.57 4.29
CA THR A 304 -10.16 -16.59 3.13
C THR A 304 -9.02 -17.58 3.33
N HIS A 305 -8.43 -17.61 4.52
CA HIS A 305 -7.30 -18.47 4.82
C HIS A 305 -7.73 -19.82 5.39
N LYS A 306 -9.02 -20.09 5.48
CA LYS A 306 -9.55 -21.35 6.01
C LYS A 306 -9.11 -21.61 7.45
N ILE A 307 -8.76 -20.55 8.18
CA ILE A 307 -8.34 -20.69 9.57
C ILE A 307 -9.58 -20.90 10.43
N ASP A 308 -9.59 -22.00 11.17
CA ASP A 308 -10.69 -22.26 12.09
C ASP A 308 -10.60 -21.28 13.26
N ALA A 309 -11.64 -20.44 13.40
CA ALA A 309 -11.60 -19.39 14.41
C ALA A 309 -11.55 -19.95 15.83
N ASN A 310 -11.89 -21.23 16.01
CA ASN A 310 -11.89 -21.83 17.34
C ASN A 310 -10.49 -22.20 17.83
N GLU A 311 -9.47 -22.09 16.97
CA GLU A 311 -8.11 -22.45 17.33
C GLU A 311 -7.31 -21.28 17.90
N VAL A 312 -7.90 -20.09 17.98
CA VAL A 312 -7.18 -18.93 18.51
C VAL A 312 -7.05 -19.07 20.02
N LYS A 313 -5.81 -18.95 20.51
CA LYS A 313 -5.53 -19.08 21.93
C LYS A 313 -5.54 -17.74 22.65
N TYR A 314 -4.96 -16.71 22.03
CA TYR A 314 -4.90 -15.37 22.62
C TYR A 314 -5.35 -14.34 21.59
N PHE A 315 -5.98 -13.29 22.07
CA PHE A 315 -6.51 -12.23 21.22
C PHE A 315 -6.05 -10.87 21.77
N GLU A 316 -5.14 -10.22 21.05
CA GLU A 316 -4.68 -8.88 21.41
C GLU A 316 -5.69 -7.89 20.84
N CYS A 317 -6.60 -7.42 21.70
CA CYS A 317 -7.67 -6.53 21.25
C CYS A 317 -7.19 -5.08 21.21
N HIS A 318 -7.98 -4.26 20.52
CA HIS A 318 -7.77 -2.81 20.49
C HIS A 318 -8.47 -2.16 21.68
N GLY A 319 -8.06 -2.59 22.87
CA GLY A 319 -8.71 -2.17 24.11
C GLY A 319 -8.30 -0.79 24.57
N THR A 320 -8.80 0.25 23.88
CA THR A 320 -8.49 1.62 24.27
C THR A 320 -9.06 1.98 25.63
N GLY A 321 -10.01 1.19 26.13
CA GLY A 321 -10.66 1.49 27.39
C GLY A 321 -11.85 2.42 27.29
N THR A 322 -12.15 2.93 26.10
CA THR A 322 -13.30 3.81 25.93
C THR A 322 -14.60 3.04 26.14
N GLN A 323 -15.61 3.74 26.66
CA GLN A 323 -16.89 3.10 26.93
C GLN A 323 -17.57 2.62 25.66
N ALA A 324 -17.46 3.40 24.59
CA ALA A 324 -18.12 3.07 23.32
C ALA A 324 -17.26 2.21 22.41
N GLY A 325 -16.00 1.97 22.76
CA GLY A 325 -15.12 1.19 21.91
C GLY A 325 -15.00 -0.27 22.32
N ASP A 326 -14.80 -0.51 23.61
CA ASP A 326 -14.63 -1.90 24.07
C ASP A 326 -15.85 -2.75 23.80
N PRO A 327 -17.09 -2.31 24.08
CA PRO A 327 -18.24 -3.18 23.82
C PRO A 327 -18.34 -3.65 22.38
N ASN A 328 -18.07 -2.76 21.42
CA ASN A 328 -18.20 -3.14 20.01
C ASN A 328 -17.13 -4.15 19.61
N GLU A 329 -15.88 -3.92 20.02
CA GLU A 329 -14.81 -4.87 19.75
C GLU A 329 -15.14 -6.23 20.36
N THR A 330 -15.61 -6.23 21.61
CA THR A 330 -15.94 -7.48 22.27
C THR A 330 -17.09 -8.20 21.57
N ARG A 331 -18.11 -7.45 21.14
CA ARG A 331 -19.23 -8.07 20.44
C ARG A 331 -18.78 -8.69 19.13
N ALA A 332 -17.93 -7.98 18.38
CA ALA A 332 -17.41 -8.54 17.14
C ALA A 332 -16.61 -9.82 17.42
N ILE A 333 -15.75 -9.78 18.44
CA ILE A 333 -14.94 -10.94 18.77
C ILE A 333 -15.82 -12.13 19.10
N CYS A 334 -16.84 -11.90 19.94
CA CYS A 334 -17.72 -12.99 20.34
C CYS A 334 -18.50 -13.54 19.16
N ASN A 335 -19.00 -12.66 18.29
CA ASN A 335 -19.83 -13.10 17.18
C ASN A 335 -19.01 -13.83 16.12
N ALA A 336 -17.73 -13.49 15.96
CA ALA A 336 -16.93 -14.05 14.87
C ALA A 336 -15.96 -15.13 15.32
N VAL A 337 -15.37 -15.02 16.51
CA VAL A 337 -14.32 -15.92 16.95
C VAL A 337 -14.82 -16.90 18.01
N CYS A 338 -15.64 -16.44 18.95
CA CYS A 338 -16.08 -17.29 20.05
C CYS A 338 -17.21 -18.24 19.65
N LYS A 339 -17.76 -18.11 18.45
CA LYS A 339 -18.84 -18.98 18.01
C LYS A 339 -18.31 -20.40 17.87
N GLY A 340 -18.80 -21.32 18.72
CA GLY A 340 -18.37 -22.69 18.70
C GLY A 340 -17.20 -23.01 19.59
N LYS A 341 -16.56 -22.00 20.18
CA LYS A 341 -15.43 -22.27 21.08
C LYS A 341 -15.90 -23.02 22.30
N LYS A 342 -15.10 -23.98 22.75
CA LYS A 342 -15.42 -24.84 23.89
C LYS A 342 -14.82 -24.34 25.19
N ASP A 343 -13.95 -23.34 25.14
CA ASP A 343 -13.32 -22.78 26.33
C ASP A 343 -13.26 -21.26 26.17
N PRO A 344 -13.17 -20.52 27.28
CA PRO A 344 -13.08 -19.06 27.17
C PRO A 344 -11.89 -18.64 26.35
N LEU A 345 -12.07 -17.58 25.56
CA LEU A 345 -11.01 -17.02 24.74
C LEU A 345 -10.25 -15.98 25.56
N LEU A 346 -8.94 -16.15 25.69
CA LEU A 346 -8.11 -15.24 26.46
C LEU A 346 -7.88 -13.98 25.64
N ILE A 347 -8.39 -12.85 26.12
CA ILE A 347 -8.26 -11.57 25.44
C ILE A 347 -7.40 -10.64 26.29
N GLY A 348 -6.77 -9.68 25.61
CA GLY A 348 -5.93 -8.72 26.31
C GLY A 348 -5.58 -7.57 25.40
N SER A 349 -4.88 -6.60 25.98
CA SER A 349 -4.45 -5.41 25.25
C SER A 349 -3.26 -4.80 25.97
N ILE A 350 -2.27 -4.36 25.20
CA ILE A 350 -1.08 -3.73 25.78
C ILE A 350 -1.30 -2.27 26.11
N LYS A 351 -2.44 -1.69 25.72
CA LYS A 351 -2.70 -0.28 26.03
C LYS A 351 -2.79 -0.06 27.53
N SER A 352 -3.42 -0.98 28.24
CA SER A 352 -3.52 -0.85 29.69
C SER A 352 -2.17 -0.88 30.37
N ASN A 353 -1.13 -1.36 29.69
CA ASN A 353 0.21 -1.46 30.27
C ASN A 353 1.03 -0.19 30.01
N LEU A 354 1.18 0.18 28.74
CA LEU A 354 2.02 1.31 28.35
C LEU A 354 1.23 2.41 27.65
N GLY A 355 -0.09 2.41 27.78
CA GLY A 355 -0.90 3.45 27.20
C GLY A 355 -1.11 3.27 25.70
N HIS A 356 -1.67 4.32 25.11
CA HIS A 356 -2.04 4.31 23.69
C HIS A 356 -0.90 4.91 22.87
N GLY A 357 -0.43 4.15 21.88
CA GLY A 357 0.65 4.59 21.01
C GLY A 357 0.22 5.43 19.82
N GLU A 358 -1.07 5.67 19.65
CA GLU A 358 -1.60 6.51 18.57
C GLU A 358 -1.26 5.82 17.25
N THR A 359 -0.60 6.49 16.30
CA THR A 359 -0.35 5.88 15.00
C THR A 359 0.51 4.64 15.13
N ALA A 360 1.39 4.59 16.12
CA ALA A 360 2.25 3.43 16.35
C ALA A 360 1.57 2.34 17.17
N SER A 361 0.32 2.57 17.60
CA SER A 361 -0.35 1.59 18.45
C SER A 361 -0.31 0.20 17.83
N GLY A 362 -0.50 0.10 16.52
CA GLY A 362 -0.55 -1.20 15.88
C GLY A 362 0.72 -1.99 16.11
N ILE A 363 1.87 -1.32 16.11
CA ILE A 363 3.13 -2.02 16.34
C ILE A 363 3.18 -2.54 17.77
N ASN A 364 2.67 -1.77 18.73
CA ASN A 364 2.77 -2.15 20.13
C ASN A 364 2.25 -3.56 20.35
N GLY A 365 1.00 -3.80 19.95
CA GLY A 365 0.44 -5.14 20.08
C GLY A 365 1.31 -6.18 19.42
N ILE A 366 1.79 -5.89 18.21
CA ILE A 366 2.65 -6.84 17.51
C ILE A 366 3.83 -7.20 18.40
N SER A 367 4.48 -6.17 18.98
CA SER A 367 5.58 -6.44 19.90
C SER A 367 5.14 -7.40 20.98
N LYS A 368 4.03 -7.10 21.65
CA LYS A 368 3.54 -7.99 22.69
C LYS A 368 3.36 -9.40 22.13
N VAL A 369 2.77 -9.51 20.95
CA VAL A 369 2.56 -10.83 20.35
C VAL A 369 3.88 -11.57 20.26
N ILE A 370 4.91 -10.90 19.75
CA ILE A 370 6.22 -11.54 19.63
C ILE A 370 6.68 -12.02 21.00
N ILE A 371 6.54 -11.16 22.01
CA ILE A 371 6.88 -11.58 23.38
C ILE A 371 6.04 -12.78 23.76
N THR A 372 4.72 -12.70 23.55
CA THR A 372 3.86 -13.83 23.88
C THR A 372 4.22 -15.06 23.05
N MET A 373 4.86 -14.86 21.90
CA MET A 373 5.27 -15.98 21.05
C MET A 373 6.74 -16.32 21.21
N HIS A 374 7.46 -15.66 22.12
CA HIS A 374 8.86 -15.97 22.39
C HIS A 374 9.06 -16.54 23.78
N SER A 375 8.50 -15.90 24.81
CA SER A 375 8.58 -16.42 26.17
C SER A 375 7.55 -17.50 26.44
N ARG A 376 6.61 -17.73 25.53
CA ARG A 376 5.57 -18.74 25.68
C ARG A 376 4.64 -18.42 26.85
N GLN A 377 4.57 -17.16 27.26
CA GLN A 377 3.70 -16.73 28.34
C GLN A 377 2.97 -15.46 27.91
N ILE A 378 1.72 -15.34 28.34
CA ILE A 378 0.88 -14.19 28.00
C ILE A 378 1.03 -13.15 29.11
N PRO A 379 1.52 -11.94 28.81
CA PRO A 379 1.67 -10.94 29.86
C PRO A 379 0.32 -10.61 30.47
N PRO A 380 0.30 -10.27 31.76
CA PRO A 380 -0.97 -9.86 32.39
C PRO A 380 -1.49 -8.55 31.84
N ASN A 381 -2.78 -8.32 32.07
CA ASN A 381 -3.45 -7.07 31.74
C ASN A 381 -3.70 -6.29 33.01
N LEU A 382 -3.31 -5.01 33.01
CA LEU A 382 -3.41 -4.17 34.19
C LEU A 382 -4.73 -3.40 34.20
N HIS A 383 -5.15 -3.02 35.41
CA HIS A 383 -6.29 -2.14 35.63
C HIS A 383 -7.63 -2.80 35.34
N PHE A 384 -7.68 -4.13 35.32
CA PHE A 384 -8.93 -4.87 35.13
C PHE A 384 -9.39 -5.36 36.50
N LYS A 385 -10.27 -4.58 37.14
CA LYS A 385 -10.81 -4.91 38.45
C LYS A 385 -12.24 -5.40 38.39
N ASN A 386 -13.13 -4.61 37.77
CA ASN A 386 -14.55 -4.96 37.67
C ASN A 386 -14.93 -5.10 36.20
N PRO A 387 -15.47 -6.24 35.76
CA PRO A 387 -15.83 -6.37 34.34
C PRO A 387 -16.90 -5.38 33.94
N ASN A 388 -16.84 -4.94 32.70
CA ASN A 388 -17.81 -3.98 32.16
C ASN A 388 -19.18 -4.65 32.04
N PRO A 389 -20.23 -4.13 32.67
CA PRO A 389 -21.54 -4.77 32.54
C PRO A 389 -22.07 -4.78 31.11
N LYS A 390 -21.63 -3.83 30.28
CA LYS A 390 -22.02 -3.82 28.88
C LYS A 390 -21.37 -4.95 28.08
N ILE A 391 -20.43 -5.67 28.67
CA ILE A 391 -19.75 -6.79 28.02
C ILE A 391 -20.36 -8.09 28.50
N PRO A 392 -21.38 -8.62 27.83
CA PRO A 392 -21.97 -9.90 28.28
C PRO A 392 -20.98 -11.05 28.26
N GLY A 393 -20.05 -11.07 27.31
CA GLY A 393 -19.17 -12.22 27.17
C GLY A 393 -18.40 -12.52 28.44
N LEU A 394 -17.88 -11.49 29.09
CA LEU A 394 -17.10 -11.69 30.31
C LEU A 394 -17.89 -12.41 31.39
N PHE A 395 -19.22 -12.36 31.33
CA PHE A 395 -20.06 -13.08 32.28
C PHE A 395 -20.58 -14.40 31.74
N ASP A 396 -20.59 -14.59 30.42
CA ASP A 396 -21.08 -15.82 29.81
C ASP A 396 -20.01 -16.89 29.69
N GLY A 397 -18.77 -16.60 30.05
CA GLY A 397 -17.69 -17.55 29.92
C GLY A 397 -17.07 -17.62 28.56
N ARG A 398 -17.53 -16.82 27.59
CA ARG A 398 -16.93 -16.84 26.26
C ARG A 398 -15.58 -16.13 26.25
N LEU A 399 -15.41 -15.09 27.08
CA LEU A 399 -14.20 -14.30 27.12
C LEU A 399 -13.63 -14.29 28.53
N LYS A 400 -12.33 -14.05 28.62
CA LYS A 400 -11.63 -14.03 29.90
C LYS A 400 -10.39 -13.16 29.75
N VAL A 401 -10.41 -11.98 30.38
CA VAL A 401 -9.26 -11.09 30.33
C VAL A 401 -8.11 -11.71 31.13
N VAL A 402 -6.93 -11.70 30.53
CA VAL A 402 -5.74 -12.29 31.16
C VAL A 402 -5.23 -11.29 32.19
N THR A 403 -5.54 -11.52 33.46
CA THR A 403 -5.09 -10.66 34.55
C THR A 403 -3.78 -11.13 35.17
N GLU A 404 -3.26 -12.28 34.75
CA GLU A 404 -2.01 -12.80 35.28
C GLU A 404 -1.35 -13.68 34.22
N THR A 405 -0.07 -13.95 34.41
CA THR A 405 0.70 -14.70 33.42
C THR A 405 0.04 -16.04 33.14
N THR A 406 -0.08 -16.37 31.85
CA THR A 406 -0.75 -17.58 31.41
C THR A 406 0.19 -18.35 30.49
N PRO A 407 0.26 -19.68 30.64
CA PRO A 407 1.19 -20.48 29.79
C PRO A 407 0.66 -20.77 28.38
N PHE A 408 0.85 -19.81 27.48
CA PHE A 408 0.50 -20.00 26.08
C PHE A 408 1.41 -21.07 25.47
N ASP A 409 0.85 -22.25 25.22
CA ASP A 409 1.65 -23.35 24.70
C ASP A 409 1.91 -23.21 23.20
N GLY A 410 0.89 -22.83 22.44
CA GLY A 410 1.04 -22.67 21.01
C GLY A 410 -0.29 -22.55 20.34
N GLY A 411 -0.25 -22.11 19.07
CA GLY A 411 -1.45 -21.91 18.30
C GLY A 411 -1.42 -20.63 17.50
N LEU A 412 -2.58 -19.99 17.35
CA LEU A 412 -2.71 -18.75 16.59
C LEU A 412 -3.06 -17.60 17.52
N ILE A 413 -2.53 -16.42 17.19
CA ILE A 413 -2.80 -15.19 17.92
C ILE A 413 -3.33 -14.16 16.93
N ALA A 414 -4.46 -13.55 17.28
CA ALA A 414 -5.13 -12.58 16.41
C ALA A 414 -5.02 -11.19 17.03
N ILE A 415 -4.77 -10.19 16.17
CA ILE A 415 -4.60 -8.81 16.60
C ILE A 415 -5.55 -7.93 15.81
N ASN A 416 -6.27 -7.07 16.52
CA ASN A 416 -7.14 -6.06 15.94
C ASN A 416 -6.57 -4.68 16.25
N SER A 417 -6.54 -3.81 15.25
CA SER A 417 -5.98 -2.47 15.37
C SER A 417 -6.93 -1.43 14.77
N PHE A 418 -8.20 -1.50 15.16
CA PHE A 418 -9.19 -0.55 14.66
C PHE A 418 -8.70 0.88 14.90
N GLY A 419 -8.98 1.75 13.95
CA GLY A 419 -8.43 3.09 13.99
C GLY A 419 -9.44 4.22 13.97
N MET A 420 -9.01 5.40 14.41
CA MET A 420 -9.87 6.57 14.41
C MET A 420 -10.15 6.97 12.97
N GLY A 421 -11.43 7.25 12.68
CA GLY A 421 -11.88 7.56 11.35
C GLY A 421 -12.54 6.40 10.62
N GLY A 422 -12.28 5.16 11.05
CA GLY A 422 -13.02 4.02 10.55
C GLY A 422 -12.29 3.16 9.54
N THR A 423 -11.01 2.89 9.77
CA THR A 423 -10.23 1.97 8.95
C THR A 423 -9.78 0.81 9.83
N ASN A 424 -10.57 -0.26 9.85
CA ASN A 424 -10.26 -1.42 10.66
C ASN A 424 -9.18 -2.26 9.99
N ALA A 425 -8.44 -3.01 10.82
CA ALA A 425 -7.39 -3.89 10.34
C ALA A 425 -7.30 -5.10 11.27
N HIS A 426 -7.04 -6.26 10.69
CA HIS A 426 -6.89 -7.50 11.44
C HIS A 426 -5.68 -8.26 10.95
N ALA A 427 -5.03 -9.00 11.85
CA ALA A 427 -3.91 -9.85 11.45
C ALA A 427 -3.89 -11.09 12.31
N ILE A 428 -3.33 -12.17 11.75
CA ILE A 428 -3.22 -13.46 12.42
C ILE A 428 -1.79 -13.94 12.33
N PHE A 429 -1.28 -14.48 13.44
CA PHE A 429 0.08 -15.01 13.50
C PHE A 429 0.06 -16.44 14.03
N ARG A 430 0.84 -17.31 13.40
CA ARG A 430 0.95 -18.71 13.81
C ARG A 430 2.29 -18.92 14.51
N SER A 431 2.24 -19.62 15.65
CA SER A 431 3.44 -19.82 16.45
C SER A 431 4.42 -20.74 15.73
N PHE A 432 5.71 -20.56 16.04
CA PHE A 432 6.78 -21.38 15.50
C PHE A 432 7.29 -22.28 16.62
N ASP A 433 7.10 -23.59 16.47
CA ASP A 433 7.42 -24.57 17.51
C ASP A 433 8.64 -25.36 17.05
N LYS A 434 9.81 -24.88 17.42
CA LYS A 434 11.08 -25.57 17.12
C LYS A 434 11.96 -25.58 18.37
N ARG A 435 11.38 -26.01 19.49
CA ARG A 435 12.09 -26.02 20.77
C ARG A 435 13.51 -26.53 20.60
N ALA A 436 14.44 -25.88 21.30
CA ALA A 436 15.86 -26.14 21.10
C ALA A 436 16.23 -27.55 21.53
N GLU A 437 17.27 -28.09 20.89
CA GLU A 437 17.84 -29.38 21.22
C GLU A 437 19.33 -29.22 21.48
N PRO A 438 19.92 -30.10 22.27
CA PRO A 438 21.33 -29.92 22.65
C PRO A 438 22.27 -30.05 21.46
N HIS A 439 23.37 -29.31 21.53
CA HIS A 439 24.44 -29.32 20.55
C HIS A 439 25.68 -29.98 21.14
N PRO A 440 26.55 -30.59 20.32
CA PRO A 440 27.79 -31.13 20.87
C PRO A 440 28.60 -30.07 21.61
N ALA A 441 28.54 -28.82 21.15
CA ALA A 441 29.14 -27.71 21.89
C ALA A 441 28.22 -27.26 23.01
N SER A 442 28.49 -26.09 23.59
CA SER A 442 27.77 -25.49 24.71
C SER A 442 28.25 -26.07 26.04
N ASP A 443 29.19 -27.02 26.02
CA ASP A 443 29.84 -27.50 27.23
C ASP A 443 31.35 -27.44 27.12
N LYS A 444 31.90 -27.07 25.96
CA LYS A 444 33.32 -26.93 25.73
C LYS A 444 33.66 -25.46 25.48
N PRO A 445 34.91 -25.06 25.70
CA PRO A 445 35.27 -23.66 25.45
C PRO A 445 34.98 -23.25 24.01
N ARG A 446 34.48 -22.03 23.85
CA ARG A 446 34.18 -21.48 22.53
C ARG A 446 34.68 -20.06 22.45
N LEU A 447 34.97 -19.61 21.23
CA LEU A 447 35.46 -18.26 20.99
C LEU A 447 34.31 -17.40 20.46
N PHE A 448 33.95 -16.37 21.22
CA PHE A 448 32.88 -15.44 20.86
C PHE A 448 33.52 -14.13 20.43
N THR A 449 33.38 -13.81 19.15
CA THR A 449 33.94 -12.60 18.56
C THR A 449 32.81 -11.69 18.11
N TYR A 450 32.94 -10.39 18.37
CA TYR A 450 31.90 -9.44 18.01
C TYR A 450 32.50 -8.06 17.80
N CYS A 451 31.65 -7.14 17.35
CA CYS A 451 32.04 -5.76 17.14
C CYS A 451 30.90 -4.85 17.62
N ALA A 452 31.27 -3.64 18.01
CA ALA A 452 30.32 -2.69 18.58
C ALA A 452 30.87 -1.28 18.39
N ARG A 453 30.03 -0.30 18.73
CA ARG A 453 30.38 1.11 18.59
C ARG A 453 31.15 1.66 19.78
N THR A 454 30.93 1.11 20.97
CA THR A 454 31.56 1.61 22.19
C THR A 454 32.10 0.45 23.01
N GLU A 455 33.13 0.74 23.81
CA GLU A 455 33.73 -0.29 24.66
C GLU A 455 32.73 -0.82 25.68
N GLU A 456 31.94 0.08 26.28
CA GLU A 456 30.96 -0.35 27.27
C GLU A 456 29.90 -1.25 26.64
N GLY A 457 29.45 -0.91 25.42
CA GLY A 457 28.49 -1.75 24.75
C GLY A 457 29.05 -3.14 24.44
N LEU A 458 30.30 -3.19 24.01
CA LEU A 458 30.93 -4.48 23.74
C LEU A 458 31.09 -5.30 25.01
N GLN A 459 31.43 -4.64 26.13
CA GLN A 459 31.53 -5.35 27.40
C GLN A 459 30.16 -5.90 27.82
N LYS A 460 29.10 -5.11 27.63
CA LYS A 460 27.76 -5.60 27.94
C LYS A 460 27.38 -6.77 27.05
N ILE A 461 27.75 -6.71 25.77
CA ILE A 461 27.47 -7.82 24.86
C ILE A 461 28.19 -9.07 25.32
N PHE A 462 29.45 -8.94 25.75
CA PHE A 462 30.19 -10.10 26.22
C PHE A 462 29.58 -10.66 27.50
N GLU A 463 29.12 -9.78 28.40
CA GLU A 463 28.45 -10.25 29.59
C GLU A 463 27.19 -11.04 29.24
N GLU A 464 26.40 -10.53 28.30
CA GLU A 464 25.20 -11.23 27.87
C GLU A 464 25.55 -12.58 27.25
N ALA A 465 26.60 -12.62 26.43
CA ALA A 465 27.02 -13.87 25.82
C ALA A 465 27.44 -14.88 26.87
N HIS A 466 28.18 -14.43 27.88
CA HIS A 466 28.55 -15.31 28.98
C HIS A 466 27.30 -15.81 29.71
N LYS A 467 26.28 -14.94 29.84
CA LYS A 467 25.04 -15.37 30.45
C LYS A 467 24.39 -16.51 29.67
N HIS A 468 24.58 -16.55 28.35
CA HIS A 468 24.04 -17.59 27.49
C HIS A 468 25.16 -18.47 26.93
N ALA A 469 26.17 -18.77 27.75
CA ALA A 469 27.28 -19.57 27.28
C ALA A 469 26.87 -20.99 26.87
N SER A 470 25.71 -21.46 27.34
CA SER A 470 25.24 -22.80 27.05
C SER A 470 24.36 -22.87 25.81
N ASN A 471 24.20 -21.76 25.09
CA ASN A 471 23.38 -21.70 23.88
C ASN A 471 24.28 -21.50 22.68
N VAL A 472 24.16 -22.40 21.70
CA VAL A 472 24.95 -22.28 20.47
C VAL A 472 24.17 -21.53 19.39
N GLU A 473 22.84 -21.60 19.41
CA GLU A 473 22.05 -20.84 18.44
C GLU A 473 22.25 -19.34 18.63
N PHE A 474 22.30 -18.89 19.88
CA PHE A 474 22.59 -17.48 20.14
C PHE A 474 23.97 -17.10 19.62
N HIS A 475 24.96 -17.98 19.81
CA HIS A 475 26.29 -17.71 19.29
C HIS A 475 26.28 -17.61 17.76
N ALA A 476 25.53 -18.50 17.10
CA ALA A 476 25.43 -18.43 15.64
C ALA A 476 24.78 -17.13 15.19
N LEU A 477 23.71 -16.72 15.88
CA LEU A 477 23.04 -15.46 15.53
C LEU A 477 23.98 -14.28 15.70
N CYS A 478 24.75 -14.27 16.79
CA CYS A 478 25.72 -13.20 17.01
C CYS A 478 26.80 -13.21 15.94
N GLN A 479 27.31 -14.39 15.60
CA GLN A 479 28.38 -14.50 14.61
C GLN A 479 27.91 -14.08 13.23
N GLU A 480 26.63 -14.29 12.91
CA GLU A 480 26.13 -13.93 11.59
C GLU A 480 26.31 -12.45 11.30
N SER A 481 26.45 -11.61 12.33
CA SER A 481 26.66 -10.18 12.15
C SER A 481 27.92 -9.71 12.89
N ALA A 482 28.87 -10.61 13.14
CA ALA A 482 30.09 -10.28 13.86
C ALA A 482 31.26 -9.96 12.94
N ASN A 483 31.04 -9.96 11.62
CA ASN A 483 32.10 -9.71 10.65
C ASN A 483 31.94 -8.36 9.95
N THR A 484 31.17 -7.44 10.54
CA THR A 484 31.00 -6.12 9.96
C THR A 484 32.34 -5.40 9.89
N LYS A 485 32.52 -4.61 8.83
CA LYS A 485 33.79 -3.94 8.62
C LYS A 485 34.07 -2.96 9.76
N PRO A 486 35.35 -2.70 10.06
CA PRO A 486 35.67 -1.76 11.14
C PRO A 486 35.14 -0.36 10.91
N LYS A 487 34.88 0.02 9.66
CA LYS A 487 34.36 1.35 9.37
C LYS A 487 33.03 1.59 10.08
N SER A 488 32.15 0.59 10.06
CA SER A 488 30.83 0.73 10.69
C SER A 488 30.94 0.53 12.20
N LEU A 489 31.46 -0.62 12.63
CA LEU A 489 31.62 -0.93 14.05
C LEU A 489 33.11 -1.01 14.36
N PRO A 490 33.71 0.02 14.99
CA PRO A 490 35.16 0.04 15.15
C PRO A 490 35.68 -0.79 16.33
N TYR A 491 34.88 -0.93 17.39
CA TYR A 491 35.35 -1.62 18.60
C TYR A 491 35.18 -3.13 18.39
N ARG A 492 36.29 -3.80 18.09
CA ARG A 492 36.30 -5.25 17.87
C ARG A 492 36.76 -5.94 19.14
N GLY A 493 36.06 -7.03 19.51
CA GLY A 493 36.37 -7.72 20.73
C GLY A 493 36.18 -9.22 20.59
N ALA A 494 36.84 -9.94 21.49
CA ALA A 494 36.80 -11.40 21.52
C ALA A 494 36.89 -11.87 22.97
N THR A 495 36.16 -12.95 23.26
CA THR A 495 36.17 -13.57 24.58
C THR A 495 36.02 -15.07 24.41
N ILE A 496 36.17 -15.80 25.51
CA ILE A 496 36.03 -17.25 25.52
C ILE A 496 34.91 -17.61 26.48
N LEU A 497 33.90 -18.29 25.95
CA LEU A 497 32.81 -18.82 26.77
C LEU A 497 33.13 -20.23 27.22
N ASN A 498 32.69 -20.56 28.43
CA ASN A 498 33.00 -21.84 29.07
C ASN A 498 34.51 -22.03 29.17
N ALA A 499 35.19 -20.98 29.64
CA ALA A 499 36.64 -20.96 29.75
C ALA A 499 37.07 -21.17 31.19
N GLU A 500 38.11 -21.98 31.38
CA GLU A 500 38.66 -22.17 32.71
C GLU A 500 39.24 -20.88 33.24
N GLY A 501 39.95 -20.13 32.40
CA GLY A 501 40.52 -18.84 32.76
C GLY A 501 39.85 -17.72 31.97
N GLU A 502 39.46 -16.67 32.69
CA GLU A 502 38.77 -15.56 32.06
C GLU A 502 39.67 -14.88 31.03
N TYR A 503 39.10 -14.63 29.84
CA TYR A 503 39.81 -13.91 28.79
C TYR A 503 38.85 -12.95 28.11
N THR A 504 39.35 -11.75 27.79
CA THR A 504 38.54 -10.75 27.12
C THR A 504 39.47 -9.70 26.53
N GLU A 505 39.34 -9.45 25.23
CA GLU A 505 40.15 -8.45 24.54
C GLU A 505 39.22 -7.55 23.75
N ILE A 506 39.43 -6.24 23.86
CA ILE A 506 38.64 -5.25 23.13
C ILE A 506 39.58 -4.18 22.62
N GLN A 507 39.42 -3.77 21.36
CA GLN A 507 40.28 -2.73 20.82
C GLN A 507 39.58 -2.02 19.68
N LYS A 508 39.94 -0.75 19.49
CA LYS A 508 39.43 0.04 18.38
C LYS A 508 40.27 -0.24 17.14
N CYS A 509 39.62 -0.69 16.06
CA CYS A 509 40.33 -1.08 14.85
C CYS A 509 40.20 0.01 13.79
N PRO A 510 41.29 0.44 13.16
CA PRO A 510 41.18 1.48 12.13
C PRO A 510 40.37 1.01 10.93
N SER A 511 39.83 1.99 10.20
CA SER A 511 39.01 1.67 9.03
C SER A 511 39.81 0.88 8.00
N LYS A 512 41.05 1.29 7.75
CA LYS A 512 41.88 0.58 6.79
C LYS A 512 42.08 -0.86 7.22
N ALA A 513 42.02 -1.78 6.24
CA ALA A 513 42.17 -3.20 6.51
C ALA A 513 43.63 -3.60 6.35
N ARG A 514 44.15 -4.31 7.34
CA ARG A 514 45.54 -4.76 7.32
C ARG A 514 45.66 -6.12 6.64
N GLU A 515 46.89 -6.47 6.29
CA GLU A 515 47.16 -7.71 5.56
C GLU A 515 47.53 -8.83 6.54
N VAL A 516 47.01 -10.02 6.26
CA VAL A 516 47.26 -11.20 7.09
C VAL A 516 48.36 -12.02 6.42
N TRP A 517 49.38 -12.38 7.19
CA TRP A 517 50.55 -13.11 6.69
C TRP A 517 50.80 -14.32 7.58
N PHE A 518 50.44 -15.50 7.10
CA PHE A 518 50.78 -16.72 7.82
C PHE A 518 52.29 -16.92 7.81
N VAL A 519 52.83 -17.28 8.97
CA VAL A 519 54.26 -17.56 9.13
C VAL A 519 54.39 -18.95 9.71
N TYR A 520 55.13 -19.83 9.02
CA TYR A 520 55.34 -21.20 9.44
C TYR A 520 56.74 -21.36 9.98
N SER A 521 56.86 -21.92 11.18
CA SER A 521 58.15 -22.11 11.82
C SER A 521 58.75 -23.45 11.39
N GLY A 522 60.06 -23.56 11.58
CA GLY A 522 60.82 -24.76 11.24
C GLY A 522 61.10 -25.61 12.46
N MET A 523 62.32 -26.12 12.54
CA MET A 523 62.71 -26.95 13.66
C MET A 523 62.94 -26.09 14.91
N GLY A 524 63.05 -26.76 16.05
CA GLY A 524 63.23 -26.09 17.32
C GLY A 524 61.97 -25.84 18.10
N SER A 525 60.80 -26.03 17.48
CA SER A 525 59.52 -25.86 18.16
C SER A 525 59.01 -27.15 18.78
N GLN A 526 59.78 -28.23 18.71
CA GLN A 526 59.33 -29.51 19.25
C GLN A 526 59.37 -29.51 20.78
N TRP A 527 58.43 -30.24 21.37
CA TRP A 527 58.37 -30.40 22.82
C TRP A 527 57.41 -31.54 23.13
N VAL A 528 57.46 -32.00 24.37
CA VAL A 528 56.62 -33.12 24.81
C VAL A 528 55.22 -32.60 25.12
N GLY A 529 54.21 -33.24 24.56
CA GLY A 529 52.84 -32.82 24.73
C GLY A 529 52.34 -31.81 23.71
N MET A 530 53.05 -31.65 22.60
CA MET A 530 52.63 -30.70 21.58
C MET A 530 51.26 -31.06 21.03
N GLY A 531 50.37 -30.07 20.97
CA GLY A 531 49.06 -30.25 20.38
C GLY A 531 48.19 -31.23 21.13
N ARG A 532 48.61 -31.64 22.33
CA ARG A 532 47.81 -32.59 23.09
C ARG A 532 46.49 -31.98 23.54
N SER A 533 46.51 -30.73 23.98
CA SER A 533 45.27 -30.05 24.36
C SER A 533 44.39 -29.82 23.13
N LEU A 534 44.99 -29.36 22.04
CA LEU A 534 44.22 -29.09 20.81
C LEU A 534 43.52 -30.33 20.28
N MET A 535 43.82 -31.51 20.80
CA MET A 535 43.09 -32.71 20.40
C MET A 535 41.62 -32.63 20.78
N ALA A 536 41.25 -31.71 21.68
CA ALA A 536 39.84 -31.55 22.03
C ALA A 536 39.01 -31.16 20.80
N LEU A 537 39.55 -30.27 19.97
CA LEU A 537 38.84 -29.86 18.76
C LEU A 537 38.70 -31.04 17.81
N ASP A 538 37.50 -31.19 17.24
CA ASP A 538 37.25 -32.30 16.33
C ASP A 538 38.08 -32.19 15.06
N VAL A 539 38.19 -30.98 14.51
CA VAL A 539 38.91 -30.81 13.25
C VAL A 539 40.38 -31.15 13.42
N PHE A 540 40.99 -30.69 14.51
CA PHE A 540 42.40 -30.97 14.77
C PHE A 540 42.65 -32.47 14.87
N ARG A 541 41.81 -33.16 15.65
CA ARG A 541 41.97 -34.60 15.81
C ARG A 541 41.77 -35.33 14.49
N GLN A 542 40.77 -34.91 13.70
CA GLN A 542 40.54 -35.55 12.42
C GLN A 542 41.73 -35.36 11.48
N SER A 543 42.29 -34.16 11.44
CA SER A 543 43.44 -33.90 10.58
C SER A 543 44.64 -34.76 11.02
N ILE A 544 44.88 -34.83 12.33
CA ILE A 544 46.01 -35.62 12.80
C ILE A 544 45.79 -37.10 12.50
N GLU A 545 44.55 -37.58 12.65
CA GLU A 545 44.25 -38.97 12.34
C GLU A 545 44.46 -39.26 10.87
N GLU A 546 44.05 -38.34 9.99
CA GLU A 546 44.28 -38.52 8.57
C GLU A 546 45.77 -38.57 8.25
N THR A 547 46.56 -37.67 8.85
CA THR A 547 48.00 -37.69 8.63
C THR A 547 48.62 -38.99 9.12
N ALA A 548 48.19 -39.45 10.30
CA ALA A 548 48.72 -40.70 10.85
C ALA A 548 48.37 -41.88 9.95
N ALA A 549 47.14 -41.92 9.44
CA ALA A 549 46.75 -42.99 8.53
C ALA A 549 47.59 -42.95 7.25
N ILE A 550 47.84 -41.75 6.73
CA ILE A 550 48.66 -41.63 5.52
C ILE A 550 50.07 -42.13 5.78
N LEU A 551 50.65 -41.77 6.94
CA LEU A 551 52.03 -42.13 7.23
C LEU A 551 52.19 -43.56 7.73
N SER A 552 51.11 -44.22 8.15
CA SER A 552 51.21 -45.58 8.68
C SER A 552 51.86 -46.55 7.70
N PRO A 553 51.50 -46.59 6.41
CA PRO A 553 52.12 -47.56 5.50
C PRO A 553 53.64 -47.51 5.50
N PHE A 554 54.22 -46.39 5.94
CA PHE A 554 55.66 -46.21 6.00
C PHE A 554 56.24 -46.60 7.37
N GLY A 555 55.47 -47.27 8.21
CA GLY A 555 55.98 -47.71 9.50
C GLY A 555 56.12 -46.61 10.52
N VAL A 556 55.34 -45.54 10.41
CA VAL A 556 55.37 -44.42 11.35
C VAL A 556 54.00 -44.31 12.00
N ASP A 557 53.99 -44.29 13.33
CA ASP A 557 52.75 -44.21 14.11
C ASP A 557 52.73 -42.82 14.73
N LEU A 558 52.16 -41.87 13.98
CA LEU A 558 52.11 -40.49 14.44
C LEU A 558 51.33 -40.35 15.72
N MET A 559 50.24 -41.11 15.86
CA MET A 559 49.39 -41.00 17.04
C MET A 559 50.19 -41.27 18.32
N SER A 560 50.97 -42.35 18.32
CA SER A 560 51.74 -42.69 19.52
C SER A 560 52.78 -41.61 19.84
N LEU A 561 53.49 -41.13 18.82
CA LEU A 561 54.50 -40.11 19.07
C LEU A 561 53.87 -38.84 19.63
N LEU A 562 52.68 -38.48 19.14
CA LEU A 562 52.05 -37.23 19.59
C LEU A 562 51.45 -37.39 20.98
N MET A 563 50.87 -38.55 21.29
CA MET A 563 50.15 -38.72 22.56
C MET A 563 51.08 -39.23 23.66
N ASP A 564 51.66 -40.40 23.47
CA ASP A 564 52.50 -41.03 24.48
C ASP A 564 53.99 -40.82 24.23
N GLY A 565 54.35 -39.97 23.27
CA GLY A 565 55.75 -39.74 22.99
C GLY A 565 56.47 -39.11 24.17
N THR A 566 57.75 -39.43 24.29
CA THR A 566 58.60 -38.94 25.37
C THR A 566 59.74 -38.11 24.79
N GLU A 567 60.54 -37.53 25.69
CA GLU A 567 61.66 -36.70 25.24
C GLU A 567 62.67 -37.51 24.44
N ASP A 568 62.95 -38.74 24.89
CA ASP A 568 63.93 -39.57 24.19
C ASP A 568 63.50 -39.84 22.75
N LYS A 569 62.20 -40.10 22.54
CA LYS A 569 61.71 -40.30 21.18
C LYS A 569 61.88 -39.03 20.35
N LEU A 570 61.58 -37.87 20.92
CA LEU A 570 61.74 -36.62 20.20
C LEU A 570 63.20 -36.30 19.90
N LYS A 571 64.13 -36.87 20.68
CA LYS A 571 65.55 -36.63 20.40
C LYS A 571 65.94 -37.16 19.02
N GLU A 572 65.25 -38.18 18.53
CA GLU A 572 65.56 -38.75 17.23
C GLU A 572 65.26 -37.73 16.13
N ILE A 573 65.62 -38.09 14.90
CA ILE A 573 65.52 -37.14 13.79
C ILE A 573 64.10 -37.14 13.21
N MET A 574 63.56 -38.31 12.90
CA MET A 574 62.27 -38.37 12.22
C MET A 574 61.14 -37.78 13.04
N PRO A 575 60.93 -38.16 14.30
CA PRO A 575 59.71 -37.74 15.02
C PRO A 575 59.57 -36.24 15.08
N PRO A 576 60.67 -35.48 15.29
CA PRO A 576 60.55 -34.02 15.21
C PRO A 576 59.90 -33.53 13.92
N PHE A 577 60.46 -33.92 12.78
CA PHE A 577 59.89 -33.47 11.50
C PHE A 577 58.45 -33.92 11.36
N ILE A 578 58.17 -35.18 11.67
CA ILE A 578 56.82 -35.72 11.47
C ILE A 578 55.82 -34.95 12.31
N CYS A 579 56.11 -34.79 13.61
CA CYS A 579 55.18 -34.13 14.50
C CYS A 579 55.02 -32.66 14.15
N ILE A 580 56.12 -31.97 13.83
CA ILE A 580 56.01 -30.55 13.49
C ILE A 580 55.15 -30.36 12.25
N ASN A 581 55.39 -31.18 11.22
CA ASN A 581 54.59 -31.06 10.00
C ASN A 581 53.12 -31.39 10.27
N ALA A 582 52.87 -32.43 11.07
CA ALA A 582 51.49 -32.80 11.36
C ALA A 582 50.77 -31.68 12.11
N ILE A 583 51.43 -31.08 13.10
CA ILE A 583 50.81 -30.00 13.86
C ILE A 583 50.57 -28.79 12.97
N GLN A 584 51.53 -28.47 12.09
CA GLN A 584 51.34 -27.35 11.19
C GLN A 584 50.15 -27.60 10.26
N LEU A 585 50.04 -28.81 9.72
CA LEU A 585 48.91 -29.13 8.85
C LEU A 585 47.59 -29.05 9.60
N ALA A 586 47.56 -29.54 10.85
CA ALA A 586 46.33 -29.49 11.63
C ALA A 586 45.93 -28.04 11.91
N LEU A 587 46.89 -27.19 12.26
CA LEU A 587 46.58 -25.80 12.50
C LEU A 587 46.10 -25.10 11.23
N THR A 588 46.72 -25.43 10.09
CA THR A 588 46.26 -24.87 8.83
C THR A 588 44.84 -25.31 8.52
N ASP A 589 44.52 -26.58 8.78
CA ASP A 589 43.16 -27.06 8.57
C ASP A 589 42.18 -26.34 9.47
N LEU A 590 42.55 -26.13 10.73
CA LEU A 590 41.67 -25.39 11.65
C LEU A 590 41.42 -23.99 11.14
N LEU A 591 42.47 -23.30 10.72
CA LEU A 591 42.31 -21.93 10.22
C LEU A 591 41.44 -21.91 8.97
N ASN A 592 41.65 -22.85 8.05
CA ASN A 592 40.85 -22.90 6.84
C ASN A 592 39.38 -23.17 7.16
N SER A 593 39.12 -24.10 8.08
CA SER A 593 37.74 -24.37 8.48
C SER A 593 37.09 -23.13 9.08
N MET A 594 37.84 -22.40 9.90
CA MET A 594 37.30 -21.16 10.47
C MET A 594 37.01 -20.13 9.39
N GLY A 595 37.75 -20.18 8.29
CA GLY A 595 37.56 -19.25 7.20
C GLY A 595 38.55 -18.10 7.16
N ILE A 596 39.77 -18.30 7.63
CA ILE A 596 40.80 -17.26 7.58
C ILE A 596 41.57 -17.43 6.28
N VAL A 597 41.55 -16.39 5.44
CA VAL A 597 42.22 -16.40 4.14
C VAL A 597 43.55 -15.67 4.30
N PRO A 598 44.70 -16.34 4.18
CA PRO A 598 45.98 -15.64 4.35
C PRO A 598 46.33 -14.83 3.12
N ASP A 599 46.45 -13.52 3.30
CA ASP A 599 46.86 -12.64 2.20
C ASP A 599 48.31 -12.89 1.81
N GLY A 600 49.10 -13.51 2.68
CA GLY A 600 50.47 -13.86 2.36
C GLY A 600 50.92 -15.06 3.16
N LEU A 601 51.92 -15.76 2.63
CA LEU A 601 52.45 -16.95 3.27
C LEU A 601 53.97 -16.92 3.25
N VAL A 602 54.59 -17.15 4.41
CA VAL A 602 56.04 -17.27 4.52
C VAL A 602 56.35 -18.40 5.48
N GLY A 603 57.51 -19.00 5.33
CA GLY A 603 57.89 -20.13 6.16
C GLY A 603 59.39 -20.28 6.27
N HIS A 604 59.82 -20.83 7.40
CA HIS A 604 61.22 -21.14 7.63
C HIS A 604 61.53 -22.51 7.04
N SER A 605 62.73 -23.02 7.29
CA SER A 605 63.08 -24.37 6.85
C SER A 605 62.11 -25.38 7.44
N LEU A 606 61.63 -26.30 6.60
CA LEU A 606 60.65 -27.30 6.98
C LEU A 606 59.26 -26.68 7.15
N GLY A 607 59.17 -25.36 7.06
CA GLY A 607 57.90 -24.69 7.11
C GLY A 607 57.39 -24.37 5.71
N GLU A 608 58.28 -24.46 4.72
CA GLU A 608 57.88 -24.23 3.34
C GLU A 608 56.89 -25.28 2.87
N VAL A 609 56.99 -26.50 3.40
CA VAL A 609 56.01 -27.54 3.07
C VAL A 609 54.63 -27.12 3.57
N GLY A 610 54.55 -26.60 4.80
CA GLY A 610 53.28 -26.10 5.30
C GLY A 610 52.76 -24.93 4.49
N CYS A 611 53.66 -24.04 4.06
CA CYS A 611 53.24 -22.93 3.21
C CYS A 611 52.66 -23.44 1.89
N ALA A 612 53.31 -24.44 1.30
CA ALA A 612 52.79 -25.02 0.06
C ALA A 612 51.42 -25.65 0.29
N TYR A 613 51.26 -26.37 1.40
CA TYR A 613 49.98 -27.00 1.70
C TYR A 613 48.89 -25.96 1.87
N ALA A 614 49.19 -24.87 2.58
CA ALA A 614 48.19 -23.82 2.79
C ALA A 614 47.86 -23.10 1.49
N ASP A 615 48.87 -22.89 0.64
CA ASP A 615 48.67 -22.16 -0.60
C ASP A 615 47.84 -22.94 -1.61
N GLY A 616 47.68 -24.25 -1.40
CA GLY A 616 46.96 -25.09 -2.34
C GLY A 616 47.82 -25.73 -3.41
N CYS A 617 49.10 -25.34 -3.51
CA CYS A 617 49.99 -25.97 -4.47
C CYS A 617 50.37 -27.38 -4.06
N LEU A 618 50.24 -27.71 -2.77
CA LEU A 618 50.55 -29.03 -2.25
C LEU A 618 49.32 -29.61 -1.57
N THR A 619 49.39 -30.90 -1.27
CA THR A 619 48.30 -31.62 -0.61
C THR A 619 48.81 -32.25 0.67
N ARG A 620 47.85 -32.69 1.51
CA ARG A 620 48.20 -33.26 2.80
C ARG A 620 49.16 -34.43 2.63
N ARG A 621 48.81 -35.40 1.78
CA ARG A 621 49.66 -36.56 1.58
C ARG A 621 51.02 -36.15 1.04
N GLU A 622 51.04 -35.26 0.05
CA GLU A 622 52.31 -34.84 -0.53
C GLU A 622 53.16 -34.10 0.48
N ALA A 623 52.55 -33.23 1.29
CA ALA A 623 53.30 -32.48 2.30
C ALA A 623 53.90 -33.41 3.34
N ILE A 624 53.10 -34.33 3.88
CA ILE A 624 53.60 -35.22 4.91
C ILE A 624 54.67 -36.14 4.34
N LEU A 625 54.50 -36.58 3.08
CA LEU A 625 55.52 -37.41 2.46
C LEU A 625 56.80 -36.62 2.20
N SER A 626 56.69 -35.34 1.87
CA SER A 626 57.88 -34.51 1.71
C SER A 626 58.64 -34.40 3.02
N ALA A 627 57.93 -34.16 4.12
CA ALA A 627 58.59 -34.10 5.42
C ALA A 627 59.23 -35.44 5.78
N PHE A 628 58.51 -36.53 5.55
CA PHE A 628 59.03 -37.86 5.86
C PHE A 628 60.26 -38.15 5.01
N TRP A 629 60.24 -37.76 3.74
CA TRP A 629 61.39 -38.00 2.86
C TRP A 629 62.58 -37.15 3.28
N ARG A 630 62.33 -35.91 3.73
CA ARG A 630 63.42 -35.11 4.28
C ARG A 630 64.07 -35.80 5.46
N ALA A 631 63.24 -36.28 6.41
CA ALA A 631 63.79 -36.98 7.56
C ALA A 631 64.53 -38.24 7.16
N LYS A 632 63.97 -38.99 6.21
CA LYS A 632 64.60 -40.25 5.78
C LYS A 632 65.93 -39.99 5.09
N ALA A 633 66.01 -38.95 4.26
CA ALA A 633 67.26 -38.61 3.61
C ALA A 633 68.30 -38.17 4.64
N VAL A 634 67.87 -37.40 5.65
CA VAL A 634 68.80 -36.96 6.68
C VAL A 634 69.35 -38.15 7.45
N ILE A 635 68.48 -39.10 7.84
CA ILE A 635 68.92 -40.20 8.69
C ILE A 635 69.72 -41.23 7.89
N ASP A 636 69.21 -41.64 6.73
CA ASP A 636 69.83 -42.74 5.99
C ASP A 636 71.26 -42.39 5.60
N CYS A 637 71.46 -41.20 5.04
CA CYS A 637 72.79 -40.78 4.65
C CYS A 637 73.68 -40.68 5.88
N GLU A 638 74.95 -41.06 5.73
CA GLU A 638 75.92 -40.94 6.82
C GLU A 638 76.56 -39.55 6.82
N VAL A 639 75.71 -38.52 6.84
CA VAL A 639 76.21 -37.15 6.87
C VAL A 639 77.18 -37.02 8.04
N LYS A 640 78.30 -36.38 7.77
CA LYS A 640 79.41 -36.38 8.72
C LYS A 640 79.03 -35.61 9.97
N PRO A 641 79.71 -35.87 11.10
CA PRO A 641 79.42 -35.12 12.31
C PRO A 641 79.40 -33.63 12.04
N GLY A 642 78.21 -33.02 12.11
CA GLY A 642 78.01 -31.65 11.71
C GLY A 642 77.61 -30.79 12.90
N LYS A 643 77.58 -29.48 12.65
CA LYS A 643 77.27 -28.51 13.68
C LYS A 643 76.59 -27.31 13.04
N MET A 644 75.61 -26.75 13.73
CA MET A 644 74.98 -25.49 13.36
C MET A 644 74.99 -24.58 14.57
N ALA A 645 75.18 -23.28 14.33
CA ALA A 645 75.25 -22.34 15.44
C ALA A 645 74.69 -20.99 15.03
N ALA A 646 73.89 -20.40 15.91
CA ALA A 646 73.30 -19.08 15.71
C ALA A 646 74.32 -18.04 16.18
N VAL A 647 75.16 -17.59 15.25
CA VAL A 647 76.11 -16.52 15.52
C VAL A 647 75.33 -15.22 15.67
N GLU A 648 75.98 -14.20 16.23
CA GLU A 648 75.40 -12.87 16.35
C GLU A 648 75.94 -11.92 15.30
N LEU A 649 76.45 -12.46 14.19
CA LEU A 649 77.07 -11.65 13.15
C LEU A 649 76.03 -11.26 12.11
N THR A 650 76.37 -10.27 11.29
CA THR A 650 75.52 -9.88 10.17
C THR A 650 75.71 -10.85 9.00
N TRP A 651 74.75 -10.83 8.07
CA TRP A 651 74.78 -11.78 6.96
C TRP A 651 76.10 -11.71 6.21
N GLU A 652 76.50 -10.52 5.77
CA GLU A 652 77.76 -10.38 5.04
C GLU A 652 78.95 -10.67 5.95
N GLU A 653 78.91 -10.19 7.19
CA GLU A 653 80.01 -10.43 8.10
C GLU A 653 80.18 -11.91 8.39
N ALA A 654 79.07 -12.62 8.58
CA ALA A 654 79.15 -14.07 8.76
C ALA A 654 79.60 -14.77 7.49
N LYS A 655 79.23 -14.24 6.33
CA LYS A 655 79.65 -14.79 5.04
C LYS A 655 81.11 -14.54 4.75
N ARG A 656 81.75 -13.60 5.47
CA ARG A 656 83.19 -13.39 5.35
C ARG A 656 83.98 -14.11 6.45
N LEU A 657 83.45 -14.16 7.67
CA LEU A 657 84.11 -14.88 8.75
C LEU A 657 84.03 -16.39 8.56
N CYS A 658 83.09 -16.88 7.75
CA CYS A 658 82.88 -18.31 7.55
C CYS A 658 84.17 -18.98 7.09
N PRO A 659 84.77 -19.85 7.90
CA PRO A 659 86.00 -20.52 7.46
C PRO A 659 85.70 -21.70 6.55
N PRO A 660 86.71 -22.48 6.17
CA PRO A 660 86.46 -23.66 5.33
C PRO A 660 85.60 -24.68 6.07
N GLY A 661 84.85 -25.45 5.29
CA GLY A 661 83.92 -26.40 5.88
C GLY A 661 82.85 -25.75 6.72
N VAL A 662 82.52 -24.50 6.41
CA VAL A 662 81.56 -23.72 7.20
C VAL A 662 80.90 -22.71 6.27
N VAL A 663 79.57 -22.70 6.25
CA VAL A 663 78.79 -21.87 5.34
C VAL A 663 77.58 -21.34 6.09
N ALA A 664 77.20 -20.10 5.80
CA ALA A 664 76.07 -19.48 6.47
C ALA A 664 74.78 -20.05 5.91
N ALA A 665 73.92 -20.58 6.78
CA ALA A 665 72.76 -21.36 6.38
C ALA A 665 71.47 -20.55 6.39
N CYS A 666 71.11 -19.99 7.54
CA CYS A 666 69.80 -19.34 7.73
C CYS A 666 70.01 -17.89 8.14
N HIS A 667 69.57 -16.97 7.28
CA HIS A 667 69.57 -15.55 7.58
C HIS A 667 68.25 -15.23 8.29
N ASN A 668 68.23 -15.49 9.61
CA ASN A 668 67.00 -15.44 10.37
C ASN A 668 66.53 -14.00 10.59
N SER A 669 67.33 -13.22 11.29
CA SER A 669 67.08 -11.80 11.52
C SER A 669 68.22 -10.99 10.92
N GLN A 670 68.14 -9.67 11.08
CA GLN A 670 69.24 -8.82 10.62
C GLN A 670 70.48 -8.98 11.48
N ASP A 671 70.35 -9.60 12.66
CA ASP A 671 71.47 -9.82 13.57
C ASP A 671 71.55 -11.29 13.99
N SER A 672 71.13 -12.19 13.12
CA SER A 672 71.16 -13.62 13.42
C SER A 672 71.49 -14.40 12.16
N VAL A 673 72.44 -15.33 12.28
CA VAL A 673 72.85 -16.20 11.19
C VAL A 673 73.04 -17.59 11.78
N THR A 674 72.83 -18.62 10.95
CA THR A 674 72.82 -20.00 11.44
C THR A 674 74.04 -20.72 10.87
N ILE A 675 75.20 -20.09 11.02
CA ILE A 675 76.44 -20.57 10.40
C ILE A 675 76.62 -22.04 10.75
N SER A 676 76.76 -22.91 9.75
CA SER A 676 76.82 -24.34 9.98
C SER A 676 77.91 -24.98 9.13
N GLY A 677 78.44 -26.08 9.61
CA GLY A 677 79.48 -26.78 8.89
C GLY A 677 79.90 -28.05 9.56
N GLY A 678 81.12 -28.48 9.27
CA GLY A 678 81.66 -29.66 9.91
C GLY A 678 81.92 -29.45 11.38
N ALA A 679 81.79 -30.53 12.16
CA ALA A 679 81.88 -30.41 13.62
C ALA A 679 83.21 -29.79 14.04
N GLN A 680 84.31 -30.24 13.46
CA GLN A 680 85.63 -29.69 13.81
C GLN A 680 85.74 -28.23 13.40
N GLU A 681 85.42 -27.93 12.14
CA GLU A 681 85.50 -26.56 11.64
C GLU A 681 84.54 -25.67 12.40
N MET A 682 83.32 -26.16 12.64
CA MET A 682 82.35 -25.38 13.39
C MET A 682 82.86 -25.10 14.81
N THR A 683 83.48 -26.09 15.44
CA THR A 683 83.99 -25.91 16.80
C THR A 683 85.05 -24.81 16.85
N LYS A 684 86.06 -24.91 15.98
CA LYS A 684 87.12 -23.91 16.03
C LYS A 684 86.60 -22.55 15.61
N PHE A 685 85.66 -22.49 14.66
CA PHE A 685 85.09 -21.20 14.27
C PHE A 685 84.24 -20.62 15.39
N MET A 686 83.56 -21.48 16.16
CA MET A 686 82.79 -20.99 17.30
C MET A 686 83.72 -20.34 18.31
N ALA A 687 84.81 -21.02 18.66
CA ALA A 687 85.73 -20.47 19.64
C ALA A 687 86.40 -19.20 19.10
N GLU A 688 86.64 -19.13 17.79
CA GLU A 688 87.26 -17.93 17.22
C GLU A 688 86.28 -16.76 17.21
N LEU A 689 85.02 -17.01 16.87
CA LEU A 689 84.01 -15.96 16.93
C LEU A 689 83.83 -15.45 18.35
N SER A 690 83.84 -16.37 19.32
CA SER A 690 83.77 -15.96 20.72
C SER A 690 85.07 -15.30 21.19
N ALA A 691 86.17 -15.49 20.46
CA ALA A 691 87.41 -14.78 20.78
C ALA A 691 87.30 -13.31 20.41
N GLN A 692 86.99 -13.01 19.15
CA GLN A 692 86.61 -11.64 18.79
C GLN A 692 85.44 -11.18 19.64
N GLY A 693 84.52 -12.10 19.95
CA GLY A 693 83.43 -11.83 20.87
C GLY A 693 82.11 -11.58 20.16
N VAL A 694 81.31 -12.65 20.06
CA VAL A 694 79.93 -12.58 19.57
C VAL A 694 79.18 -13.75 20.18
N THR A 695 77.87 -13.57 20.31
CA THR A 695 77.02 -14.56 20.98
C THR A 695 76.74 -15.71 20.01
N VAL A 696 77.66 -16.66 19.95
CA VAL A 696 77.48 -17.85 19.13
C VAL A 696 76.91 -18.97 19.98
N LYS A 697 75.59 -19.01 20.10
CA LYS A 697 74.92 -20.11 20.79
C LYS A 697 74.82 -21.31 19.87
N GLU A 698 74.95 -22.50 20.46
CA GLU A 698 74.81 -23.73 19.69
C GLU A 698 73.33 -24.05 19.52
N VAL A 699 72.92 -24.27 18.28
CA VAL A 699 71.57 -24.76 17.97
C VAL A 699 71.71 -26.26 17.75
N ASN A 700 71.18 -27.06 18.67
CA ASN A 700 71.24 -28.50 18.50
C ASN A 700 70.34 -28.88 17.32
N SER A 701 70.96 -29.31 16.22
CA SER A 701 70.25 -29.64 14.99
C SER A 701 70.25 -31.15 14.79
N ASN A 702 70.11 -31.90 15.89
CA ASN A 702 70.32 -33.34 15.87
C ASN A 702 71.71 -33.66 15.36
N ASN A 703 72.66 -32.76 15.61
CA ASN A 703 74.06 -32.92 15.20
C ASN A 703 74.17 -33.09 13.68
N ILE A 704 73.41 -32.29 12.94
CA ILE A 704 73.42 -32.30 11.49
C ILE A 704 73.44 -30.87 10.99
N SER A 705 74.19 -30.62 9.92
CA SER A 705 74.34 -29.29 9.33
C SER A 705 73.42 -29.19 8.11
N TYR A 706 72.31 -28.50 8.27
CA TYR A 706 71.36 -28.32 7.18
C TYR A 706 71.72 -27.08 6.35
N HIS A 707 71.20 -27.05 5.13
CA HIS A 707 71.37 -25.89 4.24
C HIS A 707 72.84 -25.51 4.07
N SER A 708 73.68 -26.54 3.89
CA SER A 708 75.10 -26.35 3.68
C SER A 708 75.55 -27.32 2.60
N SER A 709 76.85 -27.28 2.29
CA SER A 709 77.39 -28.22 1.30
C SER A 709 77.18 -29.66 1.74
N PHE A 710 77.11 -29.91 3.05
CA PHE A 710 76.88 -31.26 3.55
C PHE A 710 75.54 -31.82 3.09
N MET A 711 74.61 -30.96 2.68
CA MET A 711 73.31 -31.39 2.19
C MET A 711 73.30 -31.65 0.70
N THR A 712 74.46 -31.57 0.03
CA THR A 712 74.51 -31.83 -1.40
C THR A 712 74.05 -33.25 -1.73
N GLU A 713 74.49 -34.23 -0.93
CA GLU A 713 74.07 -35.61 -1.19
C GLU A 713 72.60 -35.81 -0.85
N PRO A 714 72.13 -35.57 0.38
CA PRO A 714 70.71 -35.83 0.69
C PRO A 714 69.76 -35.11 -0.24
N ALA A 715 70.03 -33.85 -0.58
CA ALA A 715 69.10 -33.09 -1.41
C ALA A 715 68.80 -33.83 -2.70
N ALA A 716 69.85 -34.23 -3.42
CA ALA A 716 69.65 -35.03 -4.63
C ALA A 716 68.82 -36.26 -4.32
N TYR A 717 69.20 -36.99 -3.27
CA TYR A 717 68.40 -38.13 -2.84
C TYR A 717 66.94 -37.72 -2.67
N LEU A 718 66.71 -36.62 -1.93
CA LEU A 718 65.36 -36.14 -1.74
C LEU A 718 64.66 -35.96 -3.08
N LYS A 719 65.35 -35.33 -4.03
CA LYS A 719 64.77 -35.16 -5.37
C LYS A 719 64.36 -36.51 -5.93
N LYS A 720 65.29 -37.47 -5.94
CA LYS A 720 64.95 -38.80 -6.44
C LYS A 720 63.78 -39.39 -5.69
N GLY A 721 63.70 -39.12 -4.38
CA GLY A 721 62.56 -39.60 -3.61
C GLY A 721 61.26 -38.92 -3.99
N LEU A 722 61.31 -37.61 -4.26
CA LEU A 722 60.10 -36.83 -4.44
C LEU A 722 59.74 -36.60 -5.90
N GLU A 723 60.60 -36.99 -6.85
CA GLU A 723 60.26 -36.78 -8.25
C GLU A 723 59.04 -37.60 -8.68
N LYS A 724 58.83 -38.74 -8.04
CA LYS A 724 57.74 -39.64 -8.40
C LYS A 724 56.46 -39.38 -7.62
N GLU A 725 56.48 -38.46 -6.65
CA GLU A 725 55.34 -38.21 -5.79
C GLU A 725 54.76 -36.82 -5.96
N ILE A 726 55.59 -35.78 -5.86
CA ILE A 726 55.10 -34.40 -5.91
C ILE A 726 54.75 -34.05 -7.35
N VAL A 727 53.47 -33.78 -7.60
CA VAL A 727 53.01 -33.37 -8.92
C VAL A 727 53.24 -31.86 -9.06
N PRO A 728 53.99 -31.41 -10.07
CA PRO A 728 54.23 -29.96 -10.20
C PRO A 728 52.91 -29.18 -10.24
N LYS A 729 52.88 -28.07 -9.51
CA LYS A 729 51.73 -27.18 -9.49
C LYS A 729 52.23 -25.74 -9.35
N PRO A 730 51.49 -24.78 -9.88
CA PRO A 730 51.95 -23.39 -9.81
C PRO A 730 51.97 -22.86 -8.39
N ARG A 731 52.87 -21.91 -8.13
CA ARG A 731 52.97 -21.24 -6.85
C ARG A 731 52.32 -19.86 -6.96
N SER A 732 51.37 -19.60 -6.07
CA SER A 732 50.67 -18.33 -6.09
C SER A 732 51.57 -17.20 -5.58
N LYS A 733 51.24 -15.97 -6.00
CA LYS A 733 52.01 -14.81 -5.58
C LYS A 733 51.95 -14.60 -4.07
N LYS A 734 50.92 -15.14 -3.40
CA LYS A 734 50.83 -14.98 -1.95
C LYS A 734 52.01 -15.63 -1.25
N TRP A 735 52.40 -16.82 -1.69
CA TRP A 735 53.52 -17.53 -1.07
C TRP A 735 54.83 -16.85 -1.47
N ILE A 736 55.61 -16.45 -0.48
CA ILE A 736 56.91 -15.80 -0.70
C ILE A 736 57.99 -16.83 -0.42
N SER A 737 58.75 -17.18 -1.46
CA SER A 737 59.81 -18.17 -1.30
C SER A 737 60.92 -17.63 -0.42
N THR A 738 61.44 -18.49 0.46
CA THR A 738 62.53 -18.14 1.37
C THR A 738 63.81 -18.92 1.05
N SER A 739 63.90 -19.51 -0.14
CA SER A 739 65.06 -20.31 -0.50
C SER A 739 65.66 -19.85 -1.82
N ILE A 740 64.83 -19.32 -2.71
CA ILE A 740 65.26 -18.85 -4.03
C ILE A 740 65.35 -17.34 -3.98
N PRO A 741 66.51 -16.74 -4.29
CA PRO A 741 66.63 -15.28 -4.23
C PRO A 741 65.65 -14.59 -5.17
N GLU A 742 65.25 -13.38 -4.78
CA GLU A 742 64.32 -12.60 -5.59
C GLU A 742 64.79 -12.48 -7.03
N GLU A 743 66.10 -12.27 -7.22
CA GLU A 743 66.62 -12.11 -8.57
C GLU A 743 66.41 -13.35 -9.43
N ARG A 744 66.16 -14.51 -8.81
CA ARG A 744 65.90 -15.74 -9.55
C ARG A 744 64.45 -16.19 -9.46
N TRP A 745 63.56 -15.35 -8.91
CA TRP A 745 62.15 -15.72 -8.82
C TRP A 745 61.53 -15.88 -10.21
N GLY A 746 61.87 -14.97 -11.13
CA GLY A 746 61.29 -15.02 -12.46
C GLY A 746 61.66 -16.26 -13.25
N ASN A 747 62.71 -16.97 -12.84
CA ASN A 747 63.14 -18.15 -13.56
C ASN A 747 62.18 -19.30 -13.32
N PRO A 748 62.17 -20.29 -14.23
CA PRO A 748 61.18 -21.38 -14.09
C PRO A 748 61.27 -22.15 -12.77
N GLU A 749 62.49 -22.32 -12.24
CA GLU A 749 62.64 -23.11 -11.02
C GLU A 749 61.73 -22.58 -9.92
N ALA A 750 61.55 -21.26 -9.86
CA ALA A 750 60.66 -20.64 -8.89
C ALA A 750 59.25 -20.43 -9.44
N GLN A 751 58.65 -21.48 -10.00
CA GLN A 751 57.24 -21.46 -10.38
C GLN A 751 56.44 -22.64 -9.84
N THR A 752 57.07 -23.75 -9.48
CA THR A 752 56.36 -24.90 -8.95
C THR A 752 57.13 -25.47 -7.77
N ALA A 753 56.39 -26.00 -6.80
CA ALA A 753 56.99 -26.60 -5.61
C ALA A 753 57.12 -28.12 -5.79
N ASP A 754 57.85 -28.49 -6.84
CA ASP A 754 58.08 -29.90 -7.14
C ASP A 754 59.26 -30.40 -6.31
N ALA A 755 59.75 -31.60 -6.63
CA ALA A 755 60.88 -32.15 -5.90
C ALA A 755 62.10 -31.25 -5.98
N SER A 756 62.28 -30.55 -7.11
CA SER A 756 63.41 -29.64 -7.24
C SER A 756 63.32 -28.53 -6.21
N TYR A 757 62.13 -27.99 -5.97
CA TYR A 757 61.97 -26.92 -4.98
C TYR A 757 62.31 -27.44 -3.58
N GLN A 758 61.86 -28.64 -3.24
CA GLN A 758 62.17 -29.21 -1.92
C GLN A 758 63.67 -29.42 -1.77
N ALA A 759 64.32 -29.97 -2.79
CA ALA A 759 65.76 -30.15 -2.72
C ALA A 759 66.48 -28.83 -2.57
N ASN A 760 66.05 -27.81 -3.32
CA ASN A 760 66.69 -26.50 -3.24
C ASN A 760 66.55 -25.88 -1.86
N ASN A 761 65.34 -25.98 -1.27
CA ASN A 761 65.16 -25.38 0.05
C ASN A 761 65.89 -26.15 1.12
N LEU A 762 66.00 -27.48 0.97
CA LEU A 762 66.80 -28.25 1.92
C LEU A 762 68.30 -28.03 1.72
N LEU A 763 68.71 -27.56 0.54
CA LEU A 763 70.11 -27.33 0.23
C LEU A 763 70.52 -25.88 0.36
N SER A 764 69.82 -24.97 -0.32
CA SER A 764 70.20 -23.57 -0.31
C SER A 764 69.88 -22.93 1.05
N SER A 765 70.47 -21.76 1.27
CA SER A 765 70.25 -21.03 2.50
C SER A 765 68.82 -20.52 2.58
N VAL A 766 68.37 -20.25 3.80
CA VAL A 766 67.03 -19.76 4.06
C VAL A 766 67.11 -18.24 4.18
N LEU A 767 66.48 -17.54 3.24
CA LEU A 767 66.46 -16.08 3.25
C LEU A 767 65.20 -15.57 3.96
N PHE A 768 65.14 -15.87 5.26
CA PHE A 768 63.97 -15.50 6.05
C PHE A 768 63.81 -13.98 6.11
N TYR A 769 64.90 -13.25 6.31
CA TYR A 769 64.82 -11.80 6.39
C TYR A 769 64.32 -11.21 5.08
N GLU A 770 64.80 -11.73 3.95
CA GLU A 770 64.35 -11.22 2.65
C GLU A 770 62.85 -11.41 2.48
N GLY A 771 62.34 -12.58 2.86
CA GLY A 771 60.91 -12.81 2.78
C GLY A 771 60.12 -11.90 3.71
N LEU A 772 60.61 -11.73 4.94
CA LEU A 772 59.91 -10.87 5.90
C LEU A 772 59.90 -9.42 5.43
N GLN A 773 60.94 -8.99 4.71
CA GLN A 773 60.97 -7.62 4.21
C GLN A 773 59.77 -7.31 3.34
N LYS A 774 59.28 -8.31 2.60
CA LYS A 774 58.12 -8.10 1.75
C LYS A 774 56.85 -7.84 2.55
N ILE A 775 56.82 -8.23 3.82
CA ILE A 775 55.63 -8.02 4.65
C ILE A 775 55.40 -6.52 4.83
N PRO A 776 54.15 -6.04 4.80
CA PRO A 776 53.90 -4.61 5.01
C PRO A 776 54.32 -4.15 6.41
N SER A 777 54.16 -2.85 6.67
CA SER A 777 54.54 -2.27 7.95
C SER A 777 53.46 -2.41 9.02
N ASN A 778 52.26 -2.84 8.66
CA ASN A 778 51.16 -2.98 9.63
C ASN A 778 50.39 -4.27 9.37
N ALA A 779 51.09 -5.33 9.02
CA ALA A 779 50.46 -6.61 8.72
C ALA A 779 50.36 -7.48 9.97
N ILE A 780 49.29 -8.27 10.03
CA ILE A 780 49.09 -9.22 11.13
C ILE A 780 49.74 -10.54 10.72
N ALA A 781 50.83 -10.89 11.38
CA ALA A 781 51.56 -12.12 11.10
C ALA A 781 51.17 -13.16 12.14
N ILE A 782 50.60 -14.27 11.67
CA ILE A 782 50.20 -15.37 12.54
C ILE A 782 51.28 -16.44 12.48
N GLU A 783 51.87 -16.73 13.64
CA GLU A 783 52.95 -17.71 13.74
C GLU A 783 52.33 -19.09 13.95
N ILE A 784 52.27 -19.89 12.89
CA ILE A 784 51.66 -21.21 12.94
C ILE A 784 52.78 -22.22 13.19
N ALA A 785 52.78 -22.82 14.39
CA ALA A 785 53.79 -23.79 14.76
C ALA A 785 53.45 -24.41 16.11
N PRO A 786 54.09 -25.51 16.50
CA PRO A 786 53.82 -26.07 17.83
C PRO A 786 54.13 -25.10 18.95
N ALA A 787 55.06 -24.17 18.75
CA ALA A 787 55.39 -23.17 19.76
C ALA A 787 55.87 -21.91 19.05
N GLY A 788 55.78 -20.79 19.77
CA GLY A 788 56.20 -19.51 19.23
C GLY A 788 57.71 -19.35 19.25
N LEU A 789 58.41 -20.15 18.45
CA LEU A 789 59.86 -20.11 18.44
C LEU A 789 60.39 -18.81 17.85
N LEU A 790 59.75 -18.31 16.79
CA LEU A 790 60.24 -17.17 16.03
C LEU A 790 59.58 -15.86 16.43
N GLN A 791 58.99 -15.79 17.63
CA GLN A 791 58.30 -14.58 18.05
C GLN A 791 59.24 -13.38 18.06
N SER A 792 60.38 -13.52 18.75
CA SER A 792 61.32 -12.41 18.85
C SER A 792 61.91 -12.05 17.49
N VAL A 793 62.26 -13.06 16.69
CA VAL A 793 62.85 -12.80 15.38
C VAL A 793 61.88 -12.02 14.51
N ILE A 794 60.62 -12.45 14.47
CA ILE A 794 59.62 -11.77 13.64
C ILE A 794 59.37 -10.36 14.16
N LYS A 795 59.29 -10.20 15.48
CA LYS A 795 59.06 -8.88 16.04
C LYS A 795 60.19 -7.92 15.67
N LYS A 796 61.44 -8.38 15.77
CA LYS A 796 62.57 -7.54 15.39
C LYS A 796 62.58 -7.26 13.89
N SER A 797 62.14 -8.23 13.09
CA SER A 797 62.20 -8.07 11.64
C SER A 797 61.15 -7.09 11.12
N LEU A 798 59.87 -7.38 11.39
CA LEU A 798 58.80 -6.58 10.82
C LEU A 798 58.89 -5.13 11.27
N GLY A 799 58.72 -4.90 12.56
CA GLY A 799 58.77 -3.55 13.10
C GLY A 799 57.84 -3.43 14.30
N GLN A 800 57.36 -2.20 14.52
CA GLN A 800 56.52 -1.89 15.67
C GLN A 800 55.04 -1.90 15.35
N ASP A 801 54.65 -1.59 14.11
CA ASP A 801 53.25 -1.47 13.74
C ASP A 801 52.62 -2.78 13.31
N CYS A 802 53.38 -3.87 13.28
CA CYS A 802 52.88 -5.17 12.88
C CYS A 802 52.51 -5.99 14.11
N THR A 803 51.32 -6.56 14.10
CA THR A 803 50.88 -7.42 15.18
C THR A 803 51.44 -8.83 15.01
N ILE A 804 51.97 -9.38 16.09
CA ILE A 804 52.56 -10.71 16.10
C ILE A 804 51.84 -11.55 17.15
N VAL A 805 51.38 -12.73 16.74
CA VAL A 805 50.69 -13.65 17.63
C VAL A 805 51.28 -15.05 17.42
N ALA A 806 51.11 -15.89 18.43
CA ALA A 806 51.51 -17.29 18.38
C ALA A 806 50.32 -18.16 18.76
N LEU A 807 50.03 -19.15 17.94
CA LEU A 807 48.89 -20.03 18.18
C LEU A 807 49.12 -21.02 19.31
N GLN A 808 50.37 -21.21 19.73
CA GLN A 808 50.70 -22.17 20.78
C GLN A 808 51.81 -21.59 21.66
N LYS A 809 51.88 -22.08 22.88
CA LYS A 809 52.91 -21.70 23.84
C LYS A 809 53.59 -22.96 24.38
N ARG A 810 54.91 -22.88 24.53
CA ARG A 810 55.68 -24.03 24.98
C ARG A 810 55.28 -24.42 26.40
N LYS A 811 55.04 -25.71 26.61
CA LYS A 811 54.77 -26.26 27.94
C LYS A 811 53.61 -25.54 28.62
N SER A 812 52.66 -25.02 27.83
CA SER A 812 51.50 -24.37 28.42
C SER A 812 50.59 -25.42 29.06
N PRO A 813 49.89 -25.07 30.14
CA PRO A 813 48.99 -26.05 30.77
C PRO A 813 47.69 -26.26 30.02
N ASN A 814 47.31 -25.34 29.13
CA ASN A 814 46.10 -25.49 28.33
C ASN A 814 46.32 -24.73 27.03
N ASN A 815 46.69 -25.47 25.97
CA ASN A 815 46.99 -24.84 24.68
C ASN A 815 45.73 -24.42 23.93
N LEU A 816 44.58 -25.04 24.22
CA LEU A 816 43.34 -24.61 23.57
C LEU A 816 43.01 -23.17 23.93
N GLU A 817 43.19 -22.81 25.20
CA GLU A 817 42.94 -21.43 25.62
C GLU A 817 43.90 -20.47 24.93
N VAL A 818 45.17 -20.87 24.79
CA VAL A 818 46.14 -20.01 24.11
C VAL A 818 45.73 -19.81 22.66
N PHE A 819 45.32 -20.89 21.99
CA PHE A 819 44.87 -20.80 20.61
C PHE A 819 43.69 -19.85 20.48
N PHE A 820 42.70 -19.99 21.36
CA PHE A 820 41.53 -19.13 21.31
C PHE A 820 41.89 -17.68 21.60
N SER A 821 42.79 -17.45 22.55
CA SER A 821 43.19 -16.08 22.88
C SER A 821 43.94 -15.43 21.73
N ALA A 822 44.85 -16.17 21.08
CA ALA A 822 45.56 -15.61 19.93
C ALA A 822 44.58 -15.30 18.80
N LEU A 823 43.61 -16.17 18.56
CA LEU A 823 42.64 -15.91 17.50
C LEU A 823 41.76 -14.72 17.86
N GLY A 824 41.38 -14.59 19.13
CA GLY A 824 40.61 -13.42 19.55
C GLY A 824 41.38 -12.13 19.36
N LYS A 825 42.67 -12.15 19.69
CA LYS A 825 43.51 -10.98 19.43
C LYS A 825 43.56 -10.66 17.94
N CYS A 826 43.75 -11.69 17.12
CA CYS A 826 43.79 -11.48 15.67
C CYS A 826 42.51 -10.84 15.17
N TYR A 827 41.36 -11.33 15.65
CA TYR A 827 40.09 -10.72 15.26
C TYR A 827 40.01 -9.28 15.75
N SER A 828 40.44 -9.03 16.99
CA SER A 828 40.38 -7.68 17.55
C SER A 828 41.21 -6.70 16.72
N HIS A 829 42.27 -7.18 16.09
CA HIS A 829 43.10 -6.39 15.18
C HIS A 829 42.52 -6.26 13.78
N GLY A 830 41.39 -6.90 13.50
CA GLY A 830 40.68 -6.66 12.25
C GLY A 830 40.91 -7.67 11.15
N VAL A 831 40.79 -8.96 11.47
CA VAL A 831 40.85 -10.03 10.47
C VAL A 831 39.56 -10.84 10.59
N PRO A 832 38.78 -11.00 9.53
CA PRO A 832 37.54 -11.76 9.64
C PRO A 832 37.80 -13.24 9.91
N MET A 833 36.88 -13.87 10.63
CA MET A 833 36.95 -15.29 10.92
C MET A 833 35.59 -15.77 11.39
N ASN A 834 35.43 -17.10 11.39
CA ASN A 834 34.19 -17.76 11.81
C ASN A 834 34.52 -18.71 12.96
N PRO A 835 34.40 -18.27 14.21
CA PRO A 835 34.73 -19.16 15.33
C PRO A 835 33.88 -20.42 15.40
N LEU A 836 32.70 -20.42 14.79
CA LEU A 836 31.81 -21.58 14.85
C LEU A 836 32.08 -22.59 13.74
N GLY A 837 33.11 -22.36 12.92
CA GLY A 837 33.43 -23.32 11.87
C GLY A 837 34.10 -24.59 12.38
N LEU A 838 34.51 -24.62 13.64
CA LEU A 838 35.12 -25.81 14.23
C LEU A 838 34.09 -26.82 14.73
N TYR A 839 32.81 -26.51 14.65
CA TYR A 839 31.74 -27.36 15.13
C TYR A 839 30.69 -27.51 14.04
N PRO A 840 29.83 -28.52 14.14
CA PRO A 840 28.80 -28.70 13.12
C PRO A 840 27.92 -27.46 12.99
N ALA A 841 27.56 -27.14 11.74
CA ALA A 841 26.79 -25.94 11.48
C ALA A 841 25.43 -26.00 12.15
N VAL A 842 24.99 -24.87 12.68
CA VAL A 842 23.68 -24.77 13.32
C VAL A 842 22.60 -24.71 12.25
N GLN A 843 21.55 -25.51 12.42
CA GLN A 843 20.46 -25.54 11.45
C GLN A 843 19.56 -24.34 11.65
N PHE A 844 19.29 -23.61 10.55
CA PHE A 844 18.44 -22.44 10.59
C PHE A 844 17.05 -22.77 10.02
N PRO A 845 15.98 -22.12 10.50
CA PRO A 845 15.95 -21.09 11.55
C PRO A 845 16.22 -21.66 12.94
N VAL A 846 16.76 -20.84 13.84
CA VAL A 846 17.14 -21.29 15.17
C VAL A 846 15.89 -21.59 15.98
N SER A 847 16.06 -22.28 17.11
CA SER A 847 14.93 -22.59 17.98
C SER A 847 14.34 -21.32 18.57
N ILE A 848 13.04 -21.38 18.88
CA ILE A 848 12.34 -20.22 19.42
C ILE A 848 12.82 -19.84 20.80
N ASP A 849 13.62 -20.68 21.45
CA ASP A 849 14.14 -20.38 22.78
C ASP A 849 15.36 -19.47 22.75
N THR A 850 15.88 -19.16 21.57
CA THR A 850 17.07 -18.30 21.49
C THR A 850 16.74 -16.91 22.01
N PRO A 851 17.58 -16.32 22.88
CA PRO A 851 17.29 -14.97 23.38
C PRO A 851 17.30 -13.92 22.28
N MET A 852 16.98 -12.68 22.63
CA MET A 852 16.90 -11.59 21.68
C MET A 852 18.23 -10.85 21.62
N LEU A 853 18.71 -10.58 20.41
CA LEU A 853 19.95 -9.84 20.21
C LEU A 853 19.72 -8.34 20.05
N SER A 854 18.46 -7.88 19.96
CA SER A 854 18.20 -6.47 19.76
C SER A 854 18.64 -5.64 20.97
N SER A 855 18.41 -6.17 22.17
CA SER A 855 18.73 -5.41 23.38
C SER A 855 20.20 -5.00 23.39
N MET A 856 21.11 -5.97 23.19
CA MET A 856 22.54 -5.68 23.30
C MET A 856 22.93 -4.53 22.39
N VAL A 857 22.46 -4.54 21.14
CA VAL A 857 22.78 -3.46 20.22
C VAL A 857 22.14 -2.16 20.69
N SER A 858 20.94 -2.24 21.26
CA SER A 858 20.27 -1.04 21.72
C SER A 858 21.06 -0.35 22.83
N GLU A 859 21.63 -1.13 23.75
CA GLU A 859 22.42 -0.56 24.84
C GLU A 859 23.90 -0.46 24.49
N ALA A 860 24.29 -0.77 23.26
CA ALA A 860 25.67 -0.72 22.83
C ALA A 860 25.88 0.34 21.75
N TRP A 861 25.17 1.46 21.88
CA TRP A 861 25.28 2.57 20.93
C TRP A 861 26.23 3.63 21.46
N ASP A 862 26.67 4.50 20.56
CA ASP A 862 27.51 5.65 20.89
C ASP A 862 26.61 6.87 20.98
N HIS A 863 26.25 7.25 22.21
CA HIS A 863 25.29 8.31 22.47
C HIS A 863 25.94 9.44 23.26
N SER A 864 27.21 9.75 22.95
CA SER A 864 27.90 10.82 23.67
C SER A 864 27.27 12.17 23.38
N ALA A 865 26.94 12.43 22.12
CA ALA A 865 26.41 13.73 21.71
C ALA A 865 24.91 13.81 21.93
N LYS A 866 24.43 15.04 22.15
CA LYS A 866 23.01 15.32 22.33
C LYS A 866 22.56 16.25 21.22
N TRP A 867 21.45 15.90 20.57
CA TRP A 867 20.92 16.65 19.44
C TRP A 867 19.68 17.44 19.86
N ARG A 868 19.27 18.34 18.97
CA ARG A 868 18.13 19.21 19.25
C ARG A 868 16.85 18.40 19.35
N VAL A 869 15.97 18.81 20.27
CA VAL A 869 14.64 18.21 20.41
C VAL A 869 13.64 19.36 20.47
N PRO A 870 12.42 19.18 19.94
CA PRO A 870 11.43 20.27 20.04
C PRO A 870 11.18 20.67 21.49
N LEU A 871 11.06 21.96 21.71
CA LEU A 871 10.80 22.51 23.03
C LEU A 871 9.37 23.03 23.10
N VAL A 872 8.80 23.02 24.30
CA VAL A 872 7.43 23.46 24.49
C VAL A 872 7.28 24.91 24.05
N GLU A 873 8.25 25.76 24.40
CA GLU A 873 8.15 27.18 24.11
C GLU A 873 8.06 27.47 22.61
N GLU A 874 8.47 26.53 21.77
CA GLU A 874 8.39 26.74 20.32
C GLU A 874 6.99 26.53 19.76
N PHE A 875 6.07 25.98 20.56
CA PHE A 875 4.71 25.74 20.11
C PHE A 875 3.75 26.86 20.50
N GLU A 876 4.24 27.93 21.12
CA GLU A 876 3.41 29.04 21.57
C GLU A 876 3.85 30.32 20.87
N TYR A 877 2.89 31.08 20.37
CA TYR A 877 3.18 32.33 19.68
C TYR A 877 1.90 32.98 19.18
N PRO B 16 -27.98 -13.47 12.15
CA PRO B 16 -26.82 -12.89 12.85
C PRO B 16 -25.48 -13.27 12.22
N PRO B 17 -25.29 -14.52 11.81
CA PRO B 17 -24.04 -14.89 11.14
C PRO B 17 -23.84 -14.07 9.87
N LYS B 18 -22.57 -13.74 9.60
CA LYS B 18 -22.20 -12.93 8.44
C LYS B 18 -21.62 -13.82 7.36
N THR B 19 -22.09 -13.63 6.13
CA THR B 19 -21.59 -14.41 5.01
C THR B 19 -20.21 -13.90 4.62
N PRO B 20 -19.16 -14.73 4.65
CA PRO B 20 -17.83 -14.24 4.25
C PRO B 20 -17.82 -13.76 2.82
N ASN B 21 -17.05 -12.70 2.57
CA ASN B 21 -16.86 -12.19 1.23
C ASN B 21 -15.87 -13.09 0.48
N VAL B 22 -16.10 -13.26 -0.82
CA VAL B 22 -15.27 -14.13 -1.65
C VAL B 22 -14.08 -13.30 -2.11
N VAL B 23 -12.93 -13.50 -1.47
CA VAL B 23 -11.69 -12.82 -1.82
C VAL B 23 -10.90 -13.77 -2.71
N GLU B 24 -10.94 -13.53 -4.01
CA GLU B 24 -10.23 -14.35 -4.99
C GLU B 24 -9.43 -13.47 -5.93
N PRO B 25 -8.33 -13.98 -6.48
CA PRO B 25 -7.54 -13.16 -7.40
C PRO B 25 -8.34 -12.75 -8.62
N TYR B 26 -8.08 -11.55 -9.12
CA TYR B 26 -8.72 -11.01 -10.31
C TYR B 26 -7.72 -11.01 -11.46
N LYS B 27 -8.11 -11.60 -12.58
CA LYS B 27 -7.23 -11.72 -13.74
C LYS B 27 -7.71 -10.89 -14.92
N GLY B 28 -8.73 -10.05 -14.73
CA GLY B 28 -9.26 -9.23 -15.79
C GLY B 28 -8.53 -7.91 -15.92
N GLU B 29 -9.14 -7.00 -16.66
CA GLU B 29 -8.56 -5.69 -16.95
C GLU B 29 -9.06 -4.65 -15.96
N VAL B 30 -8.21 -3.68 -15.68
CA VAL B 30 -8.53 -2.54 -14.81
C VAL B 30 -8.56 -1.29 -15.67
N ALA B 31 -9.65 -0.55 -15.59
CA ALA B 31 -9.89 0.61 -16.45
C ALA B 31 -10.13 1.85 -15.61
N ILE B 32 -9.55 2.97 -16.05
CA ILE B 32 -9.80 4.27 -15.44
C ILE B 32 -11.07 4.84 -16.07
N CYS B 33 -12.09 5.09 -15.24
CA CYS B 33 -13.41 5.48 -15.73
C CYS B 33 -13.66 6.98 -15.59
N GLY B 34 -13.35 7.55 -14.43
CA GLY B 34 -13.65 8.95 -14.15
C GLY B 34 -12.40 9.74 -13.86
N LEU B 35 -12.44 11.03 -14.21
CA LEU B 35 -11.35 11.96 -13.92
C LEU B 35 -11.92 13.33 -13.64
N SER B 36 -11.40 13.98 -12.61
CA SER B 36 -11.78 15.33 -12.27
C SER B 36 -10.69 15.93 -11.40
N GLY B 37 -10.68 17.27 -11.33
CA GLY B 37 -9.69 17.94 -10.51
C GLY B 37 -9.58 19.42 -10.76
N ARG B 38 -8.96 20.13 -9.82
CA ARG B 38 -8.66 21.56 -9.96
C ARG B 38 -7.18 21.71 -10.25
N TYR B 39 -6.86 22.38 -11.34
CA TYR B 39 -5.50 22.61 -11.78
C TYR B 39 -5.22 24.10 -11.88
N PRO B 40 -3.96 24.51 -11.87
CA PRO B 40 -3.66 25.95 -11.90
C PRO B 40 -4.33 26.63 -13.08
N GLU B 41 -5.03 27.74 -12.79
CA GLU B 41 -5.78 28.47 -13.81
C GLU B 41 -6.75 27.55 -14.53
N SER B 42 -7.37 26.64 -13.78
CA SER B 42 -8.34 25.70 -14.35
C SER B 42 -9.25 25.23 -13.23
N ALA B 43 -10.55 25.46 -13.37
CA ALA B 43 -11.54 25.00 -12.41
C ALA B 43 -12.10 23.62 -12.74
N ASN B 44 -11.70 23.03 -13.88
CA ASN B 44 -12.21 21.73 -14.28
C ASN B 44 -11.26 21.15 -15.31
N VAL B 45 -11.54 19.90 -15.72
CA VAL B 45 -10.69 19.22 -16.69
C VAL B 45 -10.79 19.89 -18.05
N GLY B 46 -11.97 20.41 -18.40
CA GLY B 46 -12.12 21.05 -19.69
C GLY B 46 -11.24 22.28 -19.85
N GLU B 47 -11.16 23.11 -18.80
CA GLU B 47 -10.30 24.27 -18.85
C GLU B 47 -8.83 23.86 -18.98
N LEU B 48 -8.42 22.82 -18.24
CA LEU B 48 -7.05 22.34 -18.36
C LEU B 48 -6.75 21.87 -19.77
N GLU B 49 -7.68 21.13 -20.38
CA GLU B 49 -7.48 20.65 -21.74
C GLU B 49 -7.37 21.81 -22.71
N TYR B 50 -8.27 22.78 -22.59
CA TYR B 50 -8.24 23.94 -23.49
C TYR B 50 -6.93 24.70 -23.37
N ASN B 51 -6.48 24.94 -22.14
CA ASN B 51 -5.22 25.67 -21.93
C ASN B 51 -4.04 24.87 -22.47
N LEU B 52 -4.02 23.56 -22.22
CA LEU B 52 -2.91 22.74 -22.70
C LEU B 52 -2.84 22.75 -24.22
N PHE B 53 -3.98 22.64 -24.89
CA PHE B 53 -3.99 22.58 -26.35
C PHE B 53 -3.88 23.94 -27.01
N ASN B 54 -3.92 25.03 -26.23
CA ASN B 54 -3.76 26.38 -26.76
C ASN B 54 -2.42 27.00 -26.36
N LYS B 55 -1.50 26.21 -25.79
CA LYS B 55 -0.18 26.70 -25.40
C LYS B 55 -0.30 27.92 -24.49
N ILE B 56 -1.17 27.80 -23.49
CA ILE B 56 -1.39 28.86 -22.51
C ILE B 56 -0.68 28.49 -21.22
N ASP B 57 0.22 29.35 -20.76
CA ASP B 57 0.96 29.07 -19.54
C ASP B 57 0.03 29.19 -18.34
N MET B 58 0.05 28.16 -17.48
CA MET B 58 -0.84 28.10 -16.33
C MET B 58 -0.24 28.71 -15.08
N VAL B 59 1.04 29.07 -15.09
CA VAL B 59 1.70 29.69 -13.96
C VAL B 59 1.70 31.20 -14.16
N THR B 60 1.18 31.93 -13.17
CA THR B 60 0.98 33.36 -13.27
C THR B 60 1.61 34.05 -12.06
N ILE B 61 1.65 35.38 -12.13
CA ILE B 61 2.22 36.22 -11.08
C ILE B 61 1.11 37.09 -10.52
N ASP B 62 0.79 36.89 -9.24
CA ASP B 62 -0.24 37.66 -8.56
C ASP B 62 -0.15 37.34 -7.07
N ASN B 63 -1.07 37.92 -6.30
CA ASN B 63 -1.04 37.82 -4.84
C ASN B 63 -2.19 36.96 -4.31
N ARG B 64 -2.52 35.87 -5.02
CA ARG B 64 -3.55 34.97 -4.55
C ARG B 64 -3.17 34.33 -3.21
N ARG B 65 -1.92 33.90 -3.08
CA ARG B 65 -1.40 33.33 -1.84
C ARG B 65 -0.57 34.33 -1.04
N TRP B 66 0.40 34.97 -1.69
CA TRP B 66 1.21 36.00 -1.05
C TRP B 66 1.75 36.93 -2.13
N GLU B 67 2.27 38.07 -1.70
CA GLU B 67 2.72 39.07 -2.64
C GLU B 67 3.82 38.50 -3.55
N PRO B 68 3.86 38.91 -4.82
CA PRO B 68 4.87 38.35 -5.74
C PRO B 68 6.27 38.79 -5.38
N GLY B 69 6.85 38.17 -4.36
CA GLY B 69 8.18 38.52 -3.91
C GLY B 69 8.31 38.55 -2.40
N TYR B 70 7.21 38.24 -1.71
CA TYR B 70 7.24 38.23 -0.24
C TYR B 70 8.31 37.27 0.26
N LEU B 71 9.12 37.75 1.19
CA LEU B 71 10.22 36.97 1.77
C LEU B 71 11.24 36.53 0.72
N GLY B 72 11.22 37.17 -0.45
CA GLY B 72 12.16 36.83 -1.51
C GLY B 72 11.82 35.57 -2.29
N THR B 73 10.64 35.01 -2.09
CA THR B 73 10.26 33.80 -2.80
C THR B 73 10.04 34.11 -4.29
N PRO B 74 10.14 33.09 -5.14
CA PRO B 74 9.91 33.32 -6.57
C PRO B 74 8.54 33.93 -6.83
N GLU B 75 8.49 34.87 -7.77
CA GLU B 75 7.26 35.60 -8.02
C GLU B 75 6.19 34.70 -8.66
N ARG B 76 6.57 33.97 -9.70
CA ARG B 76 5.60 33.17 -10.43
C ARG B 76 5.32 31.86 -9.70
N MET B 77 4.09 31.37 -9.84
CA MET B 77 3.66 30.16 -9.17
C MET B 77 2.43 29.61 -9.87
N GLY B 78 2.15 28.33 -9.63
CA GLY B 78 0.96 27.70 -10.14
C GLY B 78 -0.10 27.54 -9.08
N LYS B 79 -1.21 28.27 -9.20
CA LYS B 79 -2.25 28.32 -8.19
C LYS B 79 -3.61 28.09 -8.81
N VAL B 80 -4.48 27.39 -8.07
CA VAL B 80 -5.84 27.12 -8.52
C VAL B 80 -6.66 28.39 -8.42
N LYS B 81 -7.84 28.39 -9.03
CA LYS B 81 -8.66 29.61 -9.07
C LYS B 81 -9.10 30.02 -7.68
N THR B 82 -9.64 29.09 -6.90
CA THR B 82 -10.16 29.40 -5.59
C THR B 82 -10.13 28.17 -4.71
N ILE B 83 -9.94 28.38 -3.41
CA ILE B 83 -9.90 27.29 -2.44
C ILE B 83 -10.79 27.63 -1.25
N THR B 84 -11.62 28.66 -1.39
CA THR B 84 -12.51 29.11 -0.32
C THR B 84 -13.95 28.64 -0.51
N ASP B 85 -14.19 27.73 -1.44
CA ASP B 85 -15.53 27.30 -1.79
C ASP B 85 -15.72 25.83 -1.42
N PHE B 86 -16.91 25.51 -0.88
CA PHE B 86 -17.23 24.14 -0.52
C PHE B 86 -18.72 23.98 -0.26
N ASP B 87 -19.33 22.96 -0.85
CA ASP B 87 -20.76 22.66 -0.64
C ASP B 87 -20.88 21.73 0.55
N ALA B 88 -20.79 22.32 1.75
CA ALA B 88 -20.81 21.52 2.97
C ALA B 88 -22.12 20.77 3.13
N GLU B 89 -23.25 21.44 2.89
CA GLU B 89 -24.55 20.80 3.11
C GLU B 89 -24.69 19.53 2.29
N PHE B 90 -24.07 19.49 1.10
CA PHE B 90 -24.14 18.28 0.28
C PHE B 90 -23.48 17.09 0.97
N PHE B 91 -22.35 17.32 1.63
CA PHE B 91 -21.59 16.26 2.27
C PHE B 91 -21.96 16.04 3.73
N GLY B 92 -22.96 16.77 4.24
CA GLY B 92 -23.37 16.59 5.62
C GLY B 92 -22.35 17.04 6.64
N VAL B 93 -21.62 18.12 6.35
CA VAL B 93 -20.64 18.68 7.26
C VAL B 93 -21.19 20.00 7.79
N HIS B 94 -21.35 20.09 9.11
CA HIS B 94 -21.87 21.30 9.72
C HIS B 94 -20.83 22.43 9.60
N THR B 95 -21.30 23.65 9.85
CA THR B 95 -20.44 24.82 9.66
C THR B 95 -19.19 24.74 10.53
N LYS B 96 -19.34 24.31 11.78
CA LYS B 96 -18.19 24.22 12.67
C LYS B 96 -17.15 23.25 12.13
N GLY B 97 -17.59 22.09 11.63
CA GLY B 97 -16.65 21.13 11.08
C GLY B 97 -16.02 21.62 9.79
N ALA B 98 -16.82 22.24 8.92
CA ALA B 98 -16.30 22.73 7.65
C ALA B 98 -15.27 23.82 7.86
N GLN B 99 -15.51 24.73 8.82
CA GLN B 99 -14.56 25.79 9.08
C GLN B 99 -13.20 25.24 9.50
N THR B 100 -13.20 24.25 10.38
CA THR B 100 -11.97 23.57 10.79
C THR B 100 -11.69 22.36 9.90
N MET B 101 -11.72 22.60 8.58
CA MET B 101 -11.50 21.57 7.58
C MET B 101 -10.51 22.08 6.56
N ASP B 102 -9.55 21.24 6.20
CA ASP B 102 -8.53 21.64 5.24
C ASP B 102 -9.18 21.94 3.89
N PRO B 103 -8.85 23.07 3.25
CA PRO B 103 -9.39 23.30 1.90
C PRO B 103 -9.03 22.19 0.93
N MET B 104 -7.85 21.58 1.10
CA MET B 104 -7.48 20.46 0.25
C MET B 104 -8.48 19.32 0.37
N LEU B 105 -8.91 19.00 1.58
CA LEU B 105 -9.87 17.91 1.76
C LEU B 105 -11.21 18.24 1.12
N ARG B 106 -11.67 19.48 1.27
CA ARG B 106 -12.94 19.88 0.67
C ARG B 106 -12.88 19.79 -0.85
N ASN B 107 -11.81 20.33 -1.45
CA ASN B 107 -11.66 20.26 -2.89
C ASN B 107 -11.55 18.81 -3.35
N LEU B 108 -10.85 17.97 -2.58
CA LEU B 108 -10.73 16.56 -2.93
C LEU B 108 -12.07 15.85 -2.89
N LEU B 109 -12.91 16.17 -1.89
CA LEU B 109 -14.24 15.57 -1.82
C LEU B 109 -15.06 15.97 -3.04
N GLU B 110 -15.06 17.27 -3.38
CA GLU B 110 -15.81 17.72 -4.54
C GLU B 110 -15.30 17.05 -5.81
N VAL B 111 -13.98 16.95 -5.96
CA VAL B 111 -13.40 16.36 -7.16
C VAL B 111 -13.71 14.86 -7.22
N VAL B 112 -13.73 14.19 -6.07
CA VAL B 112 -14.07 12.77 -6.04
C VAL B 112 -15.51 12.56 -6.49
N TYR B 113 -16.43 13.40 -6.01
CA TYR B 113 -17.81 13.29 -6.46
C TYR B 113 -17.91 13.54 -7.96
N GLU B 114 -17.20 14.55 -8.45
CA GLU B 114 -17.24 14.86 -9.87
C GLU B 114 -16.69 13.70 -10.70
N ALA B 115 -15.60 13.09 -10.25
CA ALA B 115 -15.04 11.94 -10.96
C ALA B 115 -16.00 10.76 -10.94
N ILE B 116 -16.65 10.52 -9.81
CA ILE B 116 -17.63 9.43 -9.72
C ILE B 116 -18.75 9.66 -10.72
N VAL B 117 -19.24 10.90 -10.81
CA VAL B 117 -20.30 11.19 -11.77
C VAL B 117 -19.78 11.04 -13.21
N ASP B 118 -18.51 11.40 -13.43
CA ASP B 118 -17.96 11.33 -14.79
C ASP B 118 -17.94 9.91 -15.30
N ALA B 119 -17.65 8.94 -14.44
CA ALA B 119 -17.55 7.55 -14.81
C ALA B 119 -18.91 6.89 -15.06
N GLY B 120 -19.98 7.66 -15.12
CA GLY B 120 -21.30 7.10 -15.31
C GLY B 120 -21.90 6.48 -14.07
N GLU B 121 -21.38 6.79 -12.90
CA GLU B 121 -21.88 6.27 -11.64
C GLU B 121 -22.60 7.37 -10.86
N SER B 122 -23.23 6.97 -9.76
CA SER B 122 -24.04 7.87 -8.96
C SER B 122 -23.84 7.54 -7.48
N LEU B 123 -24.45 8.36 -6.63
CA LEU B 123 -24.34 8.15 -5.19
C LEU B 123 -24.94 6.81 -4.78
N GLU B 124 -26.12 6.48 -5.32
CA GLU B 124 -26.77 5.23 -4.95
C GLU B 124 -26.06 4.01 -5.52
N SER B 125 -25.45 4.15 -6.69
CA SER B 125 -24.77 3.02 -7.31
C SER B 125 -23.45 2.69 -6.61
N MET B 126 -22.72 3.71 -6.15
CA MET B 126 -21.44 3.51 -5.50
C MET B 126 -21.57 3.26 -4.01
N LYS B 127 -22.77 3.35 -3.44
CA LYS B 127 -22.97 3.14 -2.02
C LYS B 127 -22.91 1.65 -1.70
N GLY B 128 -22.14 1.29 -0.68
CA GLY B 128 -22.03 -0.09 -0.25
C GLY B 128 -21.09 -0.95 -1.06
N THR B 129 -20.42 -0.40 -2.07
CA THR B 129 -19.51 -1.17 -2.90
C THR B 129 -18.18 -1.36 -2.18
N ARG B 130 -17.44 -2.39 -2.61
CA ARG B 130 -16.11 -2.68 -2.07
C ARG B 130 -15.08 -1.82 -2.78
N THR B 131 -15.12 -0.53 -2.47
CA THR B 131 -14.22 0.46 -3.06
C THR B 131 -13.22 0.93 -2.02
N GLY B 132 -11.97 1.05 -2.44
CA GLY B 132 -10.89 1.52 -1.59
C GLY B 132 -10.44 2.91 -1.99
N VAL B 133 -10.07 3.70 -1.00
CA VAL B 133 -9.57 5.07 -1.20
C VAL B 133 -8.08 5.08 -0.87
N TYR B 134 -7.31 5.70 -1.75
CA TYR B 134 -5.85 5.67 -1.69
C TYR B 134 -5.29 7.08 -1.84
N ILE B 135 -5.78 8.00 -1.00
CA ILE B 135 -5.45 9.41 -1.18
C ILE B 135 -3.96 9.62 -0.98
N GLY B 136 -3.38 10.55 -1.74
CA GLY B 136 -2.01 10.95 -1.56
C GLY B 136 -1.88 12.41 -1.19
N VAL B 137 -1.46 12.68 0.04
CA VAL B 137 -1.35 14.04 0.55
C VAL B 137 -0.15 14.12 1.49
N SER B 138 0.58 15.24 1.41
CA SER B 138 1.75 15.43 2.25
C SER B 138 1.69 16.78 2.98
N ASN B 139 1.13 17.79 2.34
CA ASN B 139 1.09 19.13 2.94
C ASN B 139 0.30 19.11 4.24
N ASN B 140 0.88 19.70 5.29
CA ASN B 140 0.23 19.78 6.58
C ASN B 140 0.43 21.15 7.22
N GLU B 141 0.56 22.20 6.40
CA GLU B 141 0.77 23.54 6.93
C GLU B 141 -0.48 24.12 7.56
N VAL B 142 -1.65 23.56 7.26
CA VAL B 142 -2.89 24.06 7.86
C VAL B 142 -2.88 23.90 9.36
N ASP B 143 -2.27 22.82 9.85
CA ASP B 143 -2.17 22.62 11.29
C ASP B 143 -1.48 23.80 11.97
N THR B 144 -0.33 24.22 11.43
CA THR B 144 0.37 25.35 12.03
C THR B 144 -0.46 26.61 11.97
N ALA B 145 -1.15 26.85 10.85
CA ALA B 145 -1.97 28.05 10.72
C ALA B 145 -3.09 28.08 11.75
N TYR B 146 -3.77 26.96 11.94
CA TYR B 146 -4.95 26.92 12.81
C TYR B 146 -4.58 26.80 14.29
N MET B 147 -3.40 26.29 14.61
CA MET B 147 -2.98 26.12 16.00
C MET B 147 -2.20 27.32 16.53
N LYS B 148 -1.91 28.32 15.71
CA LYS B 148 -1.20 29.50 16.20
C LYS B 148 -2.02 30.24 17.25
N ASN B 149 -3.31 30.42 16.99
CA ASN B 149 -4.20 31.11 17.92
C ASN B 149 -5.33 30.17 18.33
N TRP B 150 -4.97 28.93 18.67
CA TRP B 150 -5.97 27.91 18.95
C TRP B 150 -6.88 28.34 20.10
N THR B 151 -8.17 28.09 19.92
CA THR B 151 -9.17 28.31 20.96
C THR B 151 -10.14 27.15 20.93
N ASP B 152 -11.03 27.11 21.93
CA ASP B 152 -12.04 26.06 21.96
C ASP B 152 -12.87 26.10 20.69
N ASP B 153 -13.59 25.01 20.43
CA ASP B 153 -14.41 24.71 19.27
C ASP B 153 -13.57 24.26 18.09
N ASP B 154 -12.23 24.22 18.20
CA ASP B 154 -11.35 23.80 17.13
C ASP B 154 -10.95 22.33 17.24
N ALA B 155 -11.51 21.60 18.20
CA ALA B 155 -11.17 20.19 18.34
C ALA B 155 -11.52 19.40 17.09
N TYR B 156 -12.59 19.82 16.38
CA TYR B 156 -13.00 19.13 15.17
C TYR B 156 -11.87 19.00 14.15
N MET B 157 -10.75 19.70 14.36
CA MET B 157 -9.60 19.55 13.48
C MET B 157 -9.13 18.10 13.40
N VAL B 158 -9.40 17.28 14.42
CA VAL B 158 -9.02 15.88 14.33
C VAL B 158 -9.70 15.22 13.13
N GLN B 159 -10.98 15.51 12.93
CA GLN B 159 -11.75 14.91 11.85
C GLN B 159 -11.80 15.77 10.59
N GLY B 160 -11.12 16.92 10.59
CA GLY B 160 -11.15 17.80 9.44
C GLY B 160 -9.79 18.13 8.87
N CYS B 161 -8.74 18.02 9.70
CA CYS B 161 -7.39 18.41 9.30
C CYS B 161 -6.41 17.25 9.24
N HIS B 162 -6.63 16.19 10.03
CA HIS B 162 -5.72 15.06 10.01
C HIS B 162 -5.67 14.42 8.63
N HIS B 163 -4.47 14.07 8.19
CA HIS B 163 -4.31 13.51 6.85
C HIS B 163 -5.06 12.18 6.71
N SER B 164 -5.06 11.37 7.76
CA SER B 164 -5.76 10.09 7.69
C SER B 164 -7.23 10.25 7.39
N MET B 165 -7.80 11.42 7.66
CA MET B 165 -9.21 11.68 7.40
C MET B 165 -9.49 12.00 5.94
N TYR B 166 -8.46 12.32 5.15
CA TYR B 166 -8.70 12.60 3.73
C TYR B 166 -9.35 11.44 3.02
N PRO B 167 -8.84 10.20 3.10
CA PRO B 167 -9.56 9.08 2.49
C PRO B 167 -10.78 8.66 3.27
N ASN B 168 -10.68 8.61 4.60
CA ASN B 168 -11.78 8.09 5.41
C ASN B 168 -13.06 8.87 5.17
N TRP B 169 -12.97 10.21 5.14
CA TRP B 169 -14.14 11.02 4.82
C TRP B 169 -14.76 10.58 3.51
N ILE B 170 -13.94 10.40 2.48
CA ILE B 170 -14.44 9.93 1.20
C ILE B 170 -15.13 8.58 1.37
N SER B 171 -14.54 7.70 2.18
CA SER B 171 -15.18 6.42 2.46
C SER B 171 -16.44 6.60 3.29
N PHE B 172 -16.46 7.60 4.19
CA PHE B 172 -17.61 7.77 5.07
C PHE B 172 -18.81 8.32 4.30
N PHE B 173 -18.59 9.33 3.47
CA PHE B 173 -19.70 9.96 2.75
C PHE B 173 -20.30 9.01 1.72
N PHE B 174 -19.45 8.38 0.91
CA PHE B 174 -19.91 7.50 -0.15
C PHE B 174 -20.19 6.08 0.33
N ASP B 175 -19.95 5.78 1.61
CA ASP B 175 -20.27 4.49 2.20
C ASP B 175 -19.41 3.37 1.63
N PHE B 176 -18.16 3.68 1.28
CA PHE B 176 -17.25 2.65 0.80
C PHE B 176 -16.81 1.75 1.96
N SER B 177 -16.58 0.48 1.64
CA SER B 177 -16.19 -0.53 2.62
C SER B 177 -14.90 -1.22 2.19
N GLY B 178 -13.92 -0.42 1.76
CA GLY B 178 -12.64 -0.93 1.35
C GLY B 178 -11.50 -0.21 2.04
N PRO B 179 -10.28 -0.73 1.87
CA PRO B 179 -9.13 -0.11 2.54
C PRO B 179 -8.99 1.38 2.22
N SER B 180 -9.11 2.22 3.23
CA SER B 180 -8.94 3.67 3.09
C SER B 180 -7.60 4.05 3.68
N THR B 181 -6.74 4.66 2.87
CA THR B 181 -5.38 4.96 3.29
C THR B 181 -4.91 6.28 2.70
N ALA B 182 -3.99 6.91 3.41
CA ALA B 182 -3.32 8.13 2.96
C ALA B 182 -1.83 7.85 2.86
N TYR B 183 -1.26 8.12 1.68
CA TYR B 183 0.14 7.85 1.39
C TYR B 183 0.92 9.15 1.34
N ASN B 184 2.15 9.11 1.82
CA ASN B 184 3.06 10.26 1.76
C ASN B 184 4.40 9.77 1.24
N THR B 185 4.60 9.87 -0.08
CA THR B 185 5.82 9.45 -0.74
C THR B 185 6.49 10.61 -1.47
N ALA B 186 6.30 11.82 -0.96
CA ALA B 186 6.76 13.02 -1.65
C ALA B 186 6.15 13.01 -3.06
N SER B 188 5.64 11.23 -6.58
CA SER B 188 5.42 9.80 -6.85
C SER B 188 4.34 9.21 -5.93
N THR B 189 3.77 10.05 -5.07
CA THR B 189 2.72 9.56 -4.17
C THR B 189 1.51 9.09 -4.96
N SER B 190 1.13 9.82 -6.00
CA SER B 190 -0.03 9.43 -6.80
C SER B 190 0.18 8.07 -7.46
N LEU B 191 1.37 7.86 -8.05
CA LEU B 191 1.65 6.57 -8.66
C LEU B 191 1.78 5.47 -7.64
N VAL B 192 2.29 5.78 -6.44
CA VAL B 192 2.33 4.78 -5.38
C VAL B 192 0.92 4.36 -4.99
N CYS B 193 0.01 5.34 -4.88
CA CYS B 193 -1.39 5.03 -4.59
C CYS B 193 -2.02 4.21 -5.71
N LEU B 194 -1.69 4.54 -6.96
CA LEU B 194 -2.18 3.74 -8.08
C LEU B 194 -1.68 2.30 -7.98
N ASP B 195 -0.41 2.11 -7.62
CA ASP B 195 0.14 0.77 -7.45
C ASP B 195 -0.58 0.03 -6.33
N ALA B 196 -0.85 0.71 -5.22
CA ALA B 196 -1.57 0.08 -4.12
C ALA B 196 -2.99 -0.32 -4.55
N ALA B 197 -3.65 0.55 -5.31
CA ALA B 197 -4.99 0.23 -5.80
C ALA B 197 -4.95 -0.99 -6.72
N GLU B 198 -3.93 -1.06 -7.59
CA GLU B 198 -3.79 -2.23 -8.44
C GLU B 198 -3.55 -3.49 -7.63
N ARG B 199 -2.71 -3.39 -6.59
CA ARG B 199 -2.45 -4.54 -5.74
C ARG B 199 -3.71 -5.04 -5.07
N HIS B 200 -4.52 -4.12 -4.53
CA HIS B 200 -5.75 -4.51 -3.85
C HIS B 200 -6.81 -5.00 -4.84
N LEU B 201 -6.79 -4.48 -6.07
CA LEU B 201 -7.77 -4.90 -7.06
C LEU B 201 -7.49 -6.31 -7.55
N ARG B 202 -6.23 -6.65 -7.78
CA ARG B 202 -5.88 -7.95 -8.34
C ARG B 202 -5.97 -9.08 -7.32
N MET B 203 -5.98 -8.76 -6.02
CA MET B 203 -6.07 -9.79 -4.99
C MET B 203 -7.51 -10.09 -4.58
N GLY B 204 -8.47 -9.25 -4.97
CA GLY B 204 -9.88 -9.53 -4.76
C GLY B 204 -10.52 -8.82 -3.58
N VAL B 205 -9.79 -7.96 -2.87
CA VAL B 205 -10.39 -7.28 -1.72
C VAL B 205 -11.40 -6.23 -2.20
N ILE B 206 -11.10 -5.54 -3.29
CA ILE B 206 -11.92 -4.43 -3.76
C ILE B 206 -12.23 -4.61 -5.24
N ASP B 207 -13.27 -3.90 -5.69
CA ASP B 207 -13.64 -3.87 -7.09
C ASP B 207 -13.40 -2.51 -7.74
N ASN B 208 -13.30 -1.44 -6.96
CA ASN B 208 -13.06 -0.10 -7.48
C ASN B 208 -12.01 0.59 -6.62
N ALA B 209 -11.48 1.70 -7.12
CA ALA B 209 -10.49 2.48 -6.39
C ALA B 209 -10.71 3.95 -6.67
N ILE B 210 -10.38 4.79 -5.69
CA ILE B 210 -10.60 6.23 -5.75
C ILE B 210 -9.25 6.94 -5.69
N VAL B 211 -8.22 6.33 -6.28
CA VAL B 211 -6.87 6.88 -6.29
C VAL B 211 -6.91 8.37 -6.62
N GLY B 212 -6.21 9.17 -5.82
CA GLY B 212 -6.20 10.60 -6.03
C GLY B 212 -5.11 11.25 -5.21
N GLY B 213 -5.14 12.58 -5.19
CA GLY B 213 -4.16 13.34 -4.44
C GLY B 213 -4.43 14.82 -4.60
N SER B 214 -3.84 15.59 -3.67
CA SER B 214 -4.02 17.03 -3.66
C SER B 214 -2.76 17.68 -3.09
N ASN B 215 -2.58 18.95 -3.44
CA ASN B 215 -1.42 19.72 -2.97
C ASN B 215 -1.73 21.20 -3.11
N PHE B 216 -1.85 21.91 -1.98
CA PHE B 216 -2.04 23.35 -1.97
C PHE B 216 -0.89 24.01 -1.23
N ILE B 217 -0.62 25.27 -1.58
CA ILE B 217 0.48 26.03 -1.02
C ILE B 217 -0.10 27.12 -0.11
N TYR B 218 0.38 27.17 1.13
CA TYR B 218 -0.10 28.15 2.10
C TYR B 218 1.05 28.93 2.73
N ARG B 219 2.19 28.27 2.94
CA ARG B 219 3.27 28.85 3.72
C ARG B 219 4.38 29.34 2.81
N PRO B 220 4.60 30.65 2.68
CA PRO B 220 5.76 31.11 1.89
C PRO B 220 7.09 30.66 2.46
N ALA B 221 7.20 30.50 3.79
CA ALA B 221 8.44 30.02 4.37
C ALA B 221 8.77 28.62 3.87
N THR B 222 7.76 27.83 3.51
CA THR B 222 8.03 26.54 2.88
C THR B 222 8.71 26.72 1.53
N THR B 223 8.26 27.71 0.75
CA THR B 223 8.91 28.01 -0.52
C THR B 223 10.35 28.47 -0.29
N LYS B 224 10.58 29.30 0.73
CA LYS B 224 11.94 29.71 1.05
C LYS B 224 12.80 28.50 1.43
N LEU B 225 12.23 27.59 2.23
CA LEU B 225 12.95 26.38 2.61
C LEU B 225 13.32 25.54 1.38
N PHE B 226 12.37 25.37 0.47
CA PHE B 226 12.69 24.62 -0.76
C PHE B 226 13.77 25.31 -1.56
N MET B 227 13.69 26.64 -1.68
CA MET B 227 14.73 27.38 -2.39
C MET B 227 16.09 27.22 -1.73
N GLY B 228 16.11 27.07 -0.40
CA GLY B 228 17.38 26.91 0.30
C GLY B 228 18.19 25.73 -0.20
N MET B 229 17.52 24.71 -0.74
CA MET B 229 18.17 23.53 -1.27
C MET B 229 18.31 23.57 -2.79
N ASN B 230 18.09 24.73 -3.41
CA ASN B 230 18.23 24.93 -4.85
C ASN B 230 17.20 24.16 -5.66
N PHE B 231 16.08 23.76 -5.03
CA PHE B 231 15.04 23.05 -5.77
C PHE B 231 14.42 23.92 -6.85
N LEU B 232 14.11 25.17 -6.52
CA LEU B 232 13.39 26.05 -7.42
C LEU B 232 14.35 26.83 -8.30
N GLY B 233 13.92 27.10 -9.53
CA GLY B 233 14.67 27.88 -10.47
C GLY B 233 14.18 29.32 -10.54
N SER B 234 14.54 29.99 -11.63
CA SER B 234 14.14 31.38 -11.83
C SER B 234 12.85 31.48 -12.65
N SER B 235 12.87 30.92 -13.86
CA SER B 235 11.73 30.95 -14.75
C SER B 235 10.94 29.65 -14.61
N THR B 236 9.98 29.44 -15.53
CA THR B 236 9.12 28.26 -15.49
C THR B 236 9.93 26.98 -15.69
N CYS B 237 9.26 25.83 -15.59
CA CYS B 237 9.93 24.55 -15.74
C CYS B 237 10.27 24.30 -17.21
N LYS B 238 11.50 24.63 -17.61
CA LYS B 238 11.94 24.43 -18.99
C LYS B 238 12.46 23.01 -19.14
N ALA B 239 11.51 22.07 -19.17
CA ALA B 239 11.86 20.66 -19.30
C ALA B 239 12.58 20.40 -20.61
N PHE B 240 13.63 19.60 -20.55
CA PHE B 240 14.43 19.23 -21.71
C PHE B 240 15.09 20.44 -22.37
N ASP B 241 15.28 21.52 -21.63
CA ASP B 241 15.89 22.73 -22.15
C ASP B 241 17.25 22.94 -21.49
N GLU B 242 18.22 23.41 -22.29
CA GLU B 242 19.56 23.62 -21.77
C GLU B 242 19.61 24.67 -20.68
N SER B 243 18.62 25.56 -20.62
CA SER B 243 18.59 26.63 -19.64
C SER B 243 17.84 26.23 -18.37
N GLY B 244 17.33 25.01 -18.28
CA GLY B 244 16.63 24.57 -17.10
C GLY B 244 17.47 24.62 -15.84
N ASP B 245 16.92 25.22 -14.77
CA ASP B 245 17.64 25.33 -13.51
C ASP B 245 16.76 25.05 -12.30
N GLY B 246 15.56 24.52 -12.50
CA GLY B 246 14.67 24.24 -11.39
C GLY B 246 13.24 24.12 -11.87
N PHE B 247 12.34 24.06 -10.89
CA PHE B 247 10.92 23.94 -11.16
C PHE B 247 10.16 25.00 -10.35
N VAL B 248 8.88 25.15 -10.68
CA VAL B 248 7.99 26.08 -10.01
C VAL B 248 6.87 25.29 -9.34
N ARG B 249 6.55 25.67 -8.11
CA ARG B 249 5.53 24.96 -7.35
C ARG B 249 4.16 25.12 -7.99
N GLY B 250 3.32 24.10 -7.81
CA GLY B 250 1.98 24.11 -8.37
C GLY B 250 0.98 23.53 -7.39
N GLU B 251 -0.29 23.67 -7.74
CA GLU B 251 -1.40 23.18 -6.92
C GLU B 251 -2.28 22.25 -7.73
N VAL B 252 -2.70 21.14 -7.12
CA VAL B 252 -3.57 20.16 -7.75
C VAL B 252 -4.49 19.58 -6.70
N ALA B 253 -5.71 19.24 -7.12
CA ALA B 253 -6.68 18.55 -6.27
C ALA B 253 -7.41 17.48 -7.07
N SER B 254 -6.69 16.76 -7.93
CA SER B 254 -7.30 15.84 -8.86
C SER B 254 -7.42 14.44 -8.26
N ALA B 255 -8.35 13.66 -8.82
CA ALA B 255 -8.57 12.29 -8.42
C ALA B 255 -9.14 11.52 -9.60
N ILE B 256 -9.00 10.20 -9.55
CA ILE B 256 -9.48 9.32 -10.61
C ILE B 256 -10.21 8.13 -9.99
N LEU B 257 -11.03 7.47 -10.80
CA LEU B 257 -11.77 6.28 -10.40
C LEU B 257 -11.32 5.11 -11.27
N LEU B 258 -11.05 3.97 -10.63
CA LEU B 258 -10.67 2.75 -11.32
C LEU B 258 -11.73 1.68 -11.07
N LYS B 259 -11.93 0.82 -12.07
CA LYS B 259 -12.94 -0.21 -11.98
C LYS B 259 -12.51 -1.43 -12.79
N LYS B 260 -13.23 -2.52 -12.61
CA LYS B 260 -13.03 -3.69 -13.46
C LYS B 260 -13.61 -3.42 -14.84
N ALA B 261 -12.83 -3.76 -15.88
CA ALA B 261 -13.22 -3.39 -17.24
C ALA B 261 -14.54 -4.02 -17.66
N ASP B 262 -14.94 -5.13 -17.03
CA ASP B 262 -16.17 -5.81 -17.42
C ASP B 262 -17.42 -5.18 -16.80
N THR B 263 -17.26 -4.22 -15.89
CA THR B 263 -18.39 -3.52 -15.29
C THR B 263 -18.34 -2.02 -15.49
N ALA B 264 -17.34 -1.50 -16.19
CA ALA B 264 -17.21 -0.06 -16.38
C ALA B 264 -18.12 0.44 -17.48
N LYS B 265 -18.80 1.54 -17.21
CA LYS B 265 -19.66 2.19 -18.21
C LYS B 265 -18.91 3.20 -19.07
N ARG B 266 -17.67 3.52 -18.72
CA ARG B 266 -16.83 4.40 -19.52
C ARG B 266 -15.38 4.05 -19.22
N VAL B 267 -14.56 3.94 -20.27
CA VAL B 267 -13.18 3.49 -20.15
C VAL B 267 -12.32 4.48 -20.91
N TYR B 268 -11.69 5.42 -20.20
CA TYR B 268 -10.70 6.29 -20.82
C TYR B 268 -9.51 5.48 -21.32
N CYS B 269 -9.04 4.53 -20.53
CA CYS B 269 -7.88 3.73 -20.88
C CYS B 269 -7.87 2.50 -19.98
N THR B 270 -6.85 1.66 -20.17
CA THR B 270 -6.66 0.45 -19.38
C THR B 270 -5.30 0.48 -18.71
N LEU B 271 -5.26 0.10 -17.44
CA LEU B 271 -4.02 0.10 -16.66
C LEU B 271 -3.28 -1.20 -16.93
N VAL B 272 -2.32 -1.17 -17.84
CA VAL B 272 -1.53 -2.37 -18.14
C VAL B 272 -0.77 -2.83 -16.91
N GLY B 273 -0.13 -1.89 -16.21
CA GLY B 273 0.61 -2.24 -15.01
C GLY B 273 1.44 -1.08 -14.46
N SER B 274 1.64 -1.10 -13.15
CA SER B 274 2.44 -0.09 -12.47
C SER B 274 3.41 -0.79 -11.52
N MET B 275 4.56 -0.15 -11.31
CA MET B 275 5.60 -0.72 -10.46
C MET B 275 6.33 0.42 -9.76
N LEU B 276 6.97 0.07 -8.63
CA LEU B 276 7.69 1.02 -7.81
C LEU B 276 9.02 0.42 -7.39
N ASN B 277 9.99 1.29 -7.10
CA ASN B 277 11.28 0.87 -6.58
C ASN B 277 11.94 2.09 -5.94
N ASN B 278 13.10 1.86 -5.34
CA ASN B 278 13.88 2.90 -4.68
C ASN B 278 15.27 2.95 -5.29
N ASP B 279 15.83 4.17 -5.40
CA ASP B 279 17.17 4.32 -5.93
C ASP B 279 18.24 3.69 -5.04
N GLY B 280 17.90 3.36 -3.80
CA GLY B 280 18.87 2.73 -2.92
C GLY B 280 19.96 3.70 -2.50
N ASN B 281 21.15 3.14 -2.27
CA ASN B 281 22.30 3.93 -1.81
C ASN B 281 23.15 4.35 -3.00
N GLN B 282 23.62 5.60 -2.94
CA GLN B 282 24.46 6.14 -4.00
C GLN B 282 25.43 7.15 -3.37
N THR B 283 26.54 7.38 -4.07
CA THR B 283 27.58 8.26 -3.58
C THR B 283 27.30 9.74 -3.87
N ASN B 284 26.27 10.05 -4.65
CA ASN B 284 25.95 11.43 -5.01
C ASN B 284 24.98 12.10 -4.05
N GLY B 285 24.56 11.41 -3.00
CA GLY B 285 23.63 11.96 -2.03
C GLY B 285 22.25 11.34 -2.17
N ILE B 286 21.47 11.48 -1.09
CA ILE B 286 20.12 10.91 -1.07
C ILE B 286 19.21 11.64 -2.06
N LEU B 287 19.37 12.96 -2.19
CA LEU B 287 18.55 13.75 -3.10
C LEU B 287 19.23 13.86 -4.46
N TYR B 288 19.48 12.72 -5.07
CA TYR B 288 20.05 12.66 -6.40
C TYR B 288 19.41 11.53 -7.20
N PRO B 289 18.82 11.79 -8.36
CA PRO B 289 18.21 10.71 -9.14
C PRO B 289 19.23 9.66 -9.55
N ASN B 290 18.81 8.40 -9.57
CA ASN B 290 19.65 7.28 -9.98
C ASN B 290 19.12 6.75 -11.30
N SER B 291 19.86 7.00 -12.37
CA SER B 291 19.43 6.54 -13.69
C SER B 291 19.38 5.02 -13.75
N GLU B 292 20.33 4.35 -13.10
CA GLU B 292 20.36 2.89 -13.13
C GLU B 292 19.10 2.30 -12.50
N ALA B 293 18.67 2.85 -11.37
CA ALA B 293 17.47 2.34 -10.70
C ALA B 293 16.23 2.53 -11.58
N GLN B 294 16.11 3.71 -12.21
CA GLN B 294 14.96 3.96 -13.07
C GLN B 294 14.97 3.03 -14.28
N GLU B 295 16.14 2.80 -14.87
CA GLU B 295 16.24 1.89 -16.00
C GLU B 295 15.87 0.47 -15.58
N GLN B 296 16.32 0.04 -14.39
CA GLN B 296 15.96 -1.29 -13.91
C GLN B 296 14.47 -1.39 -13.68
N LEU B 297 13.86 -0.36 -13.11
CA LEU B 297 12.41 -0.36 -12.91
C LEU B 297 11.67 -0.47 -14.23
N MET B 298 12.11 0.29 -15.24
CA MET B 298 11.49 0.22 -16.56
C MET B 298 11.61 -1.18 -17.16
N THR B 299 12.81 -1.76 -17.05
CA THR B 299 13.02 -3.10 -17.59
C THR B 299 12.12 -4.11 -16.88
N ASP B 300 12.02 -4.02 -15.56
CA ASP B 300 11.19 -4.96 -14.81
C ASP B 300 9.72 -4.83 -15.19
N ILE B 301 9.22 -3.60 -15.28
CA ILE B 301 7.81 -3.42 -15.61
C ILE B 301 7.53 -3.90 -17.03
N TYR B 302 8.43 -3.61 -17.97
CA TYR B 302 8.19 -3.98 -19.37
C TYR B 302 8.44 -5.46 -19.62
N SER B 303 9.16 -6.15 -18.73
CA SER B 303 9.37 -7.59 -18.90
C SER B 303 8.32 -8.41 -18.17
N THR B 304 7.84 -7.95 -17.01
CA THR B 304 6.84 -8.71 -16.27
C THR B 304 5.55 -8.86 -17.07
N HIS B 305 5.11 -7.78 -17.72
CA HIS B 305 3.87 -7.78 -18.48
C HIS B 305 4.07 -8.15 -19.95
N LYS B 306 5.29 -8.47 -20.36
CA LYS B 306 5.60 -8.84 -21.74
C LYS B 306 5.27 -7.74 -22.73
N ILE B 307 5.22 -6.49 -22.27
CA ILE B 307 4.91 -5.36 -23.14
C ILE B 307 6.15 -5.03 -23.97
N ASP B 308 5.97 -4.98 -25.29
CA ASP B 308 7.05 -4.60 -26.18
C ASP B 308 7.36 -3.12 -25.99
N ALA B 309 8.56 -2.82 -25.47
CA ALA B 309 8.92 -1.44 -25.19
C ALA B 309 8.94 -0.58 -26.44
N ASN B 310 9.02 -1.19 -27.62
CA ASN B 310 9.02 -0.44 -28.87
C ASN B 310 7.63 0.00 -29.31
N GLU B 311 6.58 -0.44 -28.61
CA GLU B 311 5.21 -0.10 -28.97
C GLU B 311 4.70 1.15 -28.28
N VAL B 312 5.52 1.80 -27.45
CA VAL B 312 5.10 3.00 -26.76
C VAL B 312 5.09 4.17 -27.74
N LYS B 313 3.98 4.90 -27.78
CA LYS B 313 3.83 6.03 -28.68
C LYS B 313 4.19 7.36 -28.01
N TYR B 314 3.73 7.58 -26.79
CA TYR B 314 4.01 8.79 -26.04
C TYR B 314 4.56 8.43 -24.66
N PHE B 315 5.42 9.29 -24.15
CA PHE B 315 6.08 9.07 -22.86
C PHE B 315 5.97 10.34 -22.03
N GLU B 316 5.13 10.30 -21.00
CA GLU B 316 4.98 11.42 -20.07
C GLU B 316 6.12 11.34 -19.06
N CYS B 317 7.14 12.17 -19.24
CA CYS B 317 8.32 12.14 -18.39
C CYS B 317 8.12 13.01 -17.15
N HIS B 318 8.94 12.74 -16.14
CA HIS B 318 8.99 13.58 -14.94
C HIS B 318 9.95 14.76 -15.18
N GLY B 319 9.61 15.55 -16.19
CA GLY B 319 10.47 16.63 -16.62
C GLY B 319 10.43 17.84 -15.73
N THR B 320 11.02 17.72 -14.54
CA THR B 320 11.09 18.84 -13.60
C THR B 320 11.92 20.00 -14.11
N GLY B 321 12.73 19.78 -15.15
CA GLY B 321 13.57 20.84 -15.70
C GLY B 321 14.90 21.02 -15.01
N THR B 322 15.19 20.25 -13.96
CA THR B 322 16.47 20.36 -13.28
C THR B 322 17.59 19.83 -14.17
N GLN B 323 18.78 20.43 -14.01
CA GLN B 323 19.91 20.03 -14.84
C GLN B 323 20.32 18.59 -14.57
N ALA B 324 20.28 18.16 -13.31
CA ALA B 324 20.72 16.83 -12.92
C ALA B 324 19.62 15.79 -13.02
N GLY B 325 18.37 16.19 -13.26
CA GLY B 325 17.27 15.25 -13.29
C GLY B 325 16.88 14.80 -14.68
N ASP B 326 16.70 15.76 -15.59
CA ASP B 326 16.24 15.41 -16.94
C ASP B 326 17.22 14.51 -17.67
N PRO B 327 18.52 14.78 -17.68
CA PRO B 327 19.43 13.88 -18.41
C PRO B 327 19.38 12.44 -17.91
N ASN B 328 19.31 12.24 -16.59
CA ASN B 328 19.28 10.88 -16.05
C ASN B 328 18.00 10.16 -16.45
N GLU B 329 16.86 10.82 -16.29
CA GLU B 329 15.59 10.21 -16.66
C GLU B 329 15.57 9.87 -18.15
N THR B 330 16.04 10.80 -18.99
CA THR B 330 16.06 10.54 -20.42
C THR B 330 17.01 9.41 -20.77
N ARG B 331 18.17 9.34 -20.11
CA ARG B 331 19.09 8.24 -20.34
C ARG B 331 18.42 6.91 -20.04
N ALA B 332 17.72 6.83 -18.89
CA ALA B 332 17.00 5.60 -18.56
C ALA B 332 15.95 5.29 -19.61
N ILE B 333 15.23 6.32 -20.07
CA ILE B 333 14.15 6.10 -21.03
C ILE B 333 14.69 5.57 -22.36
N CYS B 334 15.80 6.13 -22.86
CA CYS B 334 16.31 5.67 -24.15
C CYS B 334 17.26 4.49 -24.03
N ASN B 335 17.57 4.04 -22.81
CA ASN B 335 18.24 2.76 -22.64
C ASN B 335 17.28 1.62 -22.39
N ALA B 336 16.06 1.91 -21.92
CA ALA B 336 15.07 0.88 -21.66
C ALA B 336 13.96 0.82 -22.70
N VAL B 337 13.56 1.95 -23.27
CA VAL B 337 12.42 2.01 -24.17
C VAL B 337 12.84 2.21 -25.62
N CYS B 338 13.80 3.10 -25.87
CA CYS B 338 14.19 3.41 -27.24
C CYS B 338 15.07 2.35 -27.88
N LYS B 339 15.49 1.34 -27.13
CA LYS B 339 16.34 0.29 -27.68
C LYS B 339 15.53 -0.54 -28.66
N GLY B 340 15.87 -0.45 -29.95
CA GLY B 340 15.18 -1.17 -30.99
C GLY B 340 14.08 -0.38 -31.69
N LYS B 341 13.70 0.78 -31.16
CA LYS B 341 12.68 1.58 -31.79
C LYS B 341 13.15 2.07 -33.16
N LYS B 342 12.26 2.02 -34.14
CA LYS B 342 12.57 2.43 -35.50
C LYS B 342 12.18 3.87 -35.80
N ASP B 343 11.52 4.55 -34.85
CA ASP B 343 11.13 5.93 -35.01
C ASP B 343 11.36 6.66 -33.71
N PRO B 344 11.52 7.98 -33.74
CA PRO B 344 11.72 8.73 -32.49
C PRO B 344 10.55 8.55 -31.53
N LEU B 345 10.87 8.48 -30.25
CA LEU B 345 9.85 8.36 -29.21
C LEU B 345 9.44 9.75 -28.74
N LEU B 346 8.15 10.03 -28.79
CA LEU B 346 7.63 11.34 -28.42
C LEU B 346 7.57 11.44 -26.90
N ILE B 347 8.41 12.31 -26.33
CA ILE B 347 8.50 12.50 -24.89
C ILE B 347 7.89 13.85 -24.54
N GLY B 348 7.37 13.96 -23.32
CA GLY B 348 6.79 15.21 -22.87
C GLY B 348 6.58 15.19 -21.38
N SER B 349 6.16 16.34 -20.86
CA SER B 349 5.90 16.49 -19.43
C SER B 349 4.95 17.65 -19.24
N ILE B 350 3.98 17.48 -18.32
CA ILE B 350 3.03 18.53 -18.02
C ILE B 350 3.57 19.57 -17.05
N LYS B 351 4.75 19.34 -16.48
CA LYS B 351 5.31 20.31 -15.54
C LYS B 351 5.62 21.63 -16.23
N SER B 352 6.09 21.58 -17.47
CA SER B 352 6.39 22.80 -18.21
C SER B 352 5.13 23.62 -18.48
N ASN B 353 3.95 23.02 -18.35
CA ASN B 353 2.70 23.71 -18.61
C ASN B 353 2.12 24.35 -17.36
N LEU B 354 1.98 23.57 -16.28
CA LEU B 354 1.35 24.04 -15.05
C LEU B 354 2.25 23.88 -13.84
N GLY B 355 3.56 23.75 -14.04
CA GLY B 355 4.49 23.70 -12.94
C GLY B 355 4.52 22.34 -12.26
N HIS B 356 5.20 22.30 -11.12
CA HIS B 356 5.41 21.08 -10.36
C HIS B 356 4.34 20.95 -9.28
N GLY B 357 3.69 19.78 -9.24
CA GLY B 357 2.65 19.51 -8.26
C GLY B 357 3.11 18.90 -6.96
N GLU B 358 4.38 18.50 -6.89
CA GLU B 358 4.97 17.91 -5.67
C GLU B 358 4.22 16.63 -5.37
N THR B 359 3.57 16.49 -4.21
CA THR B 359 2.93 15.21 -3.87
C THR B 359 1.89 14.81 -4.90
N ALA B 360 1.20 15.78 -5.51
CA ALA B 360 0.18 15.50 -6.51
C ALA B 360 0.74 15.45 -7.93
N SER B 361 2.04 15.68 -8.11
CA SER B 361 2.60 15.77 -9.45
C SER B 361 2.19 14.57 -10.30
N GLY B 362 2.28 13.36 -9.74
CA GLY B 362 1.92 12.18 -10.50
C GLY B 362 0.54 12.29 -11.12
N ILE B 363 -0.45 12.69 -10.31
CA ILE B 363 -1.82 12.76 -10.82
C ILE B 363 -1.86 13.68 -12.03
N ASN B 364 -1.13 14.80 -11.99
CA ASN B 364 -1.12 15.70 -13.13
C ASN B 364 -0.80 14.94 -14.40
N GLY B 365 0.29 14.17 -14.38
CA GLY B 365 0.65 13.40 -15.56
C GLY B 365 -0.48 12.48 -15.99
N ILE B 366 -1.07 11.77 -15.02
CA ILE B 366 -2.19 10.89 -15.33
C ILE B 366 -3.27 11.68 -16.04
N SER B 367 -3.61 12.86 -15.51
CA SER B 367 -4.62 13.69 -16.14
C SER B 367 -4.27 13.91 -17.60
N LYS B 368 -3.04 14.38 -17.85
CA LYS B 368 -2.63 14.61 -19.23
C LYS B 368 -2.81 13.34 -20.06
N VAL B 369 -2.38 12.20 -19.52
CA VAL B 369 -2.53 10.95 -20.24
C VAL B 369 -3.98 10.74 -20.64
N ILE B 370 -4.89 10.92 -19.68
CA ILE B 370 -6.31 10.74 -19.97
C ILE B 370 -6.71 11.69 -21.10
N ILE B 371 -6.29 12.95 -21.01
CA ILE B 371 -6.57 13.89 -22.10
C ILE B 371 -5.95 13.37 -23.38
N THR B 372 -4.67 12.98 -23.32
CA THR B 372 -4.02 12.44 -24.50
C THR B 372 -4.67 11.15 -24.97
N MET B 373 -5.38 10.47 -24.08
CA MET B 373 -6.09 9.24 -24.42
C MET B 373 -7.57 9.47 -24.69
N HIS B 374 -8.04 10.71 -24.61
CA HIS B 374 -9.44 11.04 -24.88
C HIS B 374 -9.60 11.87 -26.15
N SER B 375 -8.86 12.97 -26.27
CA SER B 375 -8.91 13.80 -27.46
C SER B 375 -8.09 13.23 -28.61
N ARG B 376 -7.33 12.17 -28.37
CA ARG B 376 -6.49 11.54 -29.39
C ARG B 376 -5.41 12.48 -29.93
N GLN B 377 -5.05 13.49 -29.14
CA GLN B 377 -4.00 14.44 -29.50
C GLN B 377 -3.08 14.65 -28.30
N ILE B 378 -1.79 14.78 -28.57
CA ILE B 378 -0.78 14.96 -27.52
C ILE B 378 -0.62 16.45 -27.28
N PRO B 379 -0.88 16.95 -26.07
CA PRO B 379 -0.70 18.38 -25.84
C PRO B 379 0.75 18.79 -26.03
N PRO B 380 0.99 20.02 -26.46
CA PRO B 380 2.38 20.46 -26.68
C PRO B 380 3.12 20.69 -25.37
N ASN B 381 4.44 20.78 -25.49
CA ASN B 381 5.32 21.08 -24.36
C ASN B 381 5.85 22.50 -24.52
N LEU B 382 5.75 23.29 -23.46
CA LEU B 382 6.13 24.70 -23.49
C LEU B 382 7.57 24.87 -23.04
N HIS B 383 8.18 25.97 -23.49
CA HIS B 383 9.49 26.44 -23.08
C HIS B 383 10.64 25.59 -23.60
N PHE B 384 10.38 24.70 -24.57
CA PHE B 384 11.44 23.90 -25.18
C PHE B 384 11.93 24.63 -26.43
N LYS B 385 12.99 25.42 -26.26
CA LYS B 385 13.57 26.20 -27.35
C LYS B 385 14.88 25.62 -27.86
N ASN B 386 15.82 25.30 -26.96
CA ASN B 386 17.11 24.75 -27.33
C ASN B 386 17.29 23.40 -26.63
N PRO B 387 17.51 22.31 -27.37
CA PRO B 387 17.67 21.02 -26.70
C PRO B 387 18.89 21.01 -25.78
N ASN B 388 18.77 20.27 -24.68
CA ASN B 388 19.85 20.18 -23.71
C ASN B 388 21.03 19.43 -24.30
N PRO B 389 22.23 20.00 -24.37
CA PRO B 389 23.36 19.24 -24.90
C PRO B 389 23.68 17.99 -24.11
N LYS B 390 23.36 17.97 -22.81
CA LYS B 390 23.62 16.79 -22.00
C LYS B 390 22.66 15.65 -22.30
N ILE B 391 21.55 15.93 -22.98
CA ILE B 391 20.60 14.89 -23.36
C ILE B 391 20.94 14.42 -24.78
N PRO B 392 21.68 13.32 -24.93
CA PRO B 392 22.08 12.90 -26.28
C PRO B 392 20.92 12.50 -27.17
N GLY B 393 19.87 11.89 -26.60
CA GLY B 393 18.80 11.32 -27.41
C GLY B 393 18.09 12.31 -28.30
N LEU B 394 18.14 13.61 -27.95
CA LEU B 394 17.46 14.62 -28.74
C LEU B 394 18.24 15.01 -29.99
N PHE B 395 19.47 14.52 -30.16
CA PHE B 395 20.25 14.77 -31.36
C PHE B 395 20.45 13.54 -32.23
N ASP B 396 20.40 12.35 -31.65
CA ASP B 396 20.54 11.10 -32.39
C ASP B 396 19.22 10.62 -32.99
N GLY B 397 18.12 11.33 -32.76
CA GLY B 397 16.84 10.96 -33.31
C GLY B 397 16.06 9.93 -32.51
N ARG B 398 16.60 9.47 -31.37
CA ARG B 398 15.88 8.50 -30.56
C ARG B 398 14.68 9.13 -29.85
N LEU B 399 14.82 10.39 -29.44
CA LEU B 399 13.78 11.10 -28.71
C LEU B 399 13.38 12.35 -29.46
N LYS B 400 12.18 12.86 -29.14
CA LYS B 400 11.66 14.05 -29.80
C LYS B 400 10.62 14.67 -28.87
N VAL B 401 10.92 15.85 -28.33
CA VAL B 401 9.98 16.55 -27.47
C VAL B 401 8.83 17.08 -28.30
N VAL B 402 7.60 16.84 -27.84
CA VAL B 402 6.39 17.25 -28.56
C VAL B 402 6.20 18.74 -28.28
N THR B 403 6.59 19.58 -29.25
CA THR B 403 6.43 21.02 -29.13
C THR B 403 5.13 21.53 -29.75
N GLU B 404 4.38 20.67 -30.44
CA GLU B 404 3.12 21.06 -31.04
C GLU B 404 2.18 19.86 -31.02
N THR B 405 0.89 20.14 -31.16
CA THR B 405 -0.11 19.09 -31.08
C THR B 405 0.20 17.98 -32.09
N THR B 406 0.14 16.73 -31.62
CA THR B 406 0.48 15.57 -32.41
C THR B 406 -0.67 14.59 -32.42
N PRO B 407 -1.01 14.00 -33.59
CA PRO B 407 -2.16 13.07 -33.64
C PRO B 407 -1.85 11.66 -33.15
N PHE B 408 -1.94 11.48 -31.83
CA PHE B 408 -1.77 10.17 -31.23
C PHE B 408 -2.94 9.27 -31.64
N ASP B 409 -2.66 8.26 -32.46
CA ASP B 409 -3.72 7.41 -32.95
C ASP B 409 -4.10 6.32 -31.96
N GLY B 410 -3.12 5.69 -31.33
CA GLY B 410 -3.39 4.65 -30.37
C GLY B 410 -2.13 3.90 -30.00
N GLY B 411 -2.23 3.15 -28.91
CA GLY B 411 -1.10 2.38 -28.43
C GLY B 411 -0.96 2.45 -26.92
N LEU B 412 0.28 2.48 -26.44
CA LEU B 412 0.58 2.53 -25.01
C LEU B 412 1.25 3.84 -24.65
N ILE B 413 0.96 4.33 -23.45
CA ILE B 413 1.57 5.54 -22.91
C ILE B 413 2.17 5.21 -21.55
N ALA B 414 3.43 5.59 -21.35
CA ALA B 414 4.15 5.32 -20.12
C ALA B 414 4.35 6.62 -19.35
N ILE B 415 4.18 6.56 -18.02
CA ILE B 415 4.29 7.72 -17.16
C ILE B 415 5.27 7.41 -16.04
N ASN B 416 6.16 8.37 -15.77
CA ASN B 416 7.13 8.31 -14.68
C ASN B 416 6.81 9.41 -13.68
N SER B 417 7.06 9.12 -12.40
CA SER B 417 6.82 10.09 -11.34
C SER B 417 7.96 10.05 -10.32
N PHE B 418 9.20 10.05 -10.82
CA PHE B 418 10.36 10.03 -9.93
C PHE B 418 10.24 11.12 -8.89
N GLY B 419 10.39 10.75 -7.62
CA GLY B 419 10.23 11.64 -6.51
C GLY B 419 11.53 11.82 -5.72
N MET B 420 11.51 12.80 -4.83
CA MET B 420 12.68 13.06 -4.01
C MET B 420 12.94 11.89 -3.05
N GLY B 421 14.19 11.73 -2.68
CA GLY B 421 14.61 10.59 -1.86
C GLY B 421 15.10 9.42 -2.70
N GLY B 422 14.34 9.03 -3.72
CA GLY B 422 14.76 7.99 -4.63
C GLY B 422 13.70 6.97 -4.95
N THR B 423 12.51 7.15 -4.37
CA THR B 423 11.39 6.22 -4.60
C THR B 423 10.77 6.53 -5.95
N ASN B 424 11.09 5.72 -6.95
CA ASN B 424 10.57 5.91 -8.29
C ASN B 424 9.25 5.15 -8.48
N ALA B 425 8.54 5.50 -9.54
CA ALA B 425 7.29 4.86 -9.88
C ALA B 425 7.07 4.95 -11.39
N HIS B 426 6.63 3.86 -11.99
CA HIS B 426 6.36 3.80 -13.42
C HIS B 426 4.99 3.17 -13.63
N ALA B 427 4.28 3.64 -14.65
CA ALA B 427 2.98 3.06 -14.99
C ALA B 427 2.79 3.07 -16.50
N ILE B 428 2.00 2.11 -16.98
CA ILE B 428 1.72 1.95 -18.41
C ILE B 428 0.21 1.90 -18.59
N PHE B 429 -0.30 2.63 -19.58
CA PHE B 429 -1.71 2.66 -19.92
C PHE B 429 -1.91 2.30 -21.37
N ARG B 430 -2.94 1.50 -21.64
CA ARG B 430 -3.29 1.07 -22.99
C ARG B 430 -4.54 1.80 -23.45
N SER B 431 -4.53 2.30 -24.68
CA SER B 431 -5.64 3.06 -25.20
C SER B 431 -6.86 2.17 -25.43
N PHE B 432 -8.04 2.75 -25.28
CA PHE B 432 -9.32 2.08 -25.51
C PHE B 432 -9.87 2.59 -26.84
N ASP B 433 -9.94 1.71 -27.82
CA ASP B 433 -10.35 2.06 -29.19
C ASP B 433 -11.75 1.49 -29.43
N LYS B 434 -12.77 2.29 -29.15
CA LYS B 434 -14.17 1.94 -29.38
C LYS B 434 -14.90 3.11 -30.03
N ARG B 435 -14.30 3.64 -31.11
CA ARG B 435 -14.85 4.82 -31.79
C ARG B 435 -16.36 4.71 -31.93
N ALA B 436 -17.05 5.83 -31.70
CA ALA B 436 -18.49 5.83 -31.64
C ALA B 436 -19.11 5.48 -32.99
N GLU B 437 -20.29 4.89 -32.94
CA GLU B 437 -21.09 4.55 -34.11
C GLU B 437 -22.48 5.16 -33.97
N PRO B 438 -23.15 5.43 -35.09
CA PRO B 438 -24.44 6.12 -35.02
C PRO B 438 -25.50 5.27 -34.32
N HIS B 439 -26.42 5.96 -33.66
CA HIS B 439 -27.56 5.38 -32.98
C HIS B 439 -28.84 5.74 -33.73
N PRO B 440 -29.89 4.92 -33.65
CA PRO B 440 -31.16 5.32 -34.28
C PRO B 440 -31.66 6.67 -33.77
N ALA B 441 -31.40 6.98 -32.50
CA ALA B 441 -31.68 8.30 -31.96
C ALA B 441 -30.56 9.26 -32.34
N SER B 442 -30.51 10.43 -31.70
CA SER B 442 -29.57 11.52 -31.95
C SER B 442 -30.04 12.38 -33.13
N ASP B 443 -31.14 12.02 -33.79
CA ASP B 443 -31.75 12.88 -34.79
C ASP B 443 -33.23 13.15 -34.51
N LYS B 444 -33.83 12.46 -33.55
CA LYS B 444 -35.20 12.67 -33.13
C LYS B 444 -35.24 13.36 -31.77
N PRO B 445 -36.36 14.01 -31.42
CA PRO B 445 -36.43 14.67 -30.11
C PRO B 445 -36.21 13.67 -28.99
N ARG B 446 -35.50 14.11 -27.95
CA ARG B 446 -35.23 13.28 -26.79
C ARG B 446 -35.45 14.11 -25.53
N LEU B 447 -35.76 13.44 -24.43
CA LEU B 447 -35.99 14.09 -23.15
C LEU B 447 -34.77 13.91 -22.26
N PHE B 448 -34.12 15.01 -21.91
CA PHE B 448 -32.94 15.01 -21.06
C PHE B 448 -33.34 15.51 -19.67
N THR B 449 -33.26 14.64 -18.69
CA THR B 449 -33.61 14.94 -17.31
C THR B 449 -32.38 14.85 -16.44
N TYR B 450 -32.24 15.79 -15.50
CA TYR B 450 -31.06 15.82 -14.64
C TYR B 450 -31.39 16.53 -13.34
N CYS B 451 -30.42 16.51 -12.42
CA CYS B 451 -30.54 17.18 -11.14
C CYS B 451 -29.20 17.85 -10.82
N ALA B 452 -29.28 18.90 -10.00
CA ALA B 452 -28.10 19.68 -9.64
C ALA B 452 -28.38 20.40 -8.33
N ARG B 453 -27.34 21.07 -7.82
CA ARG B 453 -27.43 21.79 -6.56
C ARG B 453 -27.92 23.22 -6.73
N THR B 454 -27.70 23.83 -7.90
CA THR B 454 -28.08 25.20 -8.15
C THR B 454 -28.76 25.32 -9.50
N GLU B 455 -29.62 26.33 -9.63
CA GLU B 455 -30.32 26.56 -10.89
C GLU B 455 -29.35 26.91 -12.01
N GLU B 456 -28.35 27.74 -11.72
CA GLU B 456 -27.38 28.11 -12.74
C GLU B 456 -26.60 26.89 -13.21
N GLY B 457 -26.20 26.02 -12.28
CA GLY B 457 -25.51 24.80 -12.68
C GLY B 457 -26.35 23.91 -13.56
N LEU B 458 -27.64 23.78 -13.23
CA LEU B 458 -28.54 22.98 -14.06
C LEU B 458 -28.71 23.59 -15.45
N GLN B 459 -28.80 24.92 -15.52
CA GLN B 459 -28.90 25.58 -16.82
C GLN B 459 -27.64 25.35 -17.65
N LYS B 460 -26.47 25.42 -17.02
CA LYS B 460 -25.23 25.14 -17.74
C LYS B 460 -25.20 23.69 -18.20
N ILE B 461 -25.68 22.77 -17.36
CA ILE B 461 -25.75 21.35 -17.75
C ILE B 461 -26.63 21.19 -18.97
N PHE B 462 -27.79 21.85 -18.98
CA PHE B 462 -28.69 21.75 -20.12
C PHE B 462 -28.06 22.35 -21.38
N GLU B 463 -27.34 23.47 -21.23
CA GLU B 463 -26.66 24.05 -22.38
C GLU B 463 -25.63 23.08 -22.95
N GLU B 464 -24.84 22.45 -22.08
CA GLU B 464 -23.86 21.48 -22.54
C GLU B 464 -24.52 20.28 -23.20
N ALA B 465 -25.64 19.82 -22.64
CA ALA B 465 -26.36 18.70 -23.24
C ALA B 465 -26.87 19.06 -24.63
N HIS B 466 -27.42 20.28 -24.78
CA HIS B 466 -27.84 20.73 -26.09
C HIS B 466 -26.66 20.78 -27.05
N LYS B 467 -25.48 21.17 -26.54
CA LYS B 467 -24.28 21.19 -27.37
C LYS B 467 -23.97 19.80 -27.91
N HIS B 468 -24.28 18.76 -27.15
CA HIS B 468 -24.07 17.37 -27.55
C HIS B 468 -25.39 16.66 -27.81
N ALA B 469 -26.34 17.36 -28.43
CA ALA B 469 -27.65 16.77 -28.70
C ALA B 469 -27.57 15.58 -29.65
N SER B 470 -26.49 15.47 -30.43
CA SER B 470 -26.34 14.40 -31.39
C SER B 470 -25.62 13.18 -30.82
N ASN B 471 -25.32 13.17 -29.53
CA ASN B 471 -24.63 12.07 -28.87
C ASN B 471 -25.60 11.38 -27.92
N VAL B 472 -25.77 10.07 -28.09
CA VAL B 472 -26.63 9.31 -27.20
C VAL B 472 -25.85 8.68 -26.04
N GLU B 473 -24.57 8.38 -26.26
CA GLU B 473 -23.74 7.87 -25.17
C GLU B 473 -23.61 8.88 -24.05
N PHE B 474 -23.44 10.16 -24.40
CA PHE B 474 -23.39 11.21 -23.38
C PHE B 474 -24.71 11.29 -22.64
N HIS B 475 -25.83 11.16 -23.36
CA HIS B 475 -27.13 11.17 -22.70
C HIS B 475 -27.26 10.01 -21.73
N ALA B 476 -26.81 8.82 -22.13
CA ALA B 476 -26.87 7.68 -21.23
C ALA B 476 -25.99 7.89 -20.00
N LEU B 477 -24.80 8.44 -20.19
CA LEU B 477 -23.92 8.70 -19.05
C LEU B 477 -24.55 9.70 -18.09
N CYS B 478 -25.16 10.76 -18.62
CA CYS B 478 -25.88 11.71 -17.76
C CYS B 478 -27.05 11.03 -17.05
N GLN B 479 -27.78 10.18 -17.78
CA GLN B 479 -28.94 9.50 -17.21
C GLN B 479 -28.52 8.60 -16.04
N GLU B 480 -27.35 7.98 -16.15
CA GLU B 480 -26.95 7.02 -15.12
C GLU B 480 -26.86 7.66 -13.74
N SER B 481 -26.72 8.99 -13.67
CA SER B 481 -26.69 9.70 -12.39
C SER B 481 -27.75 10.79 -12.32
N ALA B 482 -28.82 10.66 -13.11
CA ALA B 482 -29.89 11.65 -13.14
C ALA B 482 -31.06 11.30 -12.22
N ASN B 483 -30.97 10.21 -11.47
CA ASN B 483 -32.04 9.77 -10.59
C ASN B 483 -31.69 9.91 -9.11
N THR B 484 -30.70 10.74 -8.79
CA THR B 484 -30.34 10.96 -7.39
C THR B 484 -31.51 11.58 -6.64
N LYS B 485 -31.66 11.19 -5.38
CA LYS B 485 -32.78 11.64 -4.59
C LYS B 485 -32.73 13.16 -4.40
N PRO B 486 -33.88 13.82 -4.26
CA PRO B 486 -33.86 15.28 -4.09
C PRO B 486 -33.07 15.74 -2.88
N LYS B 487 -33.00 14.93 -1.82
CA LYS B 487 -32.27 15.32 -0.62
C LYS B 487 -30.82 15.69 -0.95
N SER B 488 -30.21 14.96 -1.90
CA SER B 488 -28.84 15.25 -2.29
C SER B 488 -28.79 16.40 -3.29
N LEU B 489 -29.44 16.22 -4.44
CA LEU B 489 -29.50 17.25 -5.48
C LEU B 489 -30.93 17.77 -5.58
N PRO B 490 -31.24 18.96 -5.03
CA PRO B 490 -32.64 19.40 -4.97
C PRO B 490 -33.18 19.98 -6.28
N TYR B 491 -32.32 20.62 -7.08
CA TYR B 491 -32.79 21.30 -8.28
C TYR B 491 -32.95 20.27 -9.40
N ARG B 492 -34.20 19.88 -9.66
CA ARG B 492 -34.51 18.91 -10.70
C ARG B 492 -34.96 19.65 -11.97
N GLY B 493 -34.47 19.20 -13.12
CA GLY B 493 -34.78 19.87 -14.37
C GLY B 493 -34.92 18.90 -15.52
N ALA B 494 -35.62 19.36 -16.54
CA ALA B 494 -35.89 18.57 -17.74
C ALA B 494 -35.93 19.49 -18.95
N THR B 495 -35.35 19.01 -20.06
CA THR B 495 -35.36 19.73 -21.33
C THR B 495 -35.55 18.73 -22.45
N ILE B 496 -35.71 19.25 -23.67
CA ILE B 496 -35.85 18.42 -24.86
C ILE B 496 -34.74 18.77 -25.82
N LEU B 497 -33.95 17.77 -26.20
CA LEU B 497 -32.91 17.90 -27.21
C LEU B 497 -33.47 17.56 -28.58
N ASN B 498 -32.97 18.27 -29.60
CA ASN B 498 -33.46 18.12 -30.97
C ASN B 498 -34.96 18.42 -31.04
N ALA B 499 -35.36 19.51 -30.38
CA ALA B 499 -36.76 19.90 -30.28
C ALA B 499 -37.04 21.06 -31.23
N GLU B 500 -38.18 20.98 -31.93
CA GLU B 500 -38.60 22.10 -32.76
C GLU B 500 -38.86 23.34 -31.93
N GLY B 501 -39.50 23.18 -30.77
CA GLY B 501 -39.78 24.28 -29.87
C GLY B 501 -38.98 24.13 -28.59
N GLU B 502 -38.34 25.23 -28.18
CA GLU B 502 -37.52 25.21 -26.99
C GLU B 502 -38.37 24.90 -25.76
N TYR B 503 -37.88 23.99 -24.92
CA TYR B 503 -38.52 23.65 -23.67
C TYR B 503 -37.46 23.44 -22.60
N THR B 504 -37.74 23.94 -21.39
CA THR B 504 -36.81 23.80 -20.28
C THR B 504 -37.56 24.10 -18.99
N GLU B 505 -37.52 23.18 -18.04
CA GLU B 505 -38.16 23.34 -16.75
C GLU B 505 -37.15 23.02 -15.66
N ILE B 506 -37.10 23.86 -14.63
CA ILE B 506 -36.22 23.66 -13.48
C ILE B 506 -36.99 24.03 -12.23
N GLN B 507 -36.90 23.20 -11.20
CA GLN B 507 -37.63 23.44 -9.96
C GLN B 507 -36.90 22.80 -8.79
N LYS B 508 -37.00 23.44 -7.63
CA LYS B 508 -36.44 22.88 -6.40
C LYS B 508 -37.45 21.89 -5.82
N CYS B 509 -37.01 20.64 -5.63
CA CYS B 509 -37.91 19.58 -5.18
C CYS B 509 -37.68 19.30 -3.70
N PRO B 510 -38.72 19.26 -2.86
CA PRO B 510 -38.49 18.98 -1.44
C PRO B 510 -37.93 17.58 -1.21
N SER B 511 -37.26 17.43 -0.08
CA SER B 511 -36.64 16.13 0.24
C SER B 511 -37.70 15.02 0.29
N LYS B 512 -38.86 15.30 0.87
CA LYS B 512 -39.91 14.29 0.95
C LYS B 512 -40.36 13.90 -0.44
N ALA B 513 -40.59 12.61 -0.65
CA ALA B 513 -41.01 12.08 -1.94
C ALA B 513 -42.54 12.03 -2.00
N ARG B 514 -43.09 12.56 -3.09
CA ARG B 514 -44.53 12.58 -3.29
C ARG B 514 -44.99 11.28 -3.95
N GLU B 515 -46.31 11.05 -3.92
CA GLU B 515 -46.91 9.84 -4.42
C GLU B 515 -47.40 10.05 -5.86
N VAL B 516 -47.12 9.09 -6.73
CA VAL B 516 -47.51 9.15 -8.13
C VAL B 516 -48.83 8.40 -8.29
N TRP B 517 -49.80 9.02 -8.96
CA TRP B 517 -51.13 8.45 -9.15
C TRP B 517 -51.51 8.56 -10.61
N PHE B 518 -51.56 7.42 -11.29
CA PHE B 518 -52.06 7.39 -12.66
C PHE B 518 -53.56 7.58 -12.66
N VAL B 519 -54.04 8.44 -13.56
CA VAL B 519 -55.47 8.73 -13.72
C VAL B 519 -55.84 8.47 -15.16
N TYR B 520 -56.78 7.56 -15.38
CA TYR B 520 -57.24 7.20 -16.72
C TYR B 520 -58.60 7.83 -16.98
N SER B 521 -58.70 8.61 -18.04
CA SER B 521 -59.95 9.25 -18.40
C SER B 521 -60.81 8.31 -19.25
N GLY B 522 -62.08 8.65 -19.35
CA GLY B 522 -63.06 7.82 -20.04
C GLY B 522 -63.37 8.33 -21.43
N MET B 523 -64.65 8.30 -21.79
CA MET B 523 -65.08 8.68 -23.12
C MET B 523 -65.01 10.20 -23.30
N GLY B 524 -65.12 10.63 -24.55
CA GLY B 524 -65.08 12.04 -24.90
C GLY B 524 -63.72 12.55 -25.31
N SER B 525 -62.64 11.83 -24.97
CA SER B 525 -61.30 12.24 -25.34
C SER B 525 -60.98 11.97 -26.81
N GLN B 526 -61.95 11.46 -27.57
CA GLN B 526 -61.74 11.20 -28.98
C GLN B 526 -61.58 12.51 -29.76
N TRP B 527 -60.79 12.42 -30.83
CA TRP B 527 -60.63 13.52 -31.77
C TRP B 527 -59.93 12.95 -33.01
N VAL B 528 -59.68 13.81 -33.98
CA VAL B 528 -59.05 13.40 -35.23
C VAL B 528 -57.54 13.59 -35.09
N GLY B 529 -56.79 12.50 -35.23
CA GLY B 529 -55.35 12.53 -35.09
C GLY B 529 -54.82 12.09 -33.74
N MET B 530 -55.67 11.54 -32.88
CA MET B 530 -55.23 11.08 -31.56
C MET B 530 -54.07 10.11 -31.69
N GLY B 531 -52.93 10.48 -31.12
CA GLY B 531 -51.77 9.62 -31.12
C GLY B 531 -51.02 9.55 -32.44
N ARG B 532 -51.40 10.36 -33.43
CA ARG B 532 -50.71 10.31 -34.72
C ARG B 532 -49.26 10.73 -34.58
N SER B 533 -49.00 11.79 -33.81
CA SER B 533 -47.62 12.22 -33.59
C SER B 533 -46.85 11.19 -32.76
N LEU B 534 -47.47 10.69 -31.69
CA LEU B 534 -46.81 9.72 -30.83
C LEU B 534 -46.37 8.47 -31.58
N MET B 535 -46.86 8.26 -32.81
CA MET B 535 -46.41 7.12 -33.59
C MET B 535 -44.92 7.18 -33.89
N ALA B 536 -44.31 8.36 -33.76
CA ALA B 536 -42.87 8.47 -34.02
C ALA B 536 -42.09 7.53 -33.10
N LEU B 537 -42.48 7.44 -31.84
CA LEU B 537 -41.81 6.55 -30.91
C LEU B 537 -42.02 5.09 -31.33
N ASP B 538 -40.95 4.31 -31.23
CA ASP B 538 -41.03 2.89 -31.61
C ASP B 538 -41.97 2.12 -30.70
N VAL B 539 -41.89 2.37 -29.39
CA VAL B 539 -42.70 1.60 -28.44
C VAL B 539 -44.17 1.86 -28.66
N PHE B 540 -44.55 3.13 -28.86
CA PHE B 540 -45.96 3.46 -29.08
C PHE B 540 -46.48 2.78 -30.34
N ARG B 541 -45.72 2.84 -31.43
CA ARG B 541 -46.15 2.23 -32.68
C ARG B 541 -46.26 0.71 -32.53
N GLN B 542 -45.30 0.09 -31.84
CA GLN B 542 -45.36 -1.35 -31.64
C GLN B 542 -46.57 -1.74 -30.82
N SER B 543 -46.87 -0.97 -29.76
CA SER B 543 -48.05 -1.25 -28.96
C SER B 543 -49.33 -1.14 -29.79
N ILE B 544 -49.44 -0.09 -30.61
CA ILE B 544 -50.63 0.09 -31.43
C ILE B 544 -50.75 -1.04 -32.44
N GLU B 545 -49.62 -1.45 -33.04
CA GLU B 545 -49.66 -2.54 -34.00
C GLU B 545 -50.08 -3.84 -33.35
N GLU B 546 -49.58 -4.11 -32.14
CA GLU B 546 -49.98 -5.31 -31.42
C GLU B 546 -51.48 -5.31 -31.14
N THR B 547 -52.00 -4.17 -30.67
CA THR B 547 -53.44 -4.09 -30.41
C THR B 547 -54.24 -4.28 -31.69
N ALA B 548 -53.80 -3.67 -32.79
CA ALA B 548 -54.50 -3.82 -34.06
C ALA B 548 -54.49 -5.27 -34.54
N ALA B 549 -53.35 -5.94 -34.39
CA ALA B 549 -53.27 -7.35 -34.78
C ALA B 549 -54.19 -8.20 -33.92
N ILE B 550 -54.25 -7.91 -32.62
CA ILE B 550 -55.14 -8.66 -31.74
C ILE B 550 -56.59 -8.48 -32.15
N LEU B 551 -56.98 -7.24 -32.48
CA LEU B 551 -58.37 -6.95 -32.80
C LEU B 551 -58.75 -7.28 -34.24
N SER B 552 -57.78 -7.53 -35.11
CA SER B 552 -58.09 -7.83 -36.51
C SER B 552 -59.03 -9.02 -36.67
N PRO B 553 -58.84 -10.16 -35.98
CA PRO B 553 -59.73 -11.30 -36.19
C PRO B 553 -61.21 -10.96 -36.01
N PHE B 554 -61.50 -9.87 -35.30
CA PHE B 554 -62.87 -9.45 -35.03
C PHE B 554 -63.37 -8.41 -36.04
N GLY B 555 -62.66 -8.21 -37.14
CA GLY B 555 -63.14 -7.32 -38.18
C GLY B 555 -63.02 -5.85 -37.87
N VAL B 556 -62.04 -5.46 -37.04
CA VAL B 556 -61.80 -4.07 -36.70
C VAL B 556 -60.39 -3.71 -37.13
N ASP B 557 -60.26 -2.61 -37.87
CA ASP B 557 -58.96 -2.12 -38.32
C ASP B 557 -58.61 -0.93 -37.44
N LEU B 558 -57.94 -1.23 -36.32
CA LEU B 558 -57.52 -0.18 -35.40
C LEU B 558 -56.59 0.81 -36.10
N MET B 559 -55.66 0.29 -36.90
CA MET B 559 -54.69 1.12 -37.61
C MET B 559 -55.37 2.15 -38.51
N SER B 560 -56.32 1.69 -39.33
CA SER B 560 -56.99 2.60 -40.25
C SER B 560 -57.75 3.69 -39.50
N LEU B 561 -58.46 3.31 -38.44
CA LEU B 561 -59.21 4.29 -37.66
C LEU B 561 -58.27 5.31 -37.03
N LEU B 562 -57.14 4.86 -36.47
CA LEU B 562 -56.23 5.76 -35.80
C LEU B 562 -55.59 6.76 -36.76
N MET B 563 -55.16 6.29 -37.94
CA MET B 563 -54.42 7.15 -38.86
C MET B 563 -55.32 7.86 -39.87
N ASP B 564 -56.05 7.11 -40.69
CA ASP B 564 -56.87 7.71 -41.74
C ASP B 564 -58.30 7.95 -41.29
N GLY B 565 -58.60 7.77 -40.01
CA GLY B 565 -59.95 7.96 -39.53
C GLY B 565 -60.40 9.41 -39.65
N THR B 566 -61.70 9.59 -39.79
CA THR B 566 -62.32 10.90 -39.92
C THR B 566 -63.37 11.08 -38.82
N GLU B 567 -63.90 12.31 -38.74
CA GLU B 567 -64.91 12.60 -37.73
C GLU B 567 -66.12 11.68 -37.85
N ASP B 568 -66.49 11.31 -39.08
CA ASP B 568 -67.56 10.35 -39.26
C ASP B 568 -67.26 9.04 -38.54
N LYS B 569 -65.98 8.65 -38.52
CA LYS B 569 -65.58 7.45 -37.79
C LYS B 569 -65.95 7.56 -36.31
N LEU B 570 -65.57 8.67 -35.67
CA LEU B 570 -65.84 8.84 -34.26
C LEU B 570 -67.30 9.13 -33.98
N LYS B 571 -68.09 9.44 -35.01
CA LYS B 571 -69.53 9.60 -34.81
C LYS B 571 -70.19 8.30 -34.38
N GLU B 572 -69.63 7.15 -34.78
CA GLU B 572 -70.12 5.86 -34.32
C GLU B 572 -69.58 5.58 -32.92
N ILE B 573 -70.07 4.50 -32.30
CA ILE B 573 -69.68 4.17 -30.93
C ILE B 573 -68.42 3.32 -30.89
N MET B 574 -68.36 2.27 -31.70
CA MET B 574 -67.25 1.31 -31.64
C MET B 574 -65.88 1.97 -31.82
N PRO B 575 -65.67 2.83 -32.82
CA PRO B 575 -64.35 3.43 -33.02
C PRO B 575 -63.90 4.26 -31.81
N PRO B 576 -64.80 5.06 -31.20
CA PRO B 576 -64.39 5.78 -29.98
C PRO B 576 -63.76 4.88 -28.94
N PHE B 577 -64.50 3.85 -28.51
CA PHE B 577 -63.98 2.95 -27.48
C PHE B 577 -62.65 2.35 -27.92
N ILE B 578 -62.61 1.82 -29.14
CA ILE B 578 -61.40 1.12 -29.58
C ILE B 578 -60.20 2.06 -29.56
N CYS B 579 -60.37 3.26 -30.11
CA CYS B 579 -59.24 4.17 -30.23
C CYS B 579 -58.78 4.68 -28.86
N ILE B 580 -59.72 5.09 -28.01
CA ILE B 580 -59.32 5.61 -26.70
C ILE B 580 -58.57 4.53 -25.92
N ASN B 581 -59.11 3.30 -25.93
CA ASN B 581 -58.45 2.23 -25.17
C ASN B 581 -57.08 1.90 -25.76
N ALA B 582 -56.95 1.88 -27.09
CA ALA B 582 -55.65 1.60 -27.69
C ALA B 582 -54.63 2.66 -27.30
N ILE B 583 -55.03 3.93 -27.34
CA ILE B 583 -54.12 5.01 -26.94
C ILE B 583 -53.73 4.84 -25.47
N GLN B 584 -54.69 4.47 -24.62
CA GLN B 584 -54.38 4.29 -23.21
C GLN B 584 -53.37 3.17 -23.01
N LEU B 585 -53.55 2.03 -23.69
CA LEU B 585 -52.59 0.94 -23.55
C LEU B 585 -51.22 1.36 -24.06
N ALA B 586 -51.16 2.09 -25.19
CA ALA B 586 -49.87 2.52 -25.71
C ALA B 586 -49.17 3.46 -24.74
N LEU B 587 -49.91 4.39 -24.15
CA LEU B 587 -49.30 5.30 -23.17
C LEU B 587 -48.82 4.55 -21.94
N THR B 588 -49.60 3.56 -21.49
CA THR B 588 -49.17 2.75 -20.35
C THR B 588 -47.89 2.00 -20.67
N ASP B 589 -47.80 1.43 -21.88
CA ASP B 589 -46.59 0.73 -22.29
C ASP B 589 -45.40 1.68 -22.33
N LEU B 590 -45.60 2.90 -22.86
CA LEU B 590 -44.52 3.88 -22.88
C LEU B 590 -44.05 4.21 -21.47
N LEU B 591 -44.99 4.45 -20.55
CA LEU B 591 -44.62 4.80 -19.18
C LEU B 591 -43.88 3.65 -18.51
N ASN B 592 -44.34 2.41 -18.72
CA ASN B 592 -43.66 1.26 -18.16
C ASN B 592 -42.25 1.12 -18.73
N SER B 593 -42.09 1.36 -20.03
CA SER B 593 -40.77 1.29 -20.65
C SER B 593 -39.84 2.33 -20.04
N MET B 594 -40.33 3.54 -19.82
CA MET B 594 -39.51 4.55 -19.15
C MET B 594 -39.27 4.24 -17.69
N GLY B 595 -39.96 3.26 -17.11
CA GLY B 595 -39.69 2.87 -15.75
C GLY B 595 -40.42 3.69 -14.70
N ILE B 596 -41.62 4.17 -15.00
CA ILE B 596 -42.42 4.90 -14.02
C ILE B 596 -43.33 3.89 -13.32
N VAL B 597 -43.17 3.77 -12.01
CA VAL B 597 -43.96 2.85 -11.20
C VAL B 597 -45.08 3.65 -10.54
N PRO B 598 -46.35 3.42 -10.89
CA PRO B 598 -47.44 4.20 -10.29
C PRO B 598 -47.73 3.71 -8.87
N ASP B 599 -47.61 4.61 -7.90
CA ASP B 599 -47.95 4.27 -6.52
C ASP B 599 -49.45 4.13 -6.32
N GLY B 600 -50.26 4.72 -7.20
CA GLY B 600 -51.69 4.58 -7.12
C GLY B 600 -52.30 4.64 -8.50
N LEU B 601 -53.47 4.03 -8.64
CA LEU B 601 -54.17 3.94 -9.92
C LEU B 601 -55.64 4.29 -9.73
N VAL B 602 -56.17 5.10 -10.64
CA VAL B 602 -57.59 5.43 -10.65
C VAL B 602 -58.00 5.70 -12.09
N GLY B 603 -59.29 5.54 -12.37
CA GLY B 603 -59.78 5.73 -13.72
C GLY B 603 -61.26 6.01 -13.75
N HIS B 604 -61.68 6.72 -14.78
CA HIS B 604 -63.10 7.00 -15.01
C HIS B 604 -63.73 5.81 -15.72
N SER B 605 -64.98 5.96 -16.16
CA SER B 605 -65.62 4.92 -16.93
C SER B 605 -64.84 4.65 -18.21
N LEU B 606 -64.66 3.37 -18.53
CA LEU B 606 -63.91 2.93 -19.70
C LEU B 606 -62.41 3.11 -19.49
N GLY B 607 -62.02 3.75 -18.39
CA GLY B 607 -60.61 3.87 -18.04
C GLY B 607 -60.19 2.81 -17.05
N GLU B 608 -61.17 2.17 -16.42
CA GLU B 608 -60.86 1.13 -15.45
C GLU B 608 -60.16 -0.05 -16.11
N VAL B 609 -60.45 -0.31 -17.38
CA VAL B 609 -59.72 -1.34 -18.11
C VAL B 609 -58.25 -0.97 -18.22
N GLY B 610 -57.96 0.31 -18.47
CA GLY B 610 -56.58 0.75 -18.50
C GLY B 610 -55.88 0.59 -17.16
N CYS B 611 -56.59 0.92 -16.08
CA CYS B 611 -56.03 0.73 -14.75
C CYS B 611 -55.75 -0.74 -14.48
N ALA B 612 -56.68 -1.62 -14.88
CA ALA B 612 -56.46 -3.05 -14.70
C ALA B 612 -55.23 -3.52 -15.49
N TYR B 613 -55.09 -3.05 -16.73
CA TYR B 613 -53.94 -3.44 -17.53
C TYR B 613 -52.64 -2.95 -16.91
N ALA B 614 -52.63 -1.70 -16.43
CA ALA B 614 -51.41 -1.14 -15.85
C ALA B 614 -51.07 -1.78 -14.51
N ASP B 615 -52.08 -2.26 -13.78
CA ASP B 615 -51.87 -2.87 -12.47
C ASP B 615 -51.36 -4.30 -12.56
N GLY B 616 -51.42 -4.92 -13.72
CA GLY B 616 -51.01 -6.29 -13.89
C GLY B 616 -52.11 -7.32 -13.70
N CYS B 617 -53.28 -6.90 -13.22
CA CYS B 617 -54.40 -7.83 -13.08
C CYS B 617 -55.01 -8.19 -14.43
N LEU B 618 -54.82 -7.34 -15.44
CA LEU B 618 -55.33 -7.57 -16.78
C LEU B 618 -54.17 -7.59 -17.77
N THR B 619 -54.43 -8.17 -18.93
CA THR B 619 -53.44 -8.23 -20.01
C THR B 619 -53.92 -7.37 -21.18
N ARG B 620 -53.01 -7.15 -22.14
CA ARG B 620 -53.33 -6.33 -23.29
C ARG B 620 -54.55 -6.89 -24.03
N ARG B 621 -54.50 -8.17 -24.38
CA ARG B 621 -55.59 -8.79 -25.12
C ARG B 621 -56.88 -8.72 -24.32
N GLU B 622 -56.81 -9.04 -23.02
CA GLU B 622 -58.02 -9.05 -22.20
C GLU B 622 -58.64 -7.66 -22.11
N ALA B 623 -57.80 -6.62 -21.97
CA ALA B 623 -58.33 -5.26 -21.88
C ALA B 623 -58.96 -4.82 -23.20
N ILE B 624 -58.26 -5.06 -24.32
CA ILE B 624 -58.81 -4.64 -25.61
C ILE B 624 -60.12 -5.37 -25.87
N LEU B 625 -60.19 -6.66 -25.51
CA LEU B 625 -61.41 -7.42 -25.77
C LEU B 625 -62.52 -7.01 -24.83
N SER B 626 -62.20 -6.62 -23.59
CA SER B 626 -63.22 -6.07 -22.71
C SER B 626 -63.82 -4.80 -23.29
N ALA B 627 -62.96 -3.92 -23.82
CA ALA B 627 -63.46 -2.70 -24.45
C ALA B 627 -64.31 -3.02 -25.68
N PHE B 628 -63.84 -3.94 -26.51
CA PHE B 628 -64.58 -4.33 -27.71
C PHE B 628 -65.94 -4.90 -27.33
N TRP B 629 -65.98 -5.72 -26.29
CA TRP B 629 -67.25 -6.28 -25.82
C TRP B 629 -68.15 -5.20 -25.26
N ARG B 630 -67.59 -4.20 -24.57
CA ARG B 630 -68.41 -3.09 -24.09
C ARG B 630 -69.08 -2.37 -25.24
N ALA B 631 -68.32 -2.07 -26.29
CA ALA B 631 -68.91 -1.39 -27.45
C ALA B 631 -69.92 -2.28 -28.16
N LYS B 632 -69.61 -3.57 -28.31
CA LYS B 632 -70.50 -4.48 -29.01
C LYS B 632 -71.81 -4.68 -28.26
N ALA B 633 -71.76 -4.70 -26.94
CA ALA B 633 -72.97 -4.91 -26.14
C ALA B 633 -73.99 -3.80 -26.38
N VAL B 634 -73.52 -2.62 -26.77
CA VAL B 634 -74.41 -1.49 -27.04
C VAL B 634 -74.73 -1.34 -28.52
N ILE B 635 -73.85 -1.82 -29.42
CA ILE B 635 -74.13 -1.75 -30.86
C ILE B 635 -74.73 -3.06 -31.37
N ASP B 636 -75.09 -3.99 -30.49
CA ASP B 636 -75.68 -5.25 -30.89
C ASP B 636 -77.11 -5.43 -30.39
N CYS B 637 -77.38 -5.03 -29.15
CA CYS B 637 -78.73 -5.07 -28.60
C CYS B 637 -79.37 -3.70 -28.72
N GLU B 638 -80.69 -3.69 -28.93
CA GLU B 638 -81.39 -2.43 -29.16
C GLU B 638 -81.51 -1.65 -27.86
N VAL B 639 -81.13 -0.38 -27.91
CA VAL B 639 -81.21 0.53 -26.77
C VAL B 639 -81.97 1.76 -27.24
N LYS B 640 -83.10 2.05 -26.59
CA LYS B 640 -83.93 3.18 -26.97
C LYS B 640 -83.13 4.48 -26.78
N PRO B 641 -83.37 5.51 -27.59
CA PRO B 641 -82.56 6.72 -27.47
C PRO B 641 -82.66 7.35 -26.09
N GLY B 642 -81.53 7.89 -25.64
CA GLY B 642 -81.43 8.58 -24.37
C GLY B 642 -80.36 9.64 -24.43
N LYS B 643 -80.09 10.31 -23.31
CA LYS B 643 -79.06 11.34 -23.28
C LYS B 643 -78.42 11.40 -21.91
N MET B 644 -77.29 12.12 -21.85
CA MET B 644 -76.58 12.42 -20.63
C MET B 644 -76.27 13.91 -20.61
N ALA B 645 -76.21 14.47 -19.41
CA ALA B 645 -75.98 15.88 -19.20
C ALA B 645 -75.05 16.07 -18.00
N ALA B 646 -74.56 17.30 -17.83
CA ALA B 646 -73.50 17.63 -16.90
C ALA B 646 -73.99 18.55 -15.78
N VAL B 647 -75.11 18.20 -15.15
CA VAL B 647 -75.79 19.16 -14.28
C VAL B 647 -74.87 19.52 -13.12
N GLU B 648 -74.80 20.81 -12.81
CA GLU B 648 -73.97 21.30 -11.70
C GLU B 648 -74.74 21.20 -10.39
N LEU B 649 -75.28 20.01 -10.16
CA LEU B 649 -75.90 19.63 -8.90
C LEU B 649 -74.94 18.78 -8.10
N THR B 650 -75.14 18.76 -6.79
CA THR B 650 -74.42 17.80 -5.96
C THR B 650 -75.00 16.40 -6.18
N TRP B 651 -74.20 15.39 -5.80
CA TRP B 651 -74.68 14.02 -5.92
C TRP B 651 -76.03 13.86 -5.24
N GLU B 652 -76.16 14.37 -4.01
CA GLU B 652 -77.42 14.28 -3.29
C GLU B 652 -78.49 15.14 -3.94
N GLU B 653 -78.11 16.24 -4.60
CA GLU B 653 -79.06 17.05 -5.32
C GLU B 653 -79.49 16.34 -6.60
N ALA B 654 -78.54 15.99 -7.47
CA ALA B 654 -78.86 15.39 -8.76
C ALA B 654 -79.61 14.07 -8.61
N LYS B 655 -79.04 13.15 -7.83
CA LYS B 655 -79.64 11.83 -7.68
C LYS B 655 -81.11 11.90 -7.30
N ARG B 656 -81.51 12.93 -6.55
CA ARG B 656 -82.90 13.13 -6.18
C ARG B 656 -83.67 13.93 -7.22
N LEU B 657 -83.01 14.90 -7.85
CA LEU B 657 -83.68 15.78 -8.80
C LEU B 657 -84.14 15.02 -10.04
N CYS B 658 -83.40 14.00 -10.43
CA CYS B 658 -83.70 13.29 -11.67
C CYS B 658 -84.99 12.48 -11.50
N PRO B 659 -85.89 12.49 -12.47
CA PRO B 659 -87.13 11.71 -12.37
C PRO B 659 -86.86 10.24 -12.62
N PRO B 660 -87.90 9.40 -12.59
CA PRO B 660 -87.71 7.98 -12.91
C PRO B 660 -87.06 7.78 -14.27
N GLY B 661 -86.12 6.83 -14.36
CA GLY B 661 -85.35 6.65 -15.57
C GLY B 661 -84.08 7.45 -15.56
N VAL B 662 -84.21 8.77 -15.37
CA VAL B 662 -83.03 9.62 -15.23
C VAL B 662 -82.37 9.34 -13.89
N VAL B 663 -81.06 9.15 -13.92
CA VAL B 663 -80.27 8.85 -12.72
C VAL B 663 -79.00 9.67 -12.82
N ALA B 664 -78.18 9.63 -11.77
CA ALA B 664 -76.87 10.28 -11.77
C ALA B 664 -75.80 9.22 -11.96
N ALA B 665 -74.93 9.43 -12.95
CA ALA B 665 -74.01 8.39 -13.41
C ALA B 665 -72.64 8.46 -12.73
N CYS B 666 -71.94 9.58 -12.89
CA CYS B 666 -70.56 9.70 -12.45
C CYS B 666 -70.41 10.91 -11.53
N HIS B 667 -69.76 10.70 -10.38
CA HIS B 667 -69.46 11.77 -9.44
C HIS B 667 -68.10 12.36 -9.81
N ASN B 668 -68.12 13.34 -10.71
CA ASN B 668 -66.87 13.91 -11.22
C ASN B 668 -66.09 14.62 -10.11
N SER B 669 -66.69 15.65 -9.53
CA SER B 669 -66.00 16.46 -8.52
C SER B 669 -67.00 16.83 -7.44
N GLN B 670 -66.60 17.73 -6.54
CA GLN B 670 -67.44 18.14 -5.42
C GLN B 670 -68.68 18.90 -5.88
N ASP B 671 -68.66 19.56 -7.04
CA ASP B 671 -69.90 20.05 -7.63
C ASP B 671 -69.90 19.89 -9.14
N SER B 672 -70.25 18.68 -9.60
CA SER B 672 -70.61 18.42 -10.98
C SER B 672 -71.09 16.97 -11.06
N VAL B 673 -72.25 16.72 -11.66
CA VAL B 673 -72.80 15.36 -11.68
C VAL B 673 -73.37 15.08 -13.06
N THR B 674 -72.96 13.94 -13.63
CA THR B 674 -73.60 13.46 -14.85
C THR B 674 -75.00 12.95 -14.50
N ILE B 675 -75.92 13.15 -15.43
CA ILE B 675 -77.28 12.65 -15.32
C ILE B 675 -77.61 11.98 -16.65
N SER B 676 -78.24 10.82 -16.60
CA SER B 676 -78.45 9.97 -17.78
C SER B 676 -79.85 9.40 -17.73
N GLY B 677 -80.55 9.44 -18.87
CA GLY B 677 -81.89 8.90 -18.91
C GLY B 677 -82.41 8.77 -20.32
N GLY B 678 -83.69 8.42 -20.43
CA GLY B 678 -84.32 8.31 -21.72
C GLY B 678 -84.50 9.66 -22.40
N ALA B 679 -84.59 9.61 -23.73
CA ALA B 679 -84.55 10.84 -24.51
C ALA B 679 -85.69 11.79 -24.18
N GLN B 680 -86.78 11.28 -23.60
CA GLN B 680 -87.95 12.09 -23.29
C GLN B 680 -87.92 12.55 -21.83
N GLU B 681 -87.81 11.59 -20.91
CA GLU B 681 -87.60 11.88 -19.50
C GLU B 681 -86.48 12.91 -19.36
N MET B 682 -85.37 12.65 -20.04
CA MET B 682 -84.20 13.51 -19.98
C MET B 682 -84.59 14.91 -20.39
N THR B 683 -84.97 15.08 -21.66
CA THR B 683 -85.22 16.41 -22.20
C THR B 683 -86.11 17.19 -21.24
N LYS B 684 -87.17 16.55 -20.73
CA LYS B 684 -88.09 17.29 -19.85
C LYS B 684 -87.40 17.69 -18.55
N PHE B 685 -86.69 16.77 -17.91
CA PHE B 685 -86.07 17.08 -16.62
C PHE B 685 -84.95 18.09 -16.79
N MET B 686 -84.15 17.96 -17.84
CA MET B 686 -83.11 18.94 -18.15
C MET B 686 -83.70 20.31 -18.35
N ALA B 687 -84.85 20.40 -19.04
CA ALA B 687 -85.49 21.70 -19.23
C ALA B 687 -85.92 22.29 -17.90
N GLU B 688 -86.62 21.50 -17.07
CA GLU B 688 -87.03 21.99 -15.76
C GLU B 688 -85.82 22.48 -14.98
N LEU B 689 -84.73 21.73 -15.04
CA LEU B 689 -83.48 22.17 -14.39
C LEU B 689 -83.05 23.52 -14.93
N SER B 690 -82.83 23.61 -16.23
CA SER B 690 -82.38 24.84 -16.89
C SER B 690 -83.20 26.02 -16.40
N ALA B 691 -84.49 25.80 -16.13
CA ALA B 691 -85.29 26.87 -15.52
C ALA B 691 -84.61 27.40 -14.26
N GLN B 692 -84.42 26.54 -13.27
CA GLN B 692 -83.62 26.90 -12.11
C GLN B 692 -82.15 27.03 -12.51
N GLY B 693 -81.42 27.90 -11.81
CA GLY B 693 -80.04 28.11 -12.20
C GLY B 693 -79.22 26.84 -12.04
N VAL B 694 -78.97 26.17 -13.17
CA VAL B 694 -78.19 24.95 -13.25
C VAL B 694 -77.69 24.82 -14.68
N THR B 695 -76.42 24.44 -14.85
CA THR B 695 -75.84 24.30 -16.19
C THR B 695 -76.06 22.87 -16.67
N VAL B 696 -77.19 22.66 -17.33
CA VAL B 696 -77.49 21.34 -17.94
C VAL B 696 -76.87 21.38 -19.33
N LYS B 697 -75.57 21.06 -19.38
CA LYS B 697 -74.82 21.04 -20.64
C LYS B 697 -74.82 19.60 -21.15
N GLU B 698 -75.64 19.33 -22.16
CA GLU B 698 -75.79 17.98 -22.67
C GLU B 698 -74.49 17.52 -23.33
N VAL B 699 -74.25 16.21 -23.29
CA VAL B 699 -73.06 15.59 -23.86
C VAL B 699 -73.50 14.49 -24.82
N ASN B 700 -72.81 14.39 -25.96
CA ASN B 700 -73.12 13.34 -26.91
C ASN B 700 -72.74 11.98 -26.36
N SER B 701 -73.63 11.00 -26.56
CA SER B 701 -73.37 9.64 -26.12
C SER B 701 -73.82 8.63 -27.18
N ASN B 702 -73.93 9.06 -28.44
CA ASN B 702 -74.54 8.24 -29.49
C ASN B 702 -75.95 7.83 -29.10
N ASN B 703 -76.66 8.73 -28.41
CA ASN B 703 -78.02 8.47 -27.92
C ASN B 703 -78.05 7.25 -27.00
N ILE B 704 -77.17 7.31 -25.99
CA ILE B 704 -77.05 6.26 -24.98
C ILE B 704 -76.99 6.91 -23.60
N SER B 705 -77.37 6.13 -22.59
CA SER B 705 -77.38 6.56 -21.18
C SER B 705 -76.61 5.52 -20.36
N TYR B 706 -75.30 5.70 -20.26
CA TYR B 706 -74.47 4.75 -19.54
C TYR B 706 -74.67 4.86 -18.03
N HIS B 707 -74.32 3.79 -17.34
CA HIS B 707 -74.34 3.75 -15.87
C HIS B 707 -75.71 4.13 -15.32
N SER B 708 -76.74 3.51 -15.89
CA SER B 708 -78.11 3.71 -15.45
C SER B 708 -78.85 2.38 -15.51
N SER B 709 -80.14 2.42 -15.16
CA SER B 709 -80.95 1.21 -15.24
C SER B 709 -80.98 0.65 -16.65
N PHE B 710 -80.91 1.52 -17.66
CA PHE B 710 -80.91 1.06 -19.04
C PHE B 710 -79.77 0.09 -19.30
N MET B 711 -78.62 0.29 -18.64
CA MET B 711 -77.45 -0.57 -18.80
C MET B 711 -77.62 -1.91 -18.10
N THR B 712 -78.80 -2.23 -17.57
CA THR B 712 -79.01 -3.55 -16.98
C THR B 712 -78.86 -4.65 -18.02
N GLU B 713 -79.55 -4.53 -19.16
CA GLU B 713 -79.48 -5.58 -20.17
C GLU B 713 -78.09 -5.72 -20.78
N PRO B 714 -77.44 -4.65 -21.25
CA PRO B 714 -76.08 -4.84 -21.81
C PRO B 714 -75.11 -5.45 -20.81
N ALA B 715 -75.11 -4.98 -19.55
CA ALA B 715 -74.12 -5.44 -18.59
C ALA B 715 -74.13 -6.96 -18.48
N ALA B 716 -75.31 -7.54 -18.24
CA ALA B 716 -75.42 -9.00 -18.21
C ALA B 716 -74.85 -9.60 -19.48
N TYR B 717 -75.28 -9.09 -20.64
CA TYR B 717 -74.72 -9.55 -21.89
C TYR B 717 -73.20 -9.45 -21.86
N LEU B 718 -72.68 -8.31 -21.44
CA LEU B 718 -71.23 -8.14 -21.34
C LEU B 718 -70.63 -9.25 -20.49
N LYS B 719 -71.25 -9.54 -19.34
CA LYS B 719 -70.76 -10.63 -18.50
C LYS B 719 -70.68 -11.92 -19.31
N LYS B 720 -71.77 -12.26 -20.00
CA LYS B 720 -71.77 -13.48 -20.81
C LYS B 720 -70.64 -13.44 -21.83
N GLY B 721 -70.37 -12.26 -22.40
CA GLY B 721 -69.28 -12.16 -23.36
C GLY B 721 -67.93 -12.32 -22.70
N LEU B 722 -67.76 -11.79 -21.50
CA LEU B 722 -66.46 -11.74 -20.85
C LEU B 722 -66.22 -12.87 -19.86
N GLU B 723 -67.25 -13.66 -19.55
CA GLU B 723 -67.06 -14.74 -18.58
C GLU B 723 -66.10 -15.80 -19.11
N LYS B 724 -66.01 -15.96 -20.43
CA LYS B 724 -65.16 -16.97 -21.03
C LYS B 724 -63.77 -16.47 -21.39
N GLU B 725 -63.50 -15.18 -21.20
CA GLU B 725 -62.22 -14.59 -21.60
C GLU B 725 -61.42 -14.06 -20.42
N ILE B 726 -62.01 -13.24 -19.57
CA ILE B 726 -61.28 -12.58 -18.49
C ILE B 726 -61.01 -13.63 -17.40
N VAL B 727 -59.74 -13.96 -17.20
CA VAL B 727 -59.33 -14.87 -16.12
C VAL B 727 -59.26 -14.06 -14.83
N PRO B 728 -60.00 -14.41 -13.79
CA PRO B 728 -59.93 -13.63 -12.55
C PRO B 728 -58.50 -13.55 -12.02
N LYS B 729 -58.11 -12.36 -11.59
CA LYS B 729 -56.80 -12.13 -11.00
C LYS B 729 -56.96 -11.12 -9.87
N PRO B 730 -56.12 -11.20 -8.84
CA PRO B 730 -56.28 -10.30 -7.69
C PRO B 730 -56.04 -8.84 -8.08
N ARG B 731 -56.73 -7.95 -7.39
CA ARG B 731 -56.59 -6.51 -7.57
C ARG B 731 -55.68 -5.97 -6.48
N SER B 732 -54.60 -5.31 -6.88
CA SER B 732 -53.66 -4.75 -5.91
C SER B 732 -54.27 -3.55 -5.20
N LYS B 733 -53.74 -3.28 -4.01
CA LYS B 733 -54.21 -2.13 -3.24
C LYS B 733 -53.96 -0.81 -3.95
N LYS B 734 -52.99 -0.78 -4.88
CA LYS B 734 -52.72 0.45 -5.60
C LYS B 734 -53.93 0.89 -6.42
N TRP B 735 -54.59 -0.04 -7.09
CA TRP B 735 -55.75 0.29 -7.91
C TRP B 735 -56.93 0.62 -7.00
N ILE B 736 -57.49 1.81 -7.17
CA ILE B 736 -58.63 2.27 -6.39
C ILE B 736 -59.86 2.16 -7.26
N SER B 737 -60.79 1.29 -6.87
CA SER B 737 -62.00 1.09 -7.64
C SER B 737 -62.88 2.33 -7.61
N THR B 738 -63.47 2.66 -8.75
CA THR B 738 -64.36 3.81 -8.88
C THR B 738 -65.79 3.41 -9.19
N SER B 739 -66.12 2.12 -9.07
CA SER B 739 -67.47 1.63 -9.34
C SER B 739 -68.11 0.95 -8.14
N ILE B 740 -67.33 0.30 -7.29
CA ILE B 740 -67.83 -0.37 -6.09
C ILE B 740 -67.45 0.48 -4.89
N PRO B 741 -68.41 0.98 -4.10
CA PRO B 741 -68.05 1.86 -2.98
C PRO B 741 -67.19 1.14 -1.96
N GLU B 742 -66.62 1.94 -1.05
CA GLU B 742 -65.68 1.41 -0.07
C GLU B 742 -66.31 0.31 0.79
N GLU B 743 -67.61 0.40 1.05
CA GLU B 743 -68.26 -0.59 1.90
C GLU B 743 -68.20 -1.99 1.34
N ARG B 744 -67.96 -2.14 0.03
CA ARG B 744 -67.90 -3.44 -0.61
C ARG B 744 -66.52 -3.77 -1.17
N TRP B 745 -65.50 -2.96 -0.87
CA TRP B 745 -64.15 -3.27 -1.33
C TRP B 745 -63.64 -4.56 -0.70
N GLY B 746 -63.89 -4.74 0.60
CA GLY B 746 -63.51 -5.98 1.25
C GLY B 746 -64.34 -7.17 0.85
N ASN B 747 -65.52 -6.93 0.27
CA ASN B 747 -66.35 -8.03 -0.20
C ASN B 747 -65.66 -8.74 -1.37
N PRO B 748 -65.98 -10.02 -1.60
CA PRO B 748 -65.26 -10.76 -2.64
C PRO B 748 -65.38 -10.14 -4.02
N GLU B 749 -66.54 -9.56 -4.34
CA GLU B 749 -66.75 -9.03 -5.69
C GLU B 749 -65.66 -8.05 -6.06
N ALA B 750 -65.19 -7.26 -5.11
CA ALA B 750 -64.09 -6.32 -5.35
C ALA B 750 -62.74 -6.94 -5.01
N GLN B 751 -62.47 -8.12 -5.58
CA GLN B 751 -61.18 -8.76 -5.40
C GLN B 751 -60.55 -9.10 -6.75
N THR B 752 -61.37 -9.40 -7.74
CA THR B 752 -60.90 -9.77 -9.07
C THR B 752 -61.63 -8.94 -10.12
N ALA B 753 -60.89 -8.49 -11.13
CA ALA B 753 -61.46 -7.72 -12.23
C ALA B 753 -61.96 -8.64 -13.34
N ASP B 754 -62.81 -9.60 -12.96
CA ASP B 754 -63.37 -10.56 -13.92
C ASP B 754 -64.53 -9.89 -14.67
N ALA B 755 -65.30 -10.70 -15.41
CA ALA B 755 -66.44 -10.16 -16.13
C ALA B 755 -67.43 -9.49 -15.21
N SER B 756 -67.53 -9.96 -13.96
CA SER B 756 -68.44 -9.33 -13.01
C SER B 756 -68.05 -7.89 -12.75
N TYR B 757 -66.75 -7.62 -12.60
CA TYR B 757 -66.31 -6.24 -12.39
C TYR B 757 -66.65 -5.37 -13.59
N GLN B 758 -66.42 -5.87 -14.80
CA GLN B 758 -66.72 -5.09 -15.99
C GLN B 758 -68.21 -4.78 -16.08
N ALA B 759 -69.06 -5.79 -15.83
CA ALA B 759 -70.50 -5.55 -15.86
C ALA B 759 -70.92 -4.56 -14.79
N ASN B 760 -70.35 -4.67 -13.58
CA ASN B 760 -70.72 -3.76 -12.51
C ASN B 760 -70.33 -2.32 -12.83
N ASN B 761 -69.12 -2.13 -13.39
CA ASN B 761 -68.68 -0.76 -13.68
C ASN B 761 -69.43 -0.19 -14.87
N LEU B 762 -69.83 -1.03 -15.83
CA LEU B 762 -70.66 -0.54 -16.93
C LEU B 762 -72.09 -0.27 -16.47
N LEU B 763 -72.53 -0.89 -15.38
CA LEU B 763 -73.87 -0.70 -14.85
C LEU B 763 -73.90 0.31 -13.70
N SER B 764 -73.12 0.09 -12.66
CA SER B 764 -73.17 0.94 -11.48
C SER B 764 -72.60 2.32 -11.76
N SER B 765 -72.92 3.26 -10.88
CA SER B 765 -72.42 4.62 -11.00
C SER B 765 -70.92 4.67 -10.76
N VAL B 766 -70.29 5.70 -11.32
CA VAL B 766 -68.85 5.90 -11.20
C VAL B 766 -68.59 6.86 -10.05
N LEU B 767 -67.90 6.39 -9.02
CA LEU B 767 -67.60 7.21 -7.85
C LEU B 767 -66.20 7.80 -7.98
N PHE B 768 -66.05 8.67 -8.99
CA PHE B 768 -64.76 9.29 -9.25
C PHE B 768 -64.31 10.16 -8.07
N TYR B 769 -65.24 10.92 -7.48
CA TYR B 769 -64.87 11.78 -6.37
C TYR B 769 -64.38 10.97 -5.17
N GLU B 770 -65.04 9.86 -4.87
CA GLU B 770 -64.62 9.04 -3.75
C GLU B 770 -63.21 8.49 -3.96
N GLY B 771 -62.92 8.03 -5.18
CA GLY B 771 -61.58 7.55 -5.47
C GLY B 771 -60.54 8.66 -5.39
N LEU B 772 -60.88 9.85 -5.91
CA LEU B 772 -59.95 10.97 -5.85
C LEU B 772 -59.69 11.41 -4.41
N GLN B 773 -60.66 11.22 -3.52
CA GLN B 773 -60.46 11.59 -2.13
C GLN B 773 -59.29 10.82 -1.52
N LYS B 774 -59.12 9.55 -1.92
CA LYS B 774 -58.04 8.74 -1.38
C LYS B 774 -56.66 9.26 -1.76
N ILE B 775 -56.56 10.04 -2.84
CA ILE B 775 -55.25 10.52 -3.28
C ILE B 775 -54.71 11.51 -2.26
N PRO B 776 -53.41 11.48 -1.94
CA PRO B 776 -52.87 12.42 -0.95
C PRO B 776 -53.05 13.87 -1.41
N SER B 777 -52.69 14.78 -0.50
CA SER B 777 -52.84 16.20 -0.76
C SER B 777 -51.73 16.77 -1.63
N ASN B 778 -50.62 16.04 -1.81
CA ASN B 778 -49.48 16.51 -2.59
C ASN B 778 -49.01 15.43 -3.57
N ALA B 779 -49.93 14.64 -4.11
CA ALA B 779 -49.58 13.59 -5.04
C ALA B 779 -49.50 14.14 -6.46
N ILE B 780 -48.61 13.55 -7.24
CA ILE B 780 -48.44 13.93 -8.65
C ILE B 780 -49.34 13.02 -9.48
N ALA B 781 -50.41 13.58 -10.02
CA ALA B 781 -51.40 12.83 -10.78
C ALA B 781 -51.11 13.01 -12.26
N ILE B 782 -50.92 11.90 -12.97
CA ILE B 782 -50.67 11.90 -14.40
C ILE B 782 -51.95 11.43 -15.09
N GLU B 783 -52.52 12.28 -15.94
CA GLU B 783 -53.75 11.96 -16.65
C GLU B 783 -53.37 11.29 -17.97
N ILE B 784 -53.57 9.99 -18.04
CA ILE B 784 -53.22 9.21 -19.22
C ILE B 784 -54.48 9.07 -20.08
N ALA B 785 -54.47 9.69 -21.24
CA ALA B 785 -55.61 9.66 -22.14
C ALA B 785 -55.21 10.34 -23.45
N PRO B 786 -55.99 10.15 -24.52
CA PRO B 786 -55.69 10.85 -25.77
C PRO B 786 -55.70 12.36 -25.65
N ALA B 787 -56.49 12.91 -24.73
CA ALA B 787 -56.56 14.35 -24.54
C ALA B 787 -56.78 14.65 -23.07
N GLY B 788 -56.43 15.87 -22.67
CA GLY B 788 -56.53 16.29 -21.29
C GLY B 788 -57.92 16.77 -20.90
N LEU B 789 -58.84 15.84 -20.68
CA LEU B 789 -60.21 16.21 -20.37
C LEU B 789 -60.38 16.58 -18.90
N LEU B 790 -59.99 15.68 -18.00
CA LEU B 790 -60.32 15.80 -16.58
C LEU B 790 -59.36 16.70 -15.82
N GLN B 791 -58.64 17.59 -16.51
CA GLN B 791 -57.73 18.50 -15.82
C GLN B 791 -58.48 19.39 -14.84
N SER B 792 -59.57 20.03 -15.29
CA SER B 792 -60.32 20.92 -14.41
C SER B 792 -60.96 20.15 -13.27
N VAL B 793 -61.62 19.03 -13.59
CA VAL B 793 -62.30 18.24 -12.55
C VAL B 793 -61.30 17.74 -11.54
N ILE B 794 -60.18 17.18 -12.01
CA ILE B 794 -59.18 16.62 -11.11
C ILE B 794 -58.57 17.72 -10.25
N LYS B 795 -58.23 18.86 -10.87
CA LYS B 795 -57.66 19.97 -10.12
C LYS B 795 -58.60 20.43 -9.02
N LYS B 796 -59.88 20.61 -9.35
CA LYS B 796 -60.86 21.00 -8.34
C LYS B 796 -61.00 19.92 -7.27
N SER B 797 -60.79 18.65 -7.63
CA SER B 797 -60.98 17.55 -6.69
C SER B 797 -59.87 17.52 -5.65
N LEU B 798 -58.62 17.35 -6.08
CA LEU B 798 -57.53 17.15 -5.12
C LEU B 798 -57.28 18.41 -4.30
N GLY B 799 -56.88 19.49 -4.95
CA GLY B 799 -56.60 20.71 -4.23
C GLY B 799 -55.49 21.49 -4.92
N GLN B 800 -54.72 22.23 -4.10
CA GLN B 800 -53.71 23.14 -4.59
C GLN B 800 -52.29 22.58 -4.52
N ASP B 801 -52.01 21.71 -3.55
CA ASP B 801 -50.65 21.22 -3.34
C ASP B 801 -50.31 20.03 -4.23
N CYS B 802 -51.23 19.55 -5.06
CA CYS B 802 -50.99 18.42 -5.93
C CYS B 802 -50.60 18.90 -7.32
N THR B 803 -49.73 18.12 -7.98
CA THR B 803 -49.29 18.43 -9.32
C THR B 803 -50.15 17.65 -10.32
N ILE B 804 -50.61 18.36 -11.35
CA ILE B 804 -51.49 17.78 -12.37
C ILE B 804 -50.82 17.95 -13.73
N VAL B 805 -50.74 16.86 -14.49
CA VAL B 805 -50.11 16.86 -15.80
C VAL B 805 -50.95 16.01 -16.75
N ALA B 806 -51.01 16.45 -18.01
CA ALA B 806 -51.70 15.72 -19.06
C ALA B 806 -50.69 15.34 -20.14
N LEU B 807 -50.69 14.05 -20.51
CA LEU B 807 -49.72 13.56 -21.48
C LEU B 807 -50.04 13.98 -22.90
N GLN B 808 -51.26 14.41 -23.18
CA GLN B 808 -51.67 14.80 -24.53
C GLN B 808 -52.55 16.04 -24.46
N LYS B 809 -52.56 16.79 -25.57
CA LYS B 809 -53.36 17.99 -25.69
C LYS B 809 -54.20 17.90 -26.96
N ARG B 810 -55.46 18.31 -26.85
CA ARG B 810 -56.39 18.19 -27.98
C ARG B 810 -55.94 19.07 -29.14
N LYS B 811 -55.95 18.50 -30.34
CA LYS B 811 -55.67 19.24 -31.58
C LYS B 811 -54.31 19.93 -31.53
N SER B 812 -53.39 19.40 -30.73
CA SER B 812 -52.06 19.98 -30.67
C SER B 812 -51.33 19.74 -31.98
N PRO B 813 -50.47 20.68 -32.41
CA PRO B 813 -49.71 20.46 -33.65
C PRO B 813 -48.57 19.46 -33.52
N ASN B 814 -48.14 19.17 -32.29
CA ASN B 814 -47.06 18.19 -32.07
C ASN B 814 -47.28 17.59 -30.69
N ASN B 815 -47.88 16.40 -30.65
CA ASN B 815 -48.17 15.75 -29.38
C ASN B 815 -46.94 15.12 -28.74
N LEU B 816 -45.93 14.79 -29.55
CA LEU B 816 -44.69 14.24 -28.98
C LEU B 816 -44.03 15.26 -28.05
N GLU B 817 -43.98 16.52 -28.45
CA GLU B 817 -43.41 17.56 -27.60
C GLU B 817 -44.24 17.73 -26.33
N VAL B 818 -45.56 17.66 -26.44
CA VAL B 818 -46.42 17.77 -25.27
C VAL B 818 -46.15 16.63 -24.30
N PHE B 819 -46.02 15.40 -24.83
CA PHE B 819 -45.74 14.25 -23.99
C PHE B 819 -44.39 14.40 -23.29
N PHE B 820 -43.36 14.85 -24.03
CA PHE B 820 -42.05 15.03 -23.42
C PHE B 820 -42.08 16.12 -22.37
N SER B 821 -42.82 17.21 -22.62
CA SER B 821 -42.92 18.27 -21.63
C SER B 821 -43.64 17.80 -20.37
N ALA B 822 -44.70 17.00 -20.54
CA ALA B 822 -45.40 16.44 -19.39
C ALA B 822 -44.46 15.57 -18.56
N LEU B 823 -43.68 14.70 -19.23
CA LEU B 823 -42.74 13.86 -18.51
C LEU B 823 -41.66 14.69 -17.82
N GLY B 824 -41.20 15.75 -18.49
CA GLY B 824 -40.21 16.62 -17.88
C GLY B 824 -40.73 17.31 -16.63
N LYS B 825 -41.96 17.80 -16.68
CA LYS B 825 -42.56 18.39 -15.49
C LYS B 825 -42.70 17.35 -14.39
N CYS B 826 -43.16 16.15 -14.73
CA CYS B 826 -43.31 15.10 -13.72
C CYS B 826 -41.99 14.80 -13.04
N TYR B 827 -40.91 14.69 -13.83
CA TYR B 827 -39.59 14.47 -13.25
C TYR B 827 -39.16 15.65 -12.39
N SER B 828 -39.40 16.88 -12.88
CA SER B 828 -39.00 18.06 -12.13
C SER B 828 -39.69 18.12 -10.78
N HIS B 829 -40.88 17.53 -10.67
CA HIS B 829 -41.61 17.49 -9.41
C HIS B 829 -41.24 16.28 -8.56
N GLY B 830 -40.30 15.45 -9.00
CA GLY B 830 -39.71 14.44 -8.13
C GLY B 830 -40.20 13.02 -8.31
N VAL B 831 -40.30 12.56 -9.55
CA VAL B 831 -40.65 11.18 -9.85
C VAL B 831 -39.52 10.58 -10.69
N PRO B 832 -38.92 9.46 -10.28
CA PRO B 832 -37.88 8.84 -11.12
C PRO B 832 -38.44 8.31 -12.42
N MET B 833 -37.61 8.35 -13.46
CA MET B 833 -38.01 7.87 -14.77
C MET B 833 -36.75 7.62 -15.60
N ASN B 834 -36.94 6.92 -16.72
CA ASN B 834 -35.86 6.57 -17.64
C ASN B 834 -36.25 7.03 -19.04
N PRO B 835 -36.00 8.29 -19.38
CA PRO B 835 -36.34 8.77 -20.72
C PRO B 835 -35.67 7.99 -21.84
N LEU B 836 -34.51 7.38 -21.58
CA LEU B 836 -33.81 6.62 -22.62
C LEU B 836 -34.37 5.21 -22.79
N GLY B 837 -35.37 4.82 -22.00
CA GLY B 837 -35.96 3.50 -22.16
C GLY B 837 -36.83 3.35 -23.40
N LEU B 838 -37.10 4.44 -24.11
CA LEU B 838 -37.89 4.39 -25.33
C LEU B 838 -37.07 4.01 -26.55
N TYR B 839 -35.75 3.88 -26.41
CA TYR B 839 -34.85 3.57 -27.50
C TYR B 839 -33.96 2.40 -27.10
N PRO B 840 -33.33 1.73 -28.06
CA PRO B 840 -32.47 0.60 -27.73
C PRO B 840 -31.38 0.99 -26.74
N ALA B 841 -31.09 0.10 -25.80
CA ALA B 841 -30.13 0.39 -24.75
C ALA B 841 -28.74 0.63 -25.34
N VAL B 842 -28.03 1.58 -24.77
CA VAL B 842 -26.66 1.89 -25.21
C VAL B 842 -25.72 0.83 -24.65
N GLN B 843 -24.84 0.31 -25.50
CA GLN B 843 -23.89 -0.70 -25.10
C GLN B 843 -22.74 -0.07 -24.33
N PHE B 844 -22.45 -0.60 -23.13
CA PHE B 844 -21.37 -0.10 -22.30
C PHE B 844 -20.16 -1.03 -22.39
N PRO B 845 -18.93 -0.49 -22.25
CA PRO B 845 -18.58 0.92 -22.02
C PRO B 845 -18.82 1.78 -23.25
N VAL B 846 -19.09 3.08 -23.06
CA VAL B 846 -19.40 3.97 -24.16
C VAL B 846 -18.15 4.21 -25.00
N SER B 847 -18.33 4.79 -26.18
CA SER B 847 -17.21 5.08 -27.06
C SER B 847 -16.31 6.14 -26.43
N ILE B 848 -15.03 6.10 -26.80
CA ILE B 848 -14.05 7.03 -26.26
C ILE B 848 -14.30 8.47 -26.69
N ASP B 849 -15.18 8.67 -27.67
CA ASP B 849 -15.49 10.02 -28.14
C ASP B 849 -16.48 10.75 -27.26
N THR B 850 -17.06 10.08 -26.27
CA THR B 850 -18.04 10.72 -25.41
C THR B 850 -17.38 11.84 -24.61
N PRO B 851 -17.99 13.04 -24.54
CA PRO B 851 -17.38 14.12 -23.75
C PRO B 851 -17.28 13.79 -22.27
N MET B 852 -16.69 14.70 -21.50
CA MET B 852 -16.51 14.51 -20.07
C MET B 852 -17.64 15.18 -19.30
N LEU B 853 -18.19 14.46 -18.32
CA LEU B 853 -19.27 14.97 -17.49
C LEU B 853 -18.77 15.65 -16.22
N SER B 854 -17.47 15.64 -15.96
CA SER B 854 -16.95 16.20 -14.71
C SER B 854 -17.06 17.72 -14.70
N SER B 855 -16.86 18.36 -15.85
CA SER B 855 -16.86 19.82 -15.90
C SER B 855 -18.21 20.38 -15.48
N MET B 856 -19.30 19.77 -15.95
CA MET B 856 -20.63 20.28 -15.62
C MET B 856 -20.87 20.26 -14.11
N VAL B 857 -20.54 19.15 -13.47
CA VAL B 857 -20.73 19.06 -12.02
C VAL B 857 -19.79 20.01 -11.30
N SER B 858 -18.58 20.16 -11.80
CA SER B 858 -17.63 21.08 -11.16
C SER B 858 -18.14 22.50 -11.19
N GLU B 859 -18.75 22.92 -12.30
CA GLU B 859 -19.29 24.26 -12.44
C GLU B 859 -20.74 24.37 -11.99
N ALA B 860 -21.32 23.29 -11.46
CA ALA B 860 -22.71 23.25 -11.03
C ALA B 860 -22.81 22.99 -9.52
N TRP B 861 -21.91 23.59 -8.75
CA TRP B 861 -21.90 23.44 -7.31
C TRP B 861 -22.56 24.65 -6.64
N ASP B 862 -22.89 24.48 -5.36
CA ASP B 862 -23.45 25.56 -4.55
C ASP B 862 -22.31 26.13 -3.71
N HIS B 863 -21.76 27.26 -4.16
CA HIS B 863 -20.59 27.87 -3.55
C HIS B 863 -20.91 29.27 -3.04
N SER B 864 -22.10 29.45 -2.48
CA SER B 864 -22.49 30.76 -1.95
C SER B 864 -21.63 31.15 -0.76
N ALA B 865 -21.37 30.20 0.15
CA ALA B 865 -20.65 30.49 1.37
C ALA B 865 -19.14 30.43 1.15
N LYS B 866 -18.40 31.18 1.96
CA LYS B 866 -16.94 31.19 1.94
C LYS B 866 -16.43 30.72 3.30
N TRP B 867 -15.49 29.79 3.28
CA TRP B 867 -14.96 29.18 4.50
C TRP B 867 -13.54 29.70 4.76
N ARG B 868 -13.06 29.39 5.96
CA ARG B 868 -11.75 29.85 6.38
C ARG B 868 -10.65 29.23 5.53
N VAL B 869 -9.61 30.02 5.26
CA VAL B 869 -8.42 29.53 4.54
C VAL B 869 -7.20 30.00 5.32
N PRO B 870 -6.11 29.23 5.34
CA PRO B 870 -4.91 29.69 6.05
C PRO B 870 -4.43 31.04 5.50
N LEU B 871 -4.03 31.91 6.41
CA LEU B 871 -3.51 33.22 6.07
C LEU B 871 -2.01 33.27 6.29
N VAL B 872 -1.33 34.11 5.51
CA VAL B 872 0.12 34.23 5.63
C VAL B 872 0.50 34.64 7.05
N GLU B 873 -0.24 35.58 7.63
CA GLU B 873 0.12 36.12 8.94
C GLU B 873 0.11 35.06 10.02
N GLU B 874 -0.57 33.93 9.80
CA GLU B 874 -0.60 32.86 10.80
C GLU B 874 0.65 32.01 10.80
N PHE B 875 1.54 32.17 9.81
CA PHE B 875 2.76 31.39 9.73
C PHE B 875 3.97 32.11 10.31
N GLU B 876 3.77 33.30 10.89
CA GLU B 876 4.85 34.11 11.43
C GLU B 876 4.60 34.37 12.90
N TYR B 877 5.65 34.20 13.71
CA TYR B 877 5.54 34.42 15.15
C TYR B 877 6.88 34.11 15.84
#